data_8OIB
#
_entry.id   8OIB
#
_cell.length_a   51.034
_cell.length_b   156.998
_cell.length_c   88.729
_cell.angle_alpha   90.000
_cell.angle_beta   90.562
_cell.angle_gamma   90.000
#
_symmetry.space_group_name_H-M   'P 1 21 1'
#
loop_
_entity.id
_entity.type
_entity.pdbx_description
1 polymer 'Inosine-uridine preferring nucleoside hydrolase family protein'
2 non-polymer 'CALCIUM ION'
3 non-polymer GLYCEROL
4 water water
#
_entity_poly.entity_id   1
_entity_poly.type   'polypeptide(L)'
_entity_poly.pdbx_seq_one_letter_code
;MSIKCALDCDPGHDDLAMIMLAVYSPKLDVQYISTTHGNQTVNKTYQNARRTLNLIKRADKIPVYRGYSKPLTRESVACP
EIHGESGLGGVDWSEIDRTMPRNPALDILGYKDESELRPDDFFKHLHRLVSAAEDKFDIISTGSETNIAQYLLAYPEDAK
KIRMTTMAGNFMIVGNIMPFAEFNVLIDPEAISNILQSGVDYTFAAPLDITHTVLVTEKVINDIKAATEPYSPKFTEMII
KLLFFFKDTYRDVFGFIDPPLHDPVAAFHLIAPEWFEHVRCHVDIETKGEYTYGCCCTNLILKKKDPTKIVKPDNATVCL
KLKEGGHDAFWNQMITVWGEIAKEIGK
;
_entity_poly.pdbx_strand_id   A,B,C,D
#
loop_
_chem_comp.id
_chem_comp.type
_chem_comp.name
_chem_comp.formula
CA non-polymer 'CALCIUM ION' 'Ca 2'
GOL non-polymer GLYCEROL 'C3 H8 O3'
#
# COMPACT_ATOMS: atom_id res chain seq x y z
N SER A 2 -25.07 -20.48 -34.02
CA SER A 2 -24.98 -19.04 -33.67
C SER A 2 -24.76 -18.89 -32.16
N ILE A 3 -23.87 -17.97 -31.76
CA ILE A 3 -23.39 -17.90 -30.39
C ILE A 3 -24.20 -16.88 -29.59
N LYS A 4 -24.88 -17.35 -28.54
CA LYS A 4 -25.55 -16.46 -27.61
C LYS A 4 -24.51 -15.69 -26.79
N CYS A 5 -24.70 -14.38 -26.65
CA CYS A 5 -23.79 -13.56 -25.89
C CYS A 5 -24.47 -12.33 -25.31
N ALA A 6 -23.76 -11.64 -24.41
CA ALA A 6 -24.20 -10.36 -23.87
C ALA A 6 -23.05 -9.37 -24.00
N LEU A 7 -23.39 -8.09 -24.14
CA LEU A 7 -22.41 -7.02 -24.27
C LEU A 7 -22.44 -6.15 -23.03
N ASP A 8 -21.27 -5.86 -22.47
CA ASP A 8 -21.09 -4.92 -21.37
C ASP A 8 -20.19 -3.80 -21.89
N CYS A 9 -20.64 -2.54 -21.81
CA CYS A 9 -19.89 -1.48 -22.49
C CYS A 9 -20.27 -0.10 -21.95
N ASP A 10 -19.50 0.90 -22.41
CA ASP A 10 -19.60 2.29 -21.95
C ASP A 10 -19.59 3.24 -23.14
N PRO A 11 -20.55 3.13 -24.09
CA PRO A 11 -20.50 3.93 -25.33
C PRO A 11 -20.45 5.44 -25.12
N GLY A 12 -19.46 6.15 -25.72
CA GLY A 12 -18.25 5.61 -26.31
C GLY A 12 -18.39 5.29 -27.80
N HIS A 13 -17.52 5.88 -28.64
CA HIS A 13 -17.55 5.72 -30.09
C HIS A 13 -17.13 4.32 -30.53
N ASP A 14 -16.09 3.79 -29.87
CA ASP A 14 -15.65 2.43 -30.09
C ASP A 14 -16.77 1.45 -29.74
N ASP A 15 -17.44 1.71 -28.60
CA ASP A 15 -18.43 0.78 -28.06
C ASP A 15 -19.60 0.71 -29.07
N LEU A 16 -19.97 1.87 -29.61
CA LEU A 16 -20.99 1.97 -30.65
C LEU A 16 -20.64 1.09 -31.85
N ALA A 17 -19.39 1.17 -32.33
CA ALA A 17 -18.96 0.34 -33.45
C ALA A 17 -19.09 -1.13 -33.07
N MET A 18 -18.75 -1.46 -31.80
CA MET A 18 -18.74 -2.85 -31.35
C MET A 18 -20.18 -3.39 -31.29
N ILE A 19 -21.13 -2.55 -30.89
CA ILE A 19 -22.52 -2.96 -30.80
C ILE A 19 -23.05 -3.26 -32.20
N MET A 20 -22.71 -2.42 -33.18
CA MET A 20 -23.09 -2.63 -34.57
C MET A 20 -22.59 -3.98 -35.08
N LEU A 21 -21.31 -4.28 -34.87
CA LEU A 21 -20.72 -5.52 -35.34
C LEU A 21 -21.40 -6.71 -34.68
N ALA A 22 -21.68 -6.62 -33.38
CA ALA A 22 -22.14 -7.77 -32.61
C ALA A 22 -23.61 -8.07 -32.92
N VAL A 23 -24.42 -7.01 -33.02
CA VAL A 23 -25.84 -7.16 -33.25
C VAL A 23 -26.12 -7.64 -34.67
N TYR A 24 -25.37 -7.17 -35.67
CA TYR A 24 -25.63 -7.51 -37.06
C TYR A 24 -24.81 -8.71 -37.53
N SER A 25 -23.81 -9.14 -36.79
CA SER A 25 -23.06 -10.31 -37.19
C SER A 25 -23.96 -11.54 -37.10
N PRO A 26 -24.08 -12.35 -38.18
CA PRO A 26 -24.88 -13.59 -38.13
C PRO A 26 -24.34 -14.63 -37.16
N LYS A 27 -23.05 -14.56 -36.82
CA LYS A 27 -22.41 -15.54 -35.96
C LYS A 27 -22.85 -15.34 -34.49
N LEU A 28 -23.33 -14.13 -34.14
CA LEU A 28 -23.65 -13.79 -32.75
C LEU A 28 -25.15 -13.60 -32.58
N ASP A 29 -25.63 -13.88 -31.36
CA ASP A 29 -27.01 -13.65 -30.97
C ASP A 29 -27.03 -12.86 -29.65
N VAL A 30 -27.07 -11.52 -29.75
CA VAL A 30 -26.97 -10.66 -28.58
C VAL A 30 -28.25 -10.75 -27.74
N GLN A 31 -28.12 -11.21 -26.49
CA GLN A 31 -29.24 -11.38 -25.57
C GLN A 31 -29.60 -10.08 -24.88
N TYR A 32 -28.58 -9.31 -24.51
CA TYR A 32 -28.82 -8.03 -23.85
C TYR A 32 -27.56 -7.18 -23.90
N ILE A 33 -27.74 -5.90 -23.59
CA ILE A 33 -26.65 -4.98 -23.38
C ILE A 33 -26.81 -4.40 -21.97
N SER A 34 -25.73 -4.47 -21.18
CA SER A 34 -25.62 -3.75 -19.92
C SER A 34 -24.59 -2.63 -20.09
N THR A 35 -24.88 -1.44 -19.55
CA THR A 35 -23.95 -0.35 -19.64
C THR A 35 -23.31 -0.13 -18.28
N THR A 36 -22.12 0.50 -18.32
CA THR A 36 -21.33 0.70 -17.12
C THR A 36 -20.82 2.15 -17.12
N HIS A 37 -20.33 2.57 -15.96
CA HIS A 37 -19.62 3.83 -15.85
C HIS A 37 -18.33 3.72 -16.68
N GLY A 38 -17.82 4.86 -17.11
CA GLY A 38 -16.48 4.89 -17.66
C GLY A 38 -16.25 6.19 -18.41
N ASN A 39 -16.32 6.08 -19.75
CA ASN A 39 -16.29 7.23 -20.63
C ASN A 39 -17.16 8.33 -20.03
N GLN A 40 -18.42 7.98 -19.73
CA GLN A 40 -19.37 8.92 -19.15
C GLN A 40 -20.04 8.27 -17.94
N THR A 41 -20.95 9.00 -17.29
CA THR A 41 -21.82 8.40 -16.28
C THR A 41 -22.63 7.27 -16.91
N VAL A 42 -23.00 6.29 -16.09
CA VAL A 42 -23.67 5.09 -16.58
C VAL A 42 -25.03 5.45 -17.17
N ASN A 43 -25.60 6.58 -16.74
CA ASN A 43 -26.89 6.99 -17.28
C ASN A 43 -26.69 7.45 -18.72
N LYS A 44 -25.57 8.13 -18.99
CA LYS A 44 -25.26 8.56 -20.34
C LYS A 44 -24.90 7.37 -21.24
N THR A 45 -24.17 6.38 -20.71
CA THR A 45 -23.78 5.24 -21.55
C THR A 45 -25.00 4.37 -21.84
N TYR A 46 -25.96 4.34 -20.92
CA TYR A 46 -27.24 3.69 -21.14
C TYR A 46 -27.93 4.35 -22.34
N GLN A 47 -28.11 5.67 -22.26
CA GLN A 47 -28.68 6.45 -23.34
C GLN A 47 -27.95 6.18 -24.65
N ASN A 48 -26.61 6.14 -24.62
CA ASN A 48 -25.83 6.00 -25.84
C ASN A 48 -25.97 4.60 -26.45
N ALA A 49 -26.15 3.58 -25.59
CA ALA A 49 -26.38 2.23 -26.07
C ALA A 49 -27.71 2.18 -26.82
N ARG A 50 -28.73 2.85 -26.26
CA ARG A 50 -30.08 2.86 -26.81
C ARG A 50 -30.07 3.59 -28.14
N ARG A 51 -29.39 4.72 -28.18
CA ARG A 51 -29.22 5.49 -29.41
C ARG A 51 -28.59 4.61 -30.50
N THR A 52 -27.52 3.90 -30.17
CA THR A 52 -26.87 3.05 -31.14
C THR A 52 -27.89 2.07 -31.70
N LEU A 53 -28.62 1.39 -30.81
CA LEU A 53 -29.60 0.39 -31.21
C LEU A 53 -30.69 0.99 -32.10
N ASN A 54 -31.15 2.21 -31.77
CA ASN A 54 -32.23 2.84 -32.50
C ASN A 54 -31.74 3.23 -33.90
N LEU A 55 -30.51 3.75 -33.97
CA LEU A 55 -29.90 4.08 -35.26
C LEU A 55 -29.93 2.86 -36.18
N ILE A 56 -29.59 1.69 -35.64
CA ILE A 56 -29.52 0.49 -36.44
C ILE A 56 -30.83 -0.30 -36.37
N LYS A 57 -31.91 0.35 -35.90
CA LYS A 57 -33.25 -0.20 -35.95
C LYS A 57 -33.31 -1.52 -35.17
N ARG A 58 -32.87 -1.48 -33.91
CA ARG A 58 -32.90 -2.66 -33.04
C ARG A 58 -33.27 -2.30 -31.60
N ALA A 59 -33.66 -1.05 -31.35
CA ALA A 59 -33.89 -0.57 -29.99
C ALA A 59 -35.15 -1.20 -29.41
N ASP A 60 -35.94 -1.85 -30.26
CA ASP A 60 -37.16 -2.51 -29.83
C ASP A 60 -36.92 -4.01 -29.67
N LYS A 61 -35.72 -4.50 -30.01
CA LYS A 61 -35.44 -5.93 -29.98
C LYS A 61 -34.54 -6.29 -28.80
N ILE A 62 -33.46 -5.53 -28.59
CA ILE A 62 -32.44 -5.89 -27.63
C ILE A 62 -32.70 -5.15 -26.32
N PRO A 63 -32.87 -5.85 -25.17
CA PRO A 63 -32.97 -5.18 -23.89
C PRO A 63 -31.62 -4.54 -23.49
N VAL A 64 -31.72 -3.36 -22.85
CA VAL A 64 -30.57 -2.62 -22.40
C VAL A 64 -30.74 -2.34 -20.92
N TYR A 65 -29.77 -2.80 -20.14
CA TYR A 65 -29.76 -2.59 -18.71
C TYR A 65 -28.80 -1.47 -18.35
N ARG A 66 -29.13 -0.73 -17.27
CA ARG A 66 -28.26 0.32 -16.79
C ARG A 66 -27.61 -0.16 -15.49
N GLY A 67 -26.29 -0.36 -15.57
CA GLY A 67 -25.57 -1.01 -14.48
C GLY A 67 -25.06 -0.01 -13.44
N TYR A 68 -23.94 -0.36 -12.82
CA TYR A 68 -23.43 0.33 -11.65
C TYR A 68 -22.79 1.66 -12.07
N SER A 69 -22.91 2.65 -11.19
CA SER A 69 -22.51 4.01 -11.50
C SER A 69 -21.08 4.30 -11.03
N LYS A 70 -20.47 3.42 -10.26
CA LYS A 70 -19.12 3.70 -9.80
C LYS A 70 -18.37 2.40 -9.55
N PRO A 71 -17.03 2.43 -9.48
CA PRO A 71 -16.25 1.25 -9.15
C PRO A 71 -16.56 0.68 -7.77
N LEU A 72 -16.07 -0.54 -7.52
CA LEU A 72 -16.27 -1.19 -6.23
C LEU A 72 -15.78 -0.32 -5.08
N THR A 73 -14.52 0.16 -5.15
CA THR A 73 -13.89 0.80 -3.99
C THR A 73 -13.16 2.09 -4.37
N ARG A 74 -13.49 2.69 -5.52
CA ARG A 74 -12.83 3.89 -5.98
C ARG A 74 -13.86 4.86 -6.53
N GLU A 75 -13.41 6.10 -6.77
CA GLU A 75 -14.25 7.16 -7.31
C GLU A 75 -14.32 7.01 -8.82
N SER A 76 -15.47 7.39 -9.41
CA SER A 76 -15.65 7.42 -10.85
C SER A 76 -14.67 8.42 -11.49
N VAL A 77 -14.36 8.17 -12.76
CA VAL A 77 -13.48 9.01 -13.56
C VAL A 77 -13.94 8.94 -15.01
N ALA A 78 -14.56 10.02 -15.51
CA ALA A 78 -15.08 10.03 -16.88
C ALA A 78 -13.93 10.22 -17.88
N CYS A 79 -14.16 9.84 -19.15
CA CYS A 79 -13.23 10.13 -20.24
C CYS A 79 -13.92 11.02 -21.28
N PRO A 80 -14.25 12.30 -20.94
CA PRO A 80 -14.86 13.22 -21.90
C PRO A 80 -13.92 13.84 -22.94
N GLU A 81 -12.60 13.62 -22.79
CA GLU A 81 -11.61 14.23 -23.66
C GLU A 81 -11.41 13.41 -24.95
N ILE A 82 -11.88 12.15 -24.96
CA ILE A 82 -11.91 11.33 -26.16
C ILE A 82 -13.33 11.31 -26.75
N HIS A 83 -14.36 11.41 -25.88
CA HIS A 83 -15.72 11.05 -26.26
C HIS A 83 -16.73 12.21 -26.20
N GLY A 84 -16.34 13.35 -25.59
CA GLY A 84 -17.24 14.49 -25.47
C GLY A 84 -18.07 14.44 -24.19
N GLU A 85 -18.94 15.45 -24.02
CA GLU A 85 -19.80 15.55 -22.84
C GLU A 85 -20.87 14.47 -22.86
N SER A 86 -21.44 14.22 -24.06
CA SER A 86 -22.53 13.28 -24.24
C SER A 86 -22.02 11.83 -24.18
N GLY A 87 -20.73 11.63 -24.47
CA GLY A 87 -20.16 10.30 -24.62
C GLY A 87 -20.17 9.84 -26.07
N LEU A 88 -20.97 10.50 -26.93
CA LEU A 88 -21.06 10.22 -28.36
C LEU A 88 -21.10 11.51 -29.16
N GLY A 89 -20.05 12.32 -29.02
CA GLY A 89 -19.98 13.61 -29.70
C GLY A 89 -19.85 13.43 -31.21
N GLY A 90 -20.09 14.51 -31.95
CA GLY A 90 -19.87 14.54 -33.39
C GLY A 90 -21.17 14.55 -34.20
N VAL A 91 -22.31 14.16 -33.59
CA VAL A 91 -23.57 14.10 -34.32
C VAL A 91 -24.72 14.65 -33.46
N ASP A 92 -25.82 15.03 -34.10
CA ASP A 92 -27.03 15.47 -33.42
C ASP A 92 -27.97 14.27 -33.28
N TRP A 93 -28.26 13.89 -32.02
CA TRP A 93 -29.04 12.70 -31.72
C TRP A 93 -30.53 12.99 -31.53
N SER A 94 -30.96 14.24 -31.74
CA SER A 94 -32.26 14.70 -31.25
C SER A 94 -33.40 13.92 -31.90
N GLU A 95 -33.22 13.53 -33.17
CA GLU A 95 -34.22 12.75 -33.87
C GLU A 95 -34.22 11.31 -33.39
N ILE A 96 -33.02 10.72 -33.29
CA ILE A 96 -32.85 9.35 -32.84
C ILE A 96 -33.47 9.18 -31.46
N ASP A 97 -33.36 10.22 -30.62
CA ASP A 97 -33.93 10.22 -29.28
C ASP A 97 -35.45 10.32 -29.34
N ARG A 98 -35.98 11.31 -30.07
CA ARG A 98 -37.41 11.55 -30.15
C ARG A 98 -38.16 10.28 -30.60
N THR A 99 -37.57 9.52 -31.55
CA THR A 99 -38.26 8.38 -32.15
C THR A 99 -37.88 7.05 -31.49
N MET A 100 -37.64 7.06 -30.18
CA MET A 100 -36.97 5.96 -29.49
C MET A 100 -38.03 5.00 -28.94
N PRO A 101 -38.04 3.71 -29.34
CA PRO A 101 -39.00 2.75 -28.78
C PRO A 101 -38.73 2.47 -27.31
N ARG A 102 -39.75 1.96 -26.63
CA ARG A 102 -39.64 1.51 -25.26
C ARG A 102 -38.60 0.38 -25.18
N ASN A 103 -37.88 0.35 -24.07
CA ASN A 103 -36.80 -0.60 -23.84
C ASN A 103 -37.40 -1.94 -23.43
N PRO A 104 -37.17 -3.01 -24.23
CA PRO A 104 -37.62 -4.36 -23.88
C PRO A 104 -37.28 -4.87 -22.48
N ALA A 105 -36.28 -4.26 -21.84
CA ALA A 105 -35.87 -4.66 -20.51
C ALA A 105 -36.98 -4.32 -19.50
N LEU A 106 -37.65 -3.19 -19.73
CA LEU A 106 -38.76 -2.77 -18.89
C LEU A 106 -39.86 -3.85 -18.86
N ASP A 107 -40.05 -4.56 -19.99
CA ASP A 107 -41.04 -5.62 -20.10
C ASP A 107 -40.62 -6.86 -19.33
N ILE A 108 -39.36 -7.27 -19.50
CA ILE A 108 -38.79 -8.38 -18.76
C ILE A 108 -38.95 -8.11 -17.25
N LEU A 109 -38.71 -6.86 -16.83
CA LEU A 109 -38.65 -6.48 -15.42
C LEU A 109 -40.04 -6.14 -14.87
N GLY A 110 -40.99 -5.83 -15.76
CA GLY A 110 -42.32 -5.44 -15.31
C GLY A 110 -42.33 -4.03 -14.73
N TYR A 111 -41.56 -3.14 -15.35
CA TYR A 111 -41.40 -1.78 -14.86
C TYR A 111 -42.26 -0.85 -15.69
N LYS A 112 -42.87 0.14 -15.04
CA LYS A 112 -43.66 1.15 -15.72
C LYS A 112 -42.74 1.95 -16.64
N ASP A 113 -41.62 2.47 -16.12
CA ASP A 113 -40.76 3.36 -16.91
C ASP A 113 -39.29 3.23 -16.50
N GLU A 114 -38.43 3.99 -17.18
CA GLU A 114 -36.99 3.84 -17.08
C GLU A 114 -36.47 4.27 -15.71
N SER A 115 -37.22 5.16 -15.01
CA SER A 115 -36.81 5.66 -13.72
C SER A 115 -36.67 4.55 -12.68
N GLU A 116 -37.17 3.34 -13.00
CA GLU A 116 -37.13 2.23 -12.07
C GLU A 116 -35.93 1.32 -12.32
N LEU A 117 -35.18 1.56 -13.41
CA LEU A 117 -33.99 0.77 -13.70
C LEU A 117 -33.03 0.83 -12.53
N ARG A 118 -32.51 -0.34 -12.15
CA ARG A 118 -31.58 -0.48 -11.03
C ARG A 118 -30.37 -1.28 -11.49
N PRO A 119 -29.16 -0.96 -10.96
CA PRO A 119 -27.92 -1.57 -11.41
C PRO A 119 -27.88 -3.09 -11.47
N ASP A 120 -28.55 -3.78 -10.54
CA ASP A 120 -28.51 -5.23 -10.47
C ASP A 120 -29.65 -5.88 -11.26
N ASP A 121 -30.46 -5.11 -12.00
CA ASP A 121 -31.56 -5.66 -12.77
C ASP A 121 -31.12 -6.83 -13.67
N PHE A 122 -29.92 -6.75 -14.28
CA PHE A 122 -29.52 -7.71 -15.32
C PHE A 122 -29.19 -9.06 -14.69
N PHE A 123 -29.01 -9.10 -13.39
CA PHE A 123 -28.49 -10.30 -12.74
C PHE A 123 -29.31 -11.54 -13.12
N LYS A 124 -30.63 -11.49 -12.89
CA LYS A 124 -31.46 -12.69 -13.05
C LYS A 124 -31.48 -13.12 -14.52
N HIS A 125 -31.45 -12.14 -15.43
CA HIS A 125 -31.39 -12.40 -16.85
C HIS A 125 -30.12 -13.20 -17.15
N LEU A 126 -28.98 -12.70 -16.69
CA LEU A 126 -27.71 -13.33 -16.98
C LEU A 126 -27.65 -14.73 -16.35
N HIS A 127 -28.20 -14.89 -15.14
CA HIS A 127 -28.15 -16.17 -14.46
C HIS A 127 -28.91 -17.24 -15.24
N ARG A 128 -30.06 -16.87 -15.84
CA ARG A 128 -30.80 -17.79 -16.69
C ARG A 128 -29.96 -18.20 -17.90
N LEU A 129 -29.32 -17.23 -18.56
CA LEU A 129 -28.44 -17.52 -19.69
C LEU A 129 -27.31 -18.44 -19.27
N VAL A 130 -26.69 -18.17 -18.12
CA VAL A 130 -25.55 -18.95 -17.64
C VAL A 130 -26.02 -20.38 -17.36
N SER A 131 -27.17 -20.53 -16.71
CA SER A 131 -27.73 -21.85 -16.42
C SER A 131 -28.02 -22.61 -17.71
N ALA A 132 -28.57 -21.93 -18.72
CA ALA A 132 -28.99 -22.57 -19.96
C ALA A 132 -27.79 -22.97 -20.83
N ALA A 133 -26.63 -22.32 -20.66
CA ALA A 133 -25.49 -22.59 -21.51
C ALA A 133 -25.07 -24.06 -21.39
N GLU A 134 -24.68 -24.64 -22.53
CA GLU A 134 -24.19 -26.00 -22.64
C GLU A 134 -22.83 -26.14 -21.96
N ASP A 135 -21.95 -25.14 -22.17
CA ASP A 135 -20.60 -25.15 -21.65
C ASP A 135 -20.43 -23.87 -20.83
N LYS A 136 -20.33 -22.73 -21.51
CA LYS A 136 -20.18 -21.44 -20.85
C LYS A 136 -20.94 -20.37 -21.62
N PHE A 137 -21.38 -19.33 -20.91
CA PHE A 137 -22.05 -18.22 -21.56
C PHE A 137 -21.05 -17.12 -21.86
N ASP A 138 -21.19 -16.51 -23.04
CA ASP A 138 -20.21 -15.58 -23.57
C ASP A 138 -20.58 -14.13 -23.28
N ILE A 139 -19.70 -13.40 -22.59
CA ILE A 139 -19.86 -11.98 -22.36
C ILE A 139 -18.73 -11.24 -23.07
N ILE A 140 -19.09 -10.19 -23.82
CA ILE A 140 -18.13 -9.27 -24.41
C ILE A 140 -18.16 -8.00 -23.59
N SER A 141 -16.98 -7.64 -23.06
CA SER A 141 -16.85 -6.53 -22.14
C SER A 141 -15.87 -5.53 -22.75
N THR A 142 -16.28 -4.26 -22.89
CA THR A 142 -15.43 -3.26 -23.49
C THR A 142 -15.47 -1.95 -22.71
N GLY A 143 -15.90 -2.01 -21.44
CA GLY A 143 -15.79 -0.90 -20.50
C GLY A 143 -15.15 -1.35 -19.19
N SER A 144 -15.48 -0.66 -18.08
CA SER A 144 -15.10 -1.15 -16.77
C SER A 144 -15.82 -2.46 -16.51
N GLU A 145 -15.24 -3.33 -15.68
CA GLU A 145 -15.81 -4.65 -15.48
C GLU A 145 -16.51 -4.72 -14.13
N THR A 146 -16.96 -3.55 -13.65
CA THR A 146 -17.66 -3.42 -12.38
C THR A 146 -18.91 -4.30 -12.39
N ASN A 147 -19.73 -4.20 -13.44
CA ASN A 147 -20.99 -4.93 -13.50
C ASN A 147 -20.75 -6.44 -13.31
N ILE A 148 -19.75 -6.98 -13.99
CA ILE A 148 -19.53 -8.42 -13.96
C ILE A 148 -19.01 -8.82 -12.58
N ALA A 149 -18.18 -7.95 -11.99
CA ALA A 149 -17.66 -8.22 -10.66
C ALA A 149 -18.81 -8.19 -9.64
N GLN A 150 -19.71 -7.20 -9.78
CA GLN A 150 -20.88 -7.12 -8.93
C GLN A 150 -21.72 -8.38 -9.06
N TYR A 151 -21.87 -8.87 -10.30
CA TYR A 151 -22.64 -10.06 -10.57
C TYR A 151 -22.03 -11.26 -9.86
N LEU A 152 -20.71 -11.41 -9.93
CA LEU A 152 -20.04 -12.58 -9.38
C LEU A 152 -19.95 -12.50 -7.85
N LEU A 153 -20.09 -11.32 -7.26
CA LEU A 153 -20.26 -11.23 -5.83
C LEU A 153 -21.64 -11.75 -5.42
N ALA A 154 -22.62 -11.60 -6.32
CA ALA A 154 -23.97 -12.07 -6.04
C ALA A 154 -24.13 -13.54 -6.42
N TYR A 155 -23.52 -13.96 -7.55
CA TYR A 155 -23.68 -15.32 -8.07
C TYR A 155 -22.31 -15.95 -8.26
N PRO A 156 -21.53 -16.16 -7.19
CA PRO A 156 -20.16 -16.64 -7.33
C PRO A 156 -20.03 -18.01 -8.00
N GLU A 157 -21.09 -18.82 -7.90
CA GLU A 157 -21.08 -20.18 -8.44
C GLU A 157 -21.22 -20.16 -9.97
N ASP A 158 -21.57 -19.00 -10.56
CA ASP A 158 -21.73 -18.86 -12.00
C ASP A 158 -20.41 -18.56 -12.71
N ALA A 159 -19.34 -18.28 -11.95
CA ALA A 159 -18.07 -17.87 -12.55
C ALA A 159 -17.54 -18.94 -13.51
N LYS A 160 -17.57 -20.20 -13.07
CA LYS A 160 -17.05 -21.31 -13.83
C LYS A 160 -17.81 -21.53 -15.13
N LYS A 161 -19.00 -20.93 -15.31
CA LYS A 161 -19.77 -21.11 -16.53
C LYS A 161 -19.79 -19.84 -17.39
N ILE A 162 -18.89 -18.89 -17.11
CA ILE A 162 -18.84 -17.66 -17.88
C ILE A 162 -17.52 -17.60 -18.66
N ARG A 163 -17.62 -17.14 -19.90
CA ARG A 163 -16.46 -16.90 -20.75
C ARG A 163 -16.51 -15.42 -21.12
N MET A 164 -15.44 -14.69 -20.79
CA MET A 164 -15.37 -13.26 -21.04
C MET A 164 -14.34 -12.98 -22.13
N THR A 165 -14.74 -12.11 -23.07
CA THR A 165 -13.91 -11.65 -24.15
C THR A 165 -13.86 -10.14 -24.05
N THR A 166 -12.69 -9.58 -23.76
CA THR A 166 -12.63 -8.21 -23.29
C THR A 166 -11.70 -7.37 -24.17
N MET A 167 -12.06 -6.09 -24.32
CA MET A 167 -11.09 -5.08 -24.68
C MET A 167 -10.61 -4.44 -23.39
N ALA A 168 -9.38 -4.78 -23.00
CA ALA A 168 -8.77 -4.30 -21.78
C ALA A 168 -7.26 -4.52 -21.83
N GLY A 169 -6.54 -3.63 -21.18
CA GLY A 169 -5.17 -3.89 -20.81
C GLY A 169 -4.17 -3.52 -21.89
N ASN A 170 -2.90 -3.63 -21.49
CA ASN A 170 -1.73 -3.44 -22.33
C ASN A 170 -0.66 -4.31 -21.68
N PHE A 171 0.12 -5.00 -22.51
CA PHE A 171 1.05 -5.99 -22.00
C PHE A 171 2.47 -5.64 -22.41
N MET A 172 2.71 -5.58 -23.72
CA MET A 172 4.03 -5.38 -24.28
C MET A 172 4.19 -3.94 -24.77
N ILE A 173 3.18 -3.10 -24.59
CA ILE A 173 3.32 -1.67 -24.81
C ILE A 173 2.74 -0.94 -23.60
N VAL A 174 2.99 0.37 -23.55
CA VAL A 174 2.59 1.19 -22.41
C VAL A 174 1.12 1.56 -22.54
N GLY A 175 0.60 2.31 -21.56
CA GLY A 175 -0.82 2.53 -21.42
C GLY A 175 -1.31 3.72 -22.24
N ASN A 176 -2.54 4.17 -22.00
CA ASN A 176 -3.06 5.35 -22.65
C ASN A 176 -3.30 6.44 -21.61
N ILE A 177 -4.26 6.22 -20.71
CA ILE A 177 -4.70 7.27 -19.81
C ILE A 177 -3.75 7.40 -18.62
N MET A 178 -3.01 6.32 -18.33
CA MET A 178 -1.89 6.41 -17.42
C MET A 178 -0.69 5.74 -18.07
N PRO A 179 0.55 6.02 -17.59
CA PRO A 179 1.75 5.55 -18.25
C PRO A 179 1.79 4.06 -18.62
N PHE A 180 1.34 3.17 -17.72
CA PHE A 180 1.52 1.74 -17.93
C PHE A 180 0.19 0.99 -17.83
N ALA A 181 -0.94 1.71 -17.90
CA ALA A 181 -2.22 1.04 -17.76
C ALA A 181 -3.26 1.65 -18.71
N GLU A 182 -4.25 0.82 -19.00
CA GLU A 182 -5.27 1.11 -19.98
C GLU A 182 -6.54 1.53 -19.23
N PHE A 183 -7.33 2.42 -19.84
CA PHE A 183 -8.49 3.03 -19.22
C PHE A 183 -9.41 2.04 -18.51
N ASN A 184 -9.86 0.99 -19.23
CA ASN A 184 -10.87 0.07 -18.74
C ASN A 184 -10.45 -0.66 -17.47
N VAL A 185 -9.16 -0.96 -17.35
CA VAL A 185 -8.66 -1.64 -16.17
C VAL A 185 -8.51 -0.63 -15.05
N LEU A 186 -7.95 0.55 -15.33
CA LEU A 186 -7.53 1.42 -14.25
C LEU A 186 -8.73 2.12 -13.60
N ILE A 187 -9.89 2.15 -14.27
CA ILE A 187 -11.07 2.71 -13.62
C ILE A 187 -11.67 1.75 -12.60
N ASP A 188 -11.45 0.43 -12.73
CA ASP A 188 -11.86 -0.48 -11.66
C ASP A 188 -10.96 -1.69 -11.64
N PRO A 189 -9.73 -1.54 -11.12
CA PRO A 189 -8.76 -2.62 -11.10
C PRO A 189 -9.20 -3.77 -10.21
N GLU A 190 -9.85 -3.44 -9.08
CA GLU A 190 -10.34 -4.44 -8.15
C GLU A 190 -11.37 -5.34 -8.84
N ALA A 191 -12.19 -4.77 -9.75
CA ALA A 191 -13.20 -5.55 -10.44
C ALA A 191 -12.53 -6.66 -11.24
N ILE A 192 -11.55 -6.29 -12.07
CA ILE A 192 -10.94 -7.25 -12.96
C ILE A 192 -10.14 -8.25 -12.13
N SER A 193 -9.55 -7.77 -11.05
CA SER A 193 -8.77 -8.63 -10.17
C SER A 193 -9.67 -9.71 -9.56
N ASN A 194 -10.88 -9.32 -9.12
CA ASN A 194 -11.86 -10.27 -8.61
C ASN A 194 -12.22 -11.29 -9.70
N ILE A 195 -12.44 -10.80 -10.93
CA ILE A 195 -12.85 -11.68 -12.01
C ILE A 195 -11.78 -12.74 -12.29
N LEU A 196 -10.51 -12.32 -12.35
CA LEU A 196 -9.42 -13.22 -12.67
C LEU A 196 -9.21 -14.24 -11.55
N GLN A 197 -9.70 -13.97 -10.36
CA GLN A 197 -9.60 -14.92 -9.27
C GLN A 197 -10.87 -15.78 -9.16
N SER A 198 -11.91 -15.47 -9.93
CA SER A 198 -13.23 -16.02 -9.67
C SER A 198 -13.39 -17.44 -10.25
N GLY A 199 -12.58 -17.80 -11.26
CA GLY A 199 -12.81 -19.00 -12.04
C GLY A 199 -13.37 -18.73 -13.43
N VAL A 200 -13.61 -17.47 -13.79
CA VAL A 200 -14.06 -17.10 -15.13
C VAL A 200 -13.01 -17.51 -16.17
N ASP A 201 -13.47 -17.96 -17.34
CA ASP A 201 -12.61 -18.14 -18.51
C ASP A 201 -12.46 -16.78 -19.19
N TYR A 202 -11.31 -16.14 -18.99
CA TYR A 202 -11.10 -14.73 -19.30
C TYR A 202 -10.09 -14.60 -20.43
N THR A 203 -10.47 -13.84 -21.45
CA THR A 203 -9.56 -13.58 -22.56
C THR A 203 -9.40 -12.09 -22.76
N PHE A 204 -8.13 -11.64 -22.69
CA PHE A 204 -7.75 -10.34 -23.17
C PHE A 204 -7.62 -10.41 -24.69
N ALA A 205 -8.76 -10.22 -25.36
CA ALA A 205 -8.88 -10.42 -26.79
C ALA A 205 -8.32 -9.23 -27.55
N ALA A 206 -8.37 -8.05 -26.94
CA ALA A 206 -8.05 -6.81 -27.63
C ALA A 206 -7.37 -5.83 -26.70
N PRO A 207 -6.15 -6.13 -26.20
CA PRO A 207 -5.36 -5.12 -25.49
C PRO A 207 -4.92 -4.03 -26.46
N LEU A 208 -4.29 -2.98 -25.92
CA LEU A 208 -3.75 -1.93 -26.77
C LEU A 208 -2.73 -2.53 -27.74
N ASP A 209 -2.08 -3.64 -27.34
CA ASP A 209 -1.09 -4.31 -28.17
C ASP A 209 -1.67 -4.55 -29.56
N ILE A 210 -2.94 -4.96 -29.64
CA ILE A 210 -3.59 -5.21 -30.92
C ILE A 210 -4.24 -3.93 -31.44
N THR A 211 -5.06 -3.29 -30.60
CA THR A 211 -5.96 -2.27 -31.09
C THR A 211 -5.21 -1.04 -31.61
N HIS A 212 -3.97 -0.81 -31.15
CA HIS A 212 -3.21 0.34 -31.63
C HIS A 212 -2.73 0.12 -33.06
N THR A 213 -2.87 -1.11 -33.57
CA THR A 213 -2.54 -1.44 -34.95
C THR A 213 -3.79 -1.47 -35.82
N VAL A 214 -4.97 -1.10 -35.28
CA VAL A 214 -6.23 -1.21 -35.98
C VAL A 214 -6.82 0.21 -36.13
N LEU A 215 -6.30 0.91 -37.14
CA LEU A 215 -6.47 2.34 -37.26
C LEU A 215 -7.49 2.64 -38.36
N VAL A 216 -8.27 3.69 -38.12
CA VAL A 216 -9.22 4.17 -39.11
C VAL A 216 -8.47 5.06 -40.09
N THR A 217 -7.84 4.43 -41.09
CA THR A 217 -7.09 5.11 -42.15
C THR A 217 -8.05 5.72 -43.18
N GLU A 218 -7.48 6.40 -44.19
CA GLU A 218 -8.23 6.96 -45.30
C GLU A 218 -8.82 5.85 -46.17
N LYS A 219 -8.09 4.74 -46.33
CA LYS A 219 -8.56 3.60 -47.12
C LYS A 219 -9.81 3.03 -46.48
N VAL A 220 -9.81 2.94 -45.15
CA VAL A 220 -10.95 2.43 -44.39
C VAL A 220 -12.14 3.37 -44.59
N ILE A 221 -11.91 4.70 -44.62
CA ILE A 221 -12.99 5.65 -44.78
C ILE A 221 -13.66 5.49 -46.15
N ASN A 222 -12.87 5.24 -47.20
CA ASN A 222 -13.40 5.14 -48.54
C ASN A 222 -14.17 3.82 -48.72
N ASP A 223 -13.75 2.77 -48.02
CA ASP A 223 -14.44 1.49 -48.07
C ASP A 223 -15.80 1.60 -47.35
N ILE A 224 -15.87 2.39 -46.27
CA ILE A 224 -17.11 2.67 -45.58
C ILE A 224 -18.08 3.40 -46.52
N LYS A 225 -17.60 4.46 -47.19
CA LYS A 225 -18.45 5.21 -48.11
C LYS A 225 -18.96 4.29 -49.22
N ALA A 226 -18.04 3.46 -49.77
CA ALA A 226 -18.36 2.54 -50.85
C ALA A 226 -19.48 1.58 -50.44
N ALA A 227 -19.50 1.17 -49.17
CA ALA A 227 -20.43 0.14 -48.71
C ALA A 227 -21.75 0.75 -48.23
N THR A 228 -21.76 2.04 -47.91
CA THR A 228 -22.91 2.61 -47.21
C THR A 228 -23.60 3.70 -48.03
N GLU A 229 -22.83 4.54 -48.74
CA GLU A 229 -23.41 5.67 -49.46
C GLU A 229 -24.55 5.21 -50.36
N PRO A 230 -24.38 4.16 -51.19
CA PRO A 230 -25.44 3.71 -52.10
C PRO A 230 -26.76 3.33 -51.44
N TYR A 231 -26.77 3.09 -50.14
CA TYR A 231 -28.00 2.70 -49.45
C TYR A 231 -28.53 3.79 -48.53
N SER A 232 -27.65 4.54 -47.86
CA SER A 232 -28.07 5.44 -46.81
C SER A 232 -27.05 6.55 -46.62
N PRO A 233 -27.14 7.66 -47.39
CA PRO A 233 -26.19 8.75 -47.27
C PRO A 233 -26.08 9.33 -45.85
N LYS A 234 -27.22 9.40 -45.15
CA LYS A 234 -27.24 9.97 -43.81
C LYS A 234 -26.44 9.09 -42.85
N PHE A 235 -26.60 7.75 -42.96
CA PHE A 235 -25.85 6.84 -42.11
C PHE A 235 -24.35 6.98 -42.36
N THR A 236 -23.99 7.19 -43.63
CA THR A 236 -22.62 7.44 -44.01
C THR A 236 -22.11 8.68 -43.31
N GLU A 237 -22.92 9.75 -43.33
CA GLU A 237 -22.53 11.00 -42.72
C GLU A 237 -22.30 10.78 -41.22
N MET A 238 -23.23 10.06 -40.59
CA MET A 238 -23.23 9.86 -39.14
C MET A 238 -22.03 9.01 -38.71
N ILE A 239 -21.80 7.89 -39.38
CA ILE A 239 -20.74 6.98 -38.97
C ILE A 239 -19.39 7.67 -39.19
N ILE A 240 -19.27 8.47 -40.25
CA ILE A 240 -18.02 9.12 -40.57
C ILE A 240 -17.75 10.23 -39.56
N LYS A 241 -18.78 11.04 -39.24
CA LYS A 241 -18.62 12.12 -38.28
C LYS A 241 -18.24 11.55 -36.90
N LEU A 242 -18.77 10.37 -36.57
CA LEU A 242 -18.49 9.70 -35.31
C LEU A 242 -17.04 9.27 -35.24
N LEU A 243 -16.52 8.68 -36.33
CA LEU A 243 -15.12 8.28 -36.38
C LEU A 243 -14.20 9.49 -36.52
N PHE A 244 -14.71 10.61 -37.06
CA PHE A 244 -13.93 11.84 -37.20
C PHE A 244 -13.82 12.58 -35.86
N PHE A 245 -14.91 12.63 -35.07
CA PHE A 245 -14.85 13.20 -33.74
C PHE A 245 -13.78 12.47 -32.92
N PHE A 246 -13.84 11.14 -33.05
CA PHE A 246 -12.92 10.20 -32.43
C PHE A 246 -11.49 10.38 -32.95
N LYS A 247 -11.35 10.87 -34.20
CA LYS A 247 -10.06 11.14 -34.84
C LYS A 247 -9.44 12.42 -34.29
N ASP A 248 -10.25 13.49 -34.20
CA ASP A 248 -9.77 14.80 -33.78
C ASP A 248 -9.23 14.72 -32.35
N THR A 249 -9.97 13.99 -31.50
CA THR A 249 -9.67 13.90 -30.08
C THR A 249 -8.39 13.07 -29.87
N TYR A 250 -8.27 11.94 -30.58
CA TYR A 250 -7.09 11.09 -30.48
C TYR A 250 -5.84 11.78 -30.98
N ARG A 251 -5.97 12.64 -32.00
CA ARG A 251 -4.84 13.44 -32.46
C ARG A 251 -4.49 14.46 -31.37
N ASP A 252 -5.54 15.14 -30.86
CA ASP A 252 -5.38 16.18 -29.86
C ASP A 252 -4.66 15.65 -28.62
N VAL A 253 -5.05 14.45 -28.13
CA VAL A 253 -4.63 13.98 -26.82
C VAL A 253 -3.34 13.16 -26.92
N PHE A 254 -3.22 12.30 -27.96
CA PHE A 254 -2.18 11.28 -28.01
C PHE A 254 -1.36 11.36 -29.29
N GLY A 255 -1.67 12.31 -30.19
CA GLY A 255 -0.91 12.51 -31.43
C GLY A 255 -0.94 11.31 -32.37
N PHE A 256 -2.05 10.55 -32.37
CA PHE A 256 -2.27 9.54 -33.39
C PHE A 256 -2.65 10.21 -34.72
N ILE A 257 -2.05 9.74 -35.82
CA ILE A 257 -2.42 10.20 -37.15
C ILE A 257 -3.83 9.70 -37.48
N ASP A 258 -4.03 8.39 -37.36
CA ASP A 258 -5.32 7.73 -37.56
C ASP A 258 -5.72 7.08 -36.23
N PRO A 259 -6.98 7.24 -35.76
CA PRO A 259 -7.34 6.74 -34.44
C PRO A 259 -7.56 5.23 -34.42
N PRO A 260 -7.21 4.54 -33.31
CA PRO A 260 -7.47 3.11 -33.20
C PRO A 260 -8.95 2.87 -32.93
N LEU A 261 -9.48 1.77 -33.45
CA LEU A 261 -10.85 1.37 -33.16
C LEU A 261 -10.78 0.11 -32.30
N HIS A 262 -11.02 0.29 -30.99
CA HIS A 262 -10.62 -0.66 -29.98
C HIS A 262 -11.65 -1.78 -29.82
N ASP A 263 -12.86 -1.39 -29.41
CA ASP A 263 -13.81 -2.33 -28.81
C ASP A 263 -14.29 -3.40 -29.79
N PRO A 264 -14.56 -3.09 -31.10
CA PRO A 264 -15.04 -4.10 -32.03
C PRO A 264 -14.13 -5.33 -32.18
N VAL A 265 -12.83 -5.14 -31.91
CA VAL A 265 -11.86 -6.21 -32.05
C VAL A 265 -12.18 -7.33 -31.06
N ALA A 266 -12.72 -6.95 -29.90
CA ALA A 266 -13.17 -7.91 -28.90
C ALA A 266 -14.28 -8.78 -29.47
N ALA A 267 -15.30 -8.13 -30.07
CA ALA A 267 -16.40 -8.85 -30.69
C ALA A 267 -15.87 -9.68 -31.86
N PHE A 268 -14.89 -9.13 -32.59
CA PHE A 268 -14.32 -9.84 -33.70
C PHE A 268 -13.71 -11.15 -33.23
N HIS A 269 -13.17 -11.18 -32.01
CA HIS A 269 -12.49 -12.36 -31.48
C HIS A 269 -13.50 -13.50 -31.30
N LEU A 270 -14.71 -13.15 -30.86
CA LEU A 270 -15.72 -14.15 -30.65
C LEU A 270 -16.25 -14.64 -32.01
N ILE A 271 -16.41 -13.72 -32.96
CA ILE A 271 -16.83 -14.05 -34.32
C ILE A 271 -15.80 -14.96 -34.98
N ALA A 272 -14.52 -14.61 -34.85
CA ALA A 272 -13.48 -15.16 -35.73
C ALA A 272 -12.16 -15.32 -34.98
N PRO A 273 -12.07 -16.23 -33.99
CA PRO A 273 -10.85 -16.35 -33.18
C PRO A 273 -9.59 -16.82 -33.91
N GLU A 274 -9.78 -17.42 -35.10
CA GLU A 274 -8.68 -17.97 -35.89
C GLU A 274 -7.66 -16.89 -36.31
N TRP A 275 -8.08 -15.62 -36.32
CA TRP A 275 -7.22 -14.51 -36.74
C TRP A 275 -6.34 -13.99 -35.59
N PHE A 276 -6.47 -14.54 -34.38
CA PHE A 276 -5.75 -14.01 -33.22
C PHE A 276 -4.67 -14.99 -32.76
N GLU A 277 -3.48 -14.45 -32.47
CA GLU A 277 -2.51 -15.13 -31.62
C GLU A 277 -3.08 -15.22 -30.21
N HIS A 278 -2.68 -16.25 -29.47
CA HIS A 278 -3.22 -16.45 -28.13
C HIS A 278 -2.17 -17.18 -27.30
N VAL A 279 -2.07 -16.79 -26.02
CA VAL A 279 -1.24 -17.49 -25.07
C VAL A 279 -1.94 -17.47 -23.71
N ARG A 280 -1.79 -18.57 -22.96
CA ARG A 280 -2.27 -18.66 -21.59
C ARG A 280 -1.16 -18.17 -20.67
N CYS A 281 -1.53 -17.50 -19.58
CA CYS A 281 -0.55 -16.98 -18.62
C CYS A 281 -1.26 -16.56 -17.34
N HIS A 282 -0.46 -16.19 -16.34
CA HIS A 282 -0.96 -15.60 -15.10
C HIS A 282 -0.87 -14.08 -15.21
N VAL A 283 -2.02 -13.41 -15.10
CA VAL A 283 -2.07 -11.96 -15.08
C VAL A 283 -2.35 -11.51 -13.65
N ASP A 284 -1.46 -10.65 -13.13
CA ASP A 284 -1.72 -9.92 -11.90
C ASP A 284 -2.13 -8.49 -12.25
N ILE A 285 -3.19 -8.02 -11.59
CA ILE A 285 -3.65 -6.66 -11.76
C ILE A 285 -3.16 -5.82 -10.59
N GLU A 286 -2.46 -4.71 -10.89
CA GLU A 286 -1.99 -3.86 -9.81
C GLU A 286 -3.18 -3.14 -9.18
N THR A 287 -3.35 -3.34 -7.87
CA THR A 287 -4.38 -2.64 -7.11
C THR A 287 -3.78 -1.73 -6.03
N LYS A 288 -2.51 -1.96 -5.65
CA LYS A 288 -1.89 -1.25 -4.54
C LYS A 288 -1.10 -0.04 -5.03
N GLY A 289 -0.65 -0.03 -6.29
CA GLY A 289 0.24 1.01 -6.75
C GLY A 289 -0.41 2.39 -6.76
N GLU A 290 0.38 3.41 -6.41
CA GLU A 290 -0.08 4.78 -6.35
C GLU A 290 -0.29 5.34 -7.76
N TYR A 291 0.61 4.98 -8.70
CA TYR A 291 0.61 5.57 -10.03
C TYR A 291 0.47 4.50 -11.10
N THR A 292 0.32 3.23 -10.68
CA THR A 292 0.39 2.09 -11.58
C THR A 292 -0.82 1.15 -11.42
N TYR A 293 -1.84 1.57 -10.66
CA TYR A 293 -3.02 0.73 -10.48
C TYR A 293 -3.62 0.45 -11.85
N GLY A 294 -4.05 -0.81 -12.05
CA GLY A 294 -4.64 -1.23 -13.30
C GLY A 294 -3.63 -1.79 -14.30
N CYS A 295 -2.34 -1.82 -13.93
CA CYS A 295 -1.36 -2.48 -14.76
C CYS A 295 -1.63 -3.98 -14.84
N CYS A 296 -1.52 -4.53 -16.04
CA CYS A 296 -1.64 -5.95 -16.30
C CYS A 296 -0.26 -6.56 -16.37
N CYS A 297 0.17 -7.19 -15.27
CA CYS A 297 1.52 -7.70 -15.12
C CYS A 297 1.54 -9.21 -15.32
N THR A 298 2.38 -9.69 -16.25
CA THR A 298 2.33 -11.08 -16.65
C THR A 298 3.68 -11.76 -16.52
N ASN A 299 3.56 -13.09 -16.41
CA ASN A 299 4.68 -14.00 -16.23
C ASN A 299 5.23 -14.47 -17.58
N LEU A 300 5.03 -13.68 -18.63
CA LEU A 300 5.49 -13.97 -19.98
C LEU A 300 7.02 -13.88 -20.03
N LYS A 312 2.82 -19.55 -10.33
CA LYS A 312 1.41 -19.09 -10.23
C LYS A 312 0.60 -19.67 -11.38
N PRO A 313 -0.57 -20.30 -11.14
CA PRO A 313 -1.33 -20.91 -12.23
C PRO A 313 -1.89 -19.89 -13.23
N ASP A 314 -2.06 -20.34 -14.48
CA ASP A 314 -2.66 -19.53 -15.53
C ASP A 314 -4.06 -19.12 -15.11
N ASN A 315 -4.43 -17.87 -15.38
CA ASN A 315 -5.76 -17.40 -15.06
C ASN A 315 -6.36 -16.61 -16.23
N ALA A 316 -5.75 -16.67 -17.42
CA ALA A 316 -6.24 -15.86 -18.53
C ALA A 316 -5.57 -16.27 -19.83
N THR A 317 -6.24 -15.93 -20.93
CA THR A 317 -5.64 -15.96 -22.25
C THR A 317 -5.37 -14.52 -22.67
N VAL A 318 -4.23 -14.30 -23.31
CA VAL A 318 -3.85 -12.98 -23.80
C VAL A 318 -3.61 -13.10 -25.29
N CYS A 319 -4.21 -12.17 -26.04
CA CYS A 319 -4.01 -12.08 -27.48
C CYS A 319 -3.15 -10.86 -27.78
N LEU A 320 -1.90 -11.09 -28.18
CA LEU A 320 -0.91 -10.06 -28.33
C LEU A 320 -0.88 -9.49 -29.76
N LYS A 321 -1.33 -10.27 -30.74
CA LYS A 321 -1.26 -9.81 -32.13
C LYS A 321 -2.28 -10.55 -32.98
N LEU A 322 -2.71 -9.92 -34.07
CA LEU A 322 -3.46 -10.58 -35.12
C LEU A 322 -2.48 -11.33 -36.01
N LYS A 323 -2.88 -12.50 -36.49
CA LYS A 323 -2.13 -13.19 -37.55
C LYS A 323 -2.17 -12.32 -38.80
N GLU A 324 -1.15 -12.41 -39.65
CA GLU A 324 -1.16 -11.70 -40.91
C GLU A 324 -2.37 -12.14 -41.72
N GLY A 325 -3.10 -11.17 -42.27
CA GLY A 325 -4.44 -11.37 -42.82
C GLY A 325 -5.51 -10.84 -41.87
N GLY A 326 -5.20 -10.82 -40.56
CA GLY A 326 -6.16 -10.50 -39.52
C GLY A 326 -6.77 -9.11 -39.65
N HIS A 327 -5.93 -8.12 -39.95
CA HIS A 327 -6.39 -6.75 -40.12
C HIS A 327 -7.46 -6.64 -41.21
N ASP A 328 -7.21 -7.32 -42.35
CA ASP A 328 -8.09 -7.22 -43.51
C ASP A 328 -9.39 -7.95 -43.21
N ALA A 329 -9.27 -9.14 -42.59
CA ALA A 329 -10.42 -9.88 -42.13
C ALA A 329 -11.29 -9.03 -41.20
N PHE A 330 -10.64 -8.27 -40.29
CA PHE A 330 -11.38 -7.44 -39.37
C PHE A 330 -12.17 -6.36 -40.11
N TRP A 331 -11.50 -5.61 -40.99
CA TRP A 331 -12.14 -4.54 -41.72
C TRP A 331 -13.22 -5.05 -42.66
N ASN A 332 -13.00 -6.20 -43.32
CA ASN A 332 -14.02 -6.77 -44.18
C ASN A 332 -15.30 -7.00 -43.39
N GLN A 333 -15.14 -7.66 -42.23
CA GLN A 333 -16.25 -7.97 -41.35
C GLN A 333 -16.97 -6.66 -40.99
N MET A 334 -16.18 -5.65 -40.68
CA MET A 334 -16.70 -4.41 -40.11
C MET A 334 -17.42 -3.59 -41.19
N ILE A 335 -16.87 -3.57 -42.41
CA ILE A 335 -17.44 -2.81 -43.51
C ILE A 335 -18.76 -3.46 -43.95
N THR A 336 -18.78 -4.80 -43.95
CA THR A 336 -19.97 -5.56 -44.31
C THR A 336 -21.13 -5.21 -43.39
N VAL A 337 -20.89 -5.24 -42.07
CA VAL A 337 -21.93 -4.92 -41.11
C VAL A 337 -22.45 -3.50 -41.39
N TRP A 338 -21.52 -2.55 -41.58
CA TRP A 338 -21.91 -1.17 -41.84
C TRP A 338 -22.75 -1.07 -43.12
N GLY A 339 -22.42 -1.91 -44.12
CA GLY A 339 -23.19 -2.02 -45.35
C GLY A 339 -24.62 -2.48 -45.08
N GLU A 340 -24.78 -3.55 -44.31
CA GLU A 340 -26.07 -4.14 -44.01
C GLU A 340 -26.95 -3.16 -43.24
N ILE A 341 -26.35 -2.40 -42.33
CA ILE A 341 -27.11 -1.42 -41.55
C ILE A 341 -27.61 -0.32 -42.47
N ALA A 342 -26.77 0.07 -43.44
CA ALA A 342 -27.16 1.09 -44.41
C ALA A 342 -28.37 0.62 -45.22
N LYS A 343 -28.38 -0.66 -45.64
CA LYS A 343 -29.51 -1.22 -46.36
C LYS A 343 -30.79 -1.05 -45.55
N GLU A 344 -30.73 -1.38 -44.26
CA GLU A 344 -31.90 -1.40 -43.42
C GLU A 344 -32.40 0.01 -43.15
N ILE A 345 -31.48 0.92 -42.88
CA ILE A 345 -31.86 2.31 -42.61
C ILE A 345 -32.47 2.92 -43.87
N GLY A 346 -31.91 2.61 -45.05
CA GLY A 346 -32.42 3.15 -46.31
C GLY A 346 -32.19 4.65 -46.47
N MET B 1 -44.84 6.59 19.19
CA MET B 1 -43.67 6.55 18.27
C MET B 1 -42.82 5.33 18.61
N SER B 2 -42.84 4.36 17.70
CA SER B 2 -41.96 3.20 17.70
C SER B 2 -41.06 3.24 16.46
N ILE B 3 -39.79 2.81 16.59
CA ILE B 3 -38.79 3.08 15.57
C ILE B 3 -38.68 1.90 14.61
N LYS B 4 -38.99 2.14 13.33
CA LYS B 4 -38.80 1.15 12.29
C LYS B 4 -37.31 0.96 12.04
N CYS B 5 -36.87 -0.30 11.96
CA CYS B 5 -35.46 -0.57 11.72
C CYS B 5 -35.27 -1.92 11.06
N ALA B 6 -34.04 -2.16 10.59
CA ALA B 6 -33.63 -3.44 10.07
C ALA B 6 -32.34 -3.84 10.77
N LEU B 7 -32.13 -5.17 10.88
CA LEU B 7 -30.94 -5.71 11.51
C LEU B 7 -30.10 -6.39 10.43
N ASP B 8 -28.79 -6.09 10.45
CA ASP B 8 -27.82 -6.79 9.63
C ASP B 8 -26.84 -7.46 10.60
N CYS B 9 -26.64 -8.78 10.49
CA CYS B 9 -25.87 -9.49 11.52
C CYS B 9 -25.37 -10.84 11.02
N ASP B 10 -24.52 -11.46 11.85
CA ASP B 10 -23.83 -12.71 11.54
C ASP B 10 -23.93 -13.68 12.72
N PRO B 11 -25.14 -14.09 13.16
CA PRO B 11 -25.27 -14.88 14.39
C PRO B 11 -24.53 -16.22 14.37
N GLY B 12 -23.69 -16.50 15.39
CA GLY B 12 -23.18 -15.56 16.38
C GLY B 12 -24.06 -15.45 17.64
N HIS B 13 -23.46 -15.70 18.81
CA HIS B 13 -24.15 -15.71 20.09
C HIS B 13 -24.56 -14.30 20.52
N ASP B 14 -23.67 -13.33 20.30
CA ASP B 14 -23.98 -11.93 20.54
C ASP B 14 -25.14 -11.49 19.65
N ASP B 15 -25.11 -11.91 18.39
CA ASP B 15 -26.06 -11.42 17.41
C ASP B 15 -27.45 -11.96 17.80
N LEU B 16 -27.49 -13.21 18.27
CA LEU B 16 -28.70 -13.83 18.79
C LEU B 16 -29.28 -13.00 19.93
N ALA B 17 -28.44 -12.59 20.90
CA ALA B 17 -28.90 -11.74 21.99
C ALA B 17 -29.47 -10.44 21.43
N MET B 18 -28.81 -9.89 20.41
CA MET B 18 -29.20 -8.60 19.85
C MET B 18 -30.55 -8.72 19.15
N ILE B 19 -30.80 -9.84 18.46
CA ILE B 19 -32.05 -10.04 17.77
C ILE B 19 -33.20 -10.11 18.79
N MET B 20 -32.97 -10.83 19.89
CA MET B 20 -33.96 -10.94 20.97
C MET B 20 -34.33 -9.55 21.50
N LEU B 21 -33.31 -8.73 21.81
CA LEU B 21 -33.55 -7.41 22.36
C LEU B 21 -34.34 -6.55 21.38
N ALA B 22 -33.98 -6.61 20.09
CA ALA B 22 -34.53 -5.72 19.09
C ALA B 22 -35.98 -6.10 18.76
N VAL B 23 -36.23 -7.40 18.61
CA VAL B 23 -37.54 -7.89 18.20
C VAL B 23 -38.56 -7.71 19.33
N TYR B 24 -38.16 -7.91 20.60
CA TYR B 24 -39.08 -7.84 21.71
C TYR B 24 -39.11 -6.46 22.37
N SER B 25 -38.18 -5.58 22.04
CA SER B 25 -38.22 -4.24 22.59
C SER B 25 -39.44 -3.51 22.03
N PRO B 26 -40.30 -2.92 22.89
CA PRO B 26 -41.44 -2.13 22.40
C PRO B 26 -41.04 -0.87 21.63
N LYS B 27 -39.83 -0.38 21.85
CA LYS B 27 -39.36 0.84 21.23
C LYS B 27 -39.01 0.62 19.76
N LEU B 28 -38.76 -0.64 19.35
CA LEU B 28 -38.31 -0.96 18.00
C LEU B 28 -39.37 -1.73 17.24
N ASP B 29 -39.39 -1.55 15.91
CA ASP B 29 -40.25 -2.29 15.01
C ASP B 29 -39.41 -2.89 13.88
N VAL B 30 -38.95 -4.14 14.07
CA VAL B 30 -37.99 -4.74 13.17
C VAL B 30 -38.68 -5.15 11.87
N GLN B 31 -38.26 -4.55 10.75
CA GLN B 31 -38.85 -4.79 9.44
C GLN B 31 -38.29 -6.04 8.79
N TYR B 32 -36.99 -6.29 8.97
CA TYR B 32 -36.38 -7.49 8.43
C TYR B 32 -35.01 -7.73 9.07
N ILE B 33 -34.49 -8.94 8.85
CA ILE B 33 -33.13 -9.28 9.18
C ILE B 33 -32.45 -9.75 7.90
N SER B 34 -31.28 -9.15 7.60
CA SER B 34 -30.38 -9.63 6.57
C SER B 34 -29.14 -10.21 7.25
N THR B 35 -28.66 -11.35 6.77
CA THR B 35 -27.49 -11.96 7.36
C THR B 35 -26.30 -11.75 6.43
N THR B 36 -25.10 -11.83 7.01
CA THR B 36 -23.87 -11.57 6.29
C THR B 36 -22.86 -12.67 6.65
N HIS B 37 -21.80 -12.73 5.85
CA HIS B 37 -20.64 -13.55 6.15
C HIS B 37 -20.02 -13.00 7.42
N GLY B 38 -19.30 -13.85 8.15
CA GLY B 38 -18.44 -13.36 9.20
C GLY B 38 -18.02 -14.51 10.11
N ASN B 39 -18.67 -14.57 11.28
CA ASN B 39 -18.56 -15.68 12.20
C ASN B 39 -18.55 -16.98 11.38
N GLN B 40 -19.59 -17.16 10.56
CA GLN B 40 -19.73 -18.34 9.74
C GLN B 40 -20.02 -17.94 8.30
N THR B 41 -20.17 -18.92 7.42
CA THR B 41 -20.73 -18.67 6.08
C THR B 41 -22.11 -18.05 6.21
N VAL B 42 -22.49 -17.25 5.22
CA VAL B 42 -23.73 -16.49 5.27
C VAL B 42 -24.93 -17.44 5.28
N ASN B 43 -24.75 -18.66 4.78
CA ASN B 43 -25.82 -19.63 4.80
C ASN B 43 -26.07 -20.09 6.24
N LYS B 44 -25.00 -20.25 7.02
CA LYS B 44 -25.13 -20.59 8.42
C LYS B 44 -25.72 -19.45 9.24
N THR B 45 -25.31 -18.19 8.95
CA THR B 45 -25.83 -17.08 9.75
C THR B 45 -27.30 -16.83 9.43
N TYR B 46 -27.70 -17.14 8.18
CA TYR B 46 -29.11 -17.12 7.77
C TYR B 46 -29.89 -18.09 8.65
N GLN B 47 -29.45 -19.35 8.65
CA GLN B 47 -30.05 -20.39 9.46
C GLN B 47 -30.11 -19.97 10.93
N ASN B 48 -29.04 -19.37 11.45
CA ASN B 48 -28.96 -19.02 12.86
C ASN B 48 -29.91 -17.88 13.21
N ALA B 49 -30.12 -16.95 12.26
CA ALA B 49 -31.07 -15.88 12.47
C ALA B 49 -32.49 -16.47 12.60
N ARG B 50 -32.80 -17.45 11.74
CA ARG B 50 -34.10 -18.07 11.68
C ARG B 50 -34.36 -18.86 12.96
N ARG B 51 -33.33 -19.60 13.40
CA ARG B 51 -33.37 -20.34 14.65
C ARG B 51 -33.68 -19.40 15.82
N THR B 52 -32.98 -18.28 15.89
CA THR B 52 -33.20 -17.32 16.96
C THR B 52 -34.68 -16.93 16.96
N LEU B 53 -35.19 -16.53 15.79
CA LEU B 53 -36.56 -16.08 15.65
C LEU B 53 -37.55 -17.18 16.07
N ASN B 54 -37.28 -18.42 15.69
CA ASN B 54 -38.19 -19.52 15.96
C ASN B 54 -38.21 -19.82 17.46
N LEU B 55 -37.02 -19.78 18.10
CA LEU B 55 -36.92 -19.96 19.54
C LEU B 55 -37.83 -18.95 20.25
N ILE B 56 -37.82 -17.69 19.78
CA ILE B 56 -38.60 -16.66 20.42
C ILE B 56 -39.96 -16.50 19.74
N LYS B 57 -40.36 -17.48 18.94
CA LYS B 57 -41.71 -17.57 18.38
C LYS B 57 -41.99 -16.34 17.52
N ARG B 58 -41.10 -16.05 16.55
CA ARG B 58 -41.29 -14.94 15.64
C ARG B 58 -40.82 -15.28 14.22
N ALA B 59 -40.48 -16.55 13.96
CA ALA B 59 -39.90 -16.94 12.68
C ALA B 59 -40.91 -16.82 11.54
N ASP B 60 -42.19 -16.66 11.90
CA ASP B 60 -43.25 -16.53 10.93
C ASP B 60 -43.62 -15.06 10.75
N LYS B 61 -43.02 -14.16 11.53
CA LYS B 61 -43.37 -12.75 11.48
C LYS B 61 -42.32 -11.92 10.77
N ILE B 62 -41.03 -12.14 11.12
CA ILE B 62 -39.95 -11.30 10.63
C ILE B 62 -39.30 -11.95 9.40
N PRO B 63 -39.26 -11.28 8.24
CA PRO B 63 -38.54 -11.82 7.09
C PRO B 63 -37.02 -11.80 7.32
N VAL B 64 -36.36 -12.86 6.85
CA VAL B 64 -34.91 -13.00 6.96
C VAL B 64 -34.33 -13.18 5.56
N TYR B 65 -33.42 -12.29 5.18
CA TYR B 65 -32.76 -12.35 3.90
C TYR B 65 -31.35 -12.91 4.07
N ARG B 66 -30.86 -13.60 3.03
CA ARG B 66 -29.51 -14.14 3.07
C ARG B 66 -28.63 -13.33 2.14
N GLY B 67 -27.69 -12.58 2.72
CA GLY B 67 -26.91 -11.58 2.00
C GLY B 67 -25.64 -12.18 1.38
N TYR B 68 -24.63 -11.32 1.26
CA TYR B 68 -23.45 -11.62 0.48
C TYR B 68 -22.55 -12.59 1.23
N SER B 69 -21.88 -13.46 0.47
CA SER B 69 -21.11 -14.56 1.02
C SER B 69 -19.64 -14.17 1.22
N LYS B 70 -19.19 -13.03 0.69
CA LYS B 70 -17.80 -12.67 0.87
C LYS B 70 -17.64 -11.16 0.83
N PRO B 71 -16.51 -10.62 1.34
CA PRO B 71 -16.23 -9.19 1.25
C PRO B 71 -16.15 -8.68 -0.19
N LEU B 72 -16.18 -7.36 -0.34
CA LEU B 72 -16.10 -6.72 -1.66
C LEU B 72 -14.85 -7.20 -2.42
N THR B 73 -13.66 -7.10 -1.81
CA THR B 73 -12.41 -7.31 -2.53
C THR B 73 -11.43 -8.18 -1.74
N ARG B 74 -11.91 -8.95 -0.76
CA ARG B 74 -11.05 -9.81 0.03
C ARG B 74 -11.69 -11.17 0.20
N GLU B 75 -10.89 -12.12 0.71
CA GLU B 75 -11.30 -13.48 0.98
C GLU B 75 -12.09 -13.52 2.30
N SER B 76 -13.07 -14.42 2.38
CA SER B 76 -13.83 -14.66 3.60
C SER B 76 -12.91 -15.18 4.70
N VAL B 77 -13.31 -14.95 5.96
CA VAL B 77 -12.59 -15.41 7.13
C VAL B 77 -13.60 -15.70 8.25
N ALA B 78 -13.87 -16.98 8.53
CA ALA B 78 -14.85 -17.35 9.54
C ALA B 78 -14.26 -17.16 10.95
N CYS B 79 -15.14 -17.03 11.96
CA CYS B 79 -14.73 -16.99 13.37
C CYS B 79 -15.36 -18.18 14.11
N PRO B 80 -14.95 -19.44 13.80
CA PRO B 80 -15.47 -20.62 14.52
C PRO B 80 -14.88 -20.88 15.91
N GLU B 81 -13.84 -20.13 16.30
CA GLU B 81 -13.14 -20.35 17.55
C GLU B 81 -13.85 -19.66 18.71
N ILE B 82 -14.75 -18.70 18.40
CA ILE B 82 -15.62 -18.07 19.40
C ILE B 82 -17.02 -18.70 19.34
N HIS B 83 -17.46 -19.15 18.16
CA HIS B 83 -18.88 -19.42 17.91
C HIS B 83 -19.18 -20.90 17.56
N GLY B 84 -18.15 -21.71 17.28
CA GLY B 84 -18.34 -23.11 16.91
C GLY B 84 -18.52 -23.28 15.40
N GLU B 85 -18.69 -24.54 14.96
CA GLU B 85 -18.85 -24.83 13.54
C GLU B 85 -20.21 -24.35 13.02
N SER B 86 -21.25 -24.50 13.85
CA SER B 86 -22.61 -24.12 13.49
C SER B 86 -22.80 -22.59 13.51
N GLY B 87 -21.95 -21.90 14.29
CA GLY B 87 -22.10 -20.47 14.52
C GLY B 87 -22.90 -20.19 15.80
N LEU B 88 -23.63 -21.21 16.31
CA LEU B 88 -24.42 -21.10 17.53
C LEU B 88 -24.25 -22.36 18.38
N GLY B 89 -23.01 -22.64 18.79
CA GLY B 89 -22.70 -23.82 19.57
C GLY B 89 -23.30 -23.72 20.97
N GLY B 90 -23.36 -24.88 21.65
CA GLY B 90 -23.74 -24.93 23.05
C GLY B 90 -25.14 -25.48 23.30
N VAL B 91 -25.98 -25.55 22.25
CA VAL B 91 -27.32 -26.12 22.36
C VAL B 91 -27.63 -27.02 21.15
N ASP B 92 -28.62 -27.91 21.30
CA ASP B 92 -29.11 -28.75 20.21
C ASP B 92 -30.29 -28.06 19.55
N TRP B 93 -30.16 -27.73 18.26
CA TRP B 93 -31.17 -26.97 17.54
C TRP B 93 -32.17 -27.85 16.77
N SER B 94 -32.07 -29.18 16.92
CA SER B 94 -32.71 -30.09 15.98
C SER B 94 -34.23 -29.95 16.04
N GLU B 95 -34.77 -29.63 17.21
CA GLU B 95 -36.21 -29.41 17.38
C GLU B 95 -36.60 -28.07 16.76
N ILE B 96 -35.84 -27.01 17.09
CA ILE B 96 -36.11 -25.67 16.61
C ILE B 96 -36.10 -25.67 15.08
N ASP B 97 -35.23 -26.50 14.49
CA ASP B 97 -35.13 -26.63 13.04
C ASP B 97 -36.34 -27.36 12.48
N ARG B 98 -36.65 -28.54 13.05
CA ARG B 98 -37.75 -29.38 12.57
C ARG B 98 -39.06 -28.58 12.52
N THR B 99 -39.30 -27.72 13.52
CA THR B 99 -40.58 -27.02 13.65
C THR B 99 -40.53 -25.61 13.07
N MET B 100 -39.79 -25.42 11.98
CA MET B 100 -39.42 -24.10 11.49
C MET B 100 -40.43 -23.62 10.47
N PRO B 101 -41.14 -22.48 10.67
CA PRO B 101 -42.11 -22.00 9.69
C PRO B 101 -41.42 -21.52 8.42
N ARG B 102 -42.19 -21.39 7.35
CA ARG B 102 -41.74 -20.77 6.12
C ARG B 102 -41.31 -19.33 6.40
N ASN B 103 -40.27 -18.89 5.70
CA ASN B 103 -39.71 -17.57 5.87
C ASN B 103 -40.58 -16.55 5.11
N PRO B 104 -41.18 -15.57 5.84
CA PRO B 104 -41.94 -14.49 5.20
C PRO B 104 -41.27 -13.75 4.03
N ALA B 105 -39.94 -13.82 3.96
CA ALA B 105 -39.20 -13.16 2.91
C ALA B 105 -39.51 -13.82 1.56
N LEU B 106 -39.68 -15.15 1.56
CA LEU B 106 -40.04 -15.86 0.35
C LEU B 106 -41.34 -15.30 -0.24
N ASP B 107 -42.26 -14.85 0.62
CA ASP B 107 -43.55 -14.29 0.21
C ASP B 107 -43.36 -12.91 -0.41
N ILE B 108 -42.58 -12.06 0.25
CA ILE B 108 -42.24 -10.75 -0.27
C ILE B 108 -41.58 -10.89 -1.65
N LEU B 109 -40.68 -11.89 -1.80
CA LEU B 109 -39.89 -12.05 -3.01
C LEU B 109 -40.66 -12.83 -4.08
N GLY B 110 -41.69 -13.57 -3.69
CA GLY B 110 -42.44 -14.38 -4.64
C GLY B 110 -41.67 -15.63 -5.05
N TYR B 111 -40.96 -16.22 -4.09
CA TYR B 111 -40.11 -17.37 -4.34
C TYR B 111 -40.81 -18.63 -3.86
N LYS B 112 -40.65 -19.70 -4.63
CA LYS B 112 -41.17 -21.00 -4.25
C LYS B 112 -40.46 -21.46 -2.97
N ASP B 113 -39.12 -21.43 -2.95
CA ASP B 113 -38.38 -21.99 -1.83
C ASP B 113 -37.04 -21.27 -1.61
N GLU B 114 -36.30 -21.72 -0.60
CA GLU B 114 -35.10 -21.04 -0.12
C GLU B 114 -33.97 -21.12 -1.14
N SER B 115 -33.99 -22.12 -2.03
CA SER B 115 -32.93 -22.31 -3.01
C SER B 115 -32.84 -21.13 -3.97
N GLU B 116 -33.84 -20.23 -3.95
CA GLU B 116 -33.87 -19.10 -4.86
C GLU B 116 -33.34 -17.83 -4.19
N LEU B 117 -33.08 -17.89 -2.88
CA LEU B 117 -32.56 -16.73 -2.16
C LEU B 117 -31.28 -16.25 -2.82
N ARG B 118 -31.18 -14.93 -3.01
CA ARG B 118 -30.03 -14.30 -3.61
C ARG B 118 -29.58 -13.13 -2.74
N PRO B 119 -28.25 -12.85 -2.68
CA PRO B 119 -27.71 -11.80 -1.81
C PRO B 119 -28.37 -10.42 -1.90
N ASP B 120 -28.82 -10.02 -3.10
CA ASP B 120 -29.37 -8.68 -3.28
C ASP B 120 -30.89 -8.64 -3.10
N ASP B 121 -31.50 -9.73 -2.61
CA ASP B 121 -32.94 -9.80 -2.45
C ASP B 121 -33.49 -8.64 -1.62
N PHE B 122 -32.75 -8.24 -0.57
CA PHE B 122 -33.29 -7.31 0.42
C PHE B 122 -33.33 -5.89 -0.14
N PHE B 123 -32.65 -5.66 -1.26
CA PHE B 123 -32.48 -4.30 -1.75
C PHE B 123 -33.82 -3.59 -1.87
N LYS B 124 -34.78 -4.15 -2.63
CA LYS B 124 -36.00 -3.43 -2.95
C LYS B 124 -36.82 -3.18 -1.69
N HIS B 125 -36.77 -4.13 -0.75
CA HIS B 125 -37.42 -3.98 0.55
C HIS B 125 -36.85 -2.75 1.25
N LEU B 126 -35.51 -2.69 1.35
CA LEU B 126 -34.87 -1.60 2.08
C LEU B 126 -35.14 -0.28 1.39
N HIS B 127 -35.16 -0.27 0.05
CA HIS B 127 -35.38 0.97 -0.68
C HIS B 127 -36.76 1.54 -0.38
N ARG B 128 -37.78 0.68 -0.27
CA ARG B 128 -39.12 1.12 0.11
C ARG B 128 -39.11 1.74 1.50
N LEU B 129 -38.46 1.07 2.46
CA LEU B 129 -38.35 1.60 3.81
C LEU B 129 -37.65 2.97 3.81
N VAL B 130 -36.56 3.08 3.03
CA VAL B 130 -35.78 4.32 3.00
C VAL B 130 -36.63 5.43 2.40
N SER B 131 -37.36 5.13 1.32
CA SER B 131 -38.25 6.08 0.69
C SER B 131 -39.34 6.55 1.65
N ALA B 132 -39.90 5.61 2.43
CA ALA B 132 -41.04 5.91 3.29
C ALA B 132 -40.60 6.71 4.53
N ALA B 133 -39.33 6.63 4.92
CA ALA B 133 -38.88 7.27 6.15
C ALA B 133 -39.09 8.79 6.05
N GLU B 134 -39.52 9.39 7.17
CA GLU B 134 -39.73 10.83 7.25
C GLU B 134 -38.40 11.58 7.25
N ASP B 135 -37.41 11.02 7.97
CA ASP B 135 -36.09 11.60 8.09
C ASP B 135 -35.07 10.61 7.53
N LYS B 136 -34.79 9.54 8.28
CA LYS B 136 -33.85 8.53 7.86
C LYS B 136 -34.30 7.17 8.34
N PHE B 137 -33.93 6.12 7.63
CA PHE B 137 -34.27 4.77 8.05
C PHE B 137 -33.11 4.17 8.83
N ASP B 138 -33.43 3.45 9.91
CA ASP B 138 -32.46 3.00 10.89
C ASP B 138 -32.05 1.56 10.59
N ILE B 139 -30.75 1.34 10.42
CA ILE B 139 -30.17 0.02 10.31
C ILE B 139 -29.26 -0.23 11.51
N ILE B 140 -29.42 -1.39 12.13
CA ILE B 140 -28.52 -1.86 13.16
C ILE B 140 -27.66 -2.95 12.54
N SER B 141 -26.34 -2.73 12.58
CA SER B 141 -25.37 -3.60 11.93
C SER B 141 -24.43 -4.14 13.00
N THR B 142 -24.30 -5.48 13.07
CA THR B 142 -23.45 -6.08 14.08
C THR B 142 -22.62 -7.23 13.48
N GLY B 143 -22.45 -7.24 12.16
CA GLY B 143 -21.51 -8.10 11.47
C GLY B 143 -20.64 -7.29 10.50
N SER B 144 -20.15 -7.94 9.44
CA SER B 144 -19.49 -7.22 8.36
C SER B 144 -20.52 -6.32 7.68
N GLU B 145 -20.07 -5.22 7.09
CA GLU B 145 -21.00 -4.25 6.54
C GLU B 145 -21.02 -4.36 5.01
N THR B 146 -20.68 -5.56 4.52
CA THR B 146 -20.68 -5.86 3.09
C THR B 146 -22.06 -5.59 2.49
N ASN B 147 -23.11 -6.12 3.11
CA ASN B 147 -24.46 -6.00 2.58
C ASN B 147 -24.81 -4.54 2.34
N ILE B 148 -24.51 -3.68 3.32
CA ILE B 148 -24.93 -2.30 3.23
C ILE B 148 -24.11 -1.59 2.16
N ALA B 149 -22.84 -1.96 2.05
CA ALA B 149 -21.98 -1.38 1.04
C ALA B 149 -22.46 -1.79 -0.35
N GLN B 150 -22.82 -3.07 -0.49
CA GLN B 150 -23.39 -3.57 -1.74
C GLN B 150 -24.65 -2.79 -2.12
N TYR B 151 -25.48 -2.53 -1.10
CA TYR B 151 -26.73 -1.81 -1.30
C TYR B 151 -26.44 -0.41 -1.81
N LEU B 152 -25.48 0.28 -1.21
CA LEU B 152 -25.20 1.67 -1.54
C LEU B 152 -24.49 1.80 -2.89
N LEU B 153 -23.82 0.72 -3.35
CA LEU B 153 -23.32 0.70 -4.71
C LEU B 153 -24.49 0.61 -5.70
N ALA B 154 -25.58 -0.02 -5.28
CA ALA B 154 -26.76 -0.15 -6.13
C ALA B 154 -27.66 1.07 -6.01
N TYR B 155 -27.83 1.60 -4.79
CA TYR B 155 -28.76 2.70 -4.54
C TYR B 155 -28.02 3.85 -3.86
N PRO B 156 -27.03 4.47 -4.52
CA PRO B 156 -26.20 5.48 -3.88
C PRO B 156 -26.97 6.70 -3.36
N GLU B 157 -28.12 6.99 -3.96
CA GLU B 157 -28.91 8.17 -3.61
C GLU B 157 -29.63 7.95 -2.28
N ASP B 158 -29.67 6.71 -1.79
CA ASP B 158 -30.33 6.37 -0.53
C ASP B 158 -29.43 6.61 0.68
N ALA B 159 -28.13 6.87 0.48
CA ALA B 159 -27.18 6.97 1.57
C ALA B 159 -27.59 8.07 2.55
N LYS B 160 -27.97 9.24 2.00
CA LYS B 160 -28.32 10.40 2.80
C LYS B 160 -29.57 10.16 3.66
N LYS B 161 -30.35 9.09 3.38
CA LYS B 161 -31.56 8.81 4.14
C LYS B 161 -31.40 7.59 5.04
N ILE B 162 -30.16 7.13 5.26
CA ILE B 162 -29.91 5.98 6.10
C ILE B 162 -29.15 6.41 7.34
N ARG B 163 -29.56 5.85 8.49
CA ARG B 163 -28.87 6.04 9.75
C ARG B 163 -28.42 4.66 10.22
N MET B 164 -27.10 4.49 10.43
CA MET B 164 -26.55 3.22 10.83
C MET B 164 -26.05 3.30 12.26
N THR B 165 -26.42 2.28 13.04
CA THR B 165 -25.99 2.11 14.42
C THR B 165 -25.29 0.76 14.49
N THR B 166 -24.01 0.80 14.80
CA THR B 166 -23.14 -0.33 14.51
C THR B 166 -22.43 -0.80 15.78
N MET B 167 -22.22 -2.11 15.87
CA MET B 167 -21.20 -2.66 16.74
C MET B 167 -20.00 -2.91 15.84
N ALA B 168 -18.98 -2.05 15.99
CA ALA B 168 -17.79 -2.07 15.17
C ALA B 168 -16.67 -1.25 15.81
N GLY B 169 -15.45 -1.72 15.60
CA GLY B 169 -14.28 -0.90 15.84
C GLY B 169 -13.79 -0.90 17.27
N ASN B 170 -12.66 -0.23 17.43
CA ASN B 170 -11.99 0.02 18.68
C ASN B 170 -11.21 1.32 18.44
N PHE B 171 -11.22 2.20 19.44
CA PHE B 171 -10.67 3.53 19.25
C PHE B 171 -9.58 3.77 20.29
N MET B 172 -9.92 3.71 21.57
CA MET B 172 -9.03 4.00 22.68
C MET B 172 -8.54 2.71 23.35
N ILE B 173 -8.93 1.54 22.83
CA ILE B 173 -8.27 0.30 23.20
C ILE B 173 -7.90 -0.48 21.94
N VAL B 174 -7.11 -1.54 22.12
CA VAL B 174 -6.61 -2.34 21.01
C VAL B 174 -7.70 -3.30 20.56
N GLY B 175 -7.40 -4.12 19.55
CA GLY B 175 -8.41 -4.92 18.86
C GLY B 175 -8.62 -6.28 19.53
N ASN B 176 -9.31 -7.19 18.84
CA ASN B 176 -9.50 -8.53 19.34
C ASN B 176 -8.79 -9.52 18.41
N ILE B 177 -9.27 -9.65 17.17
CA ILE B 177 -8.79 -10.71 16.29
C ILE B 177 -7.48 -10.29 15.63
N MET B 178 -7.25 -8.97 15.54
CA MET B 178 -5.94 -8.48 15.18
C MET B 178 -5.54 -7.42 16.20
N PRO B 179 -4.23 -7.12 16.31
CA PRO B 179 -3.74 -6.24 17.37
C PRO B 179 -4.51 -4.93 17.55
N PHE B 180 -4.86 -4.25 16.45
CA PHE B 180 -5.39 -2.89 16.56
C PHE B 180 -6.73 -2.76 15.86
N ALA B 181 -7.38 -3.88 15.53
CA ALA B 181 -8.65 -3.82 14.82
C ALA B 181 -9.61 -4.89 15.33
N GLU B 182 -10.88 -4.58 15.10
CA GLU B 182 -11.99 -5.38 15.58
C GLU B 182 -12.52 -6.20 14.40
N PHE B 183 -13.03 -7.40 14.72
CA PHE B 183 -13.44 -8.38 13.73
C PHE B 183 -14.31 -7.81 12.61
N ASN B 184 -15.41 -7.15 12.97
CA ASN B 184 -16.41 -6.70 12.00
C ASN B 184 -15.84 -5.73 10.95
N VAL B 185 -14.88 -4.90 11.36
CA VAL B 185 -14.27 -3.98 10.41
C VAL B 185 -13.26 -4.73 9.57
N LEU B 186 -12.44 -5.58 10.19
CA LEU B 186 -11.27 -6.08 9.47
C LEU B 186 -11.67 -7.16 8.47
N ILE B 187 -12.86 -7.75 8.59
CA ILE B 187 -13.30 -8.69 7.58
C ILE B 187 -13.77 -8.00 6.30
N ASP B 188 -14.18 -6.73 6.36
CA ASP B 188 -14.44 -5.99 5.12
C ASP B 188 -14.22 -4.50 5.37
N PRO B 189 -12.94 -4.08 5.41
CA PRO B 189 -12.60 -2.68 5.68
C PRO B 189 -13.09 -1.76 4.58
N GLU B 190 -13.01 -2.23 3.33
CA GLU B 190 -13.46 -1.46 2.18
C GLU B 190 -14.95 -1.15 2.29
N ALA B 191 -15.74 -2.08 2.83
CA ALA B 191 -17.17 -1.86 2.96
C ALA B 191 -17.42 -0.65 3.85
N ILE B 192 -16.81 -0.64 5.05
CA ILE B 192 -17.07 0.42 6.01
C ILE B 192 -16.52 1.73 5.47
N SER B 193 -15.39 1.64 4.78
CA SER B 193 -14.76 2.82 4.21
C SER B 193 -15.68 3.47 3.16
N ASN B 194 -16.31 2.65 2.32
CA ASN B 194 -17.31 3.11 1.35
C ASN B 194 -18.46 3.79 2.07
N ILE B 195 -18.93 3.17 3.16
CA ILE B 195 -20.10 3.68 3.87
C ILE B 195 -19.79 5.06 4.46
N LEU B 196 -18.62 5.21 5.07
CA LEU B 196 -18.26 6.46 5.72
C LEU B 196 -18.05 7.57 4.71
N GLN B 197 -17.84 7.23 3.44
CA GLN B 197 -17.73 8.23 2.40
C GLN B 197 -19.07 8.47 1.71
N SER B 198 -20.10 7.68 2.01
CA SER B 198 -21.28 7.62 1.17
C SER B 198 -22.26 8.77 1.47
N GLY B 199 -22.18 9.36 2.67
CA GLY B 199 -23.19 10.28 3.15
C GLY B 199 -24.12 9.66 4.20
N VAL B 200 -23.92 8.39 4.57
CA VAL B 200 -24.67 7.76 5.63
C VAL B 200 -24.42 8.48 6.96
N ASP B 201 -25.47 8.59 7.78
CA ASP B 201 -25.34 9.01 9.17
C ASP B 201 -24.92 7.79 10.00
N TYR B 202 -23.63 7.74 10.35
CA TYR B 202 -23.00 6.54 10.87
C TYR B 202 -22.62 6.73 12.33
N THR B 203 -23.02 5.78 13.18
CA THR B 203 -22.66 5.83 14.59
C THR B 203 -21.97 4.54 14.98
N PHE B 204 -20.75 4.69 15.50
CA PHE B 204 -20.08 3.63 16.21
C PHE B 204 -20.63 3.60 17.64
N ALA B 205 -21.75 2.89 17.79
CA ALA B 205 -22.53 2.87 19.01
C ALA B 205 -21.87 1.97 20.05
N ALA B 206 -21.16 0.94 19.59
CA ALA B 206 -20.69 -0.11 20.49
C ALA B 206 -19.33 -0.63 20.03
N PRO B 207 -18.27 0.20 20.05
CA PRO B 207 -16.91 -0.31 19.85
C PRO B 207 -16.51 -1.19 21.02
N LEU B 208 -15.34 -1.83 20.92
CA LEU B 208 -14.82 -2.63 22.01
C LEU B 208 -14.64 -1.75 23.25
N ASP B 209 -14.41 -0.44 23.04
CA ASP B 209 -14.24 0.52 24.13
C ASP B 209 -15.37 0.36 25.14
N ILE B 210 -16.60 0.17 24.63
CA ILE B 210 -17.76 0.00 25.49
C ILE B 210 -17.96 -1.47 25.81
N THR B 211 -18.02 -2.32 24.79
CA THR B 211 -18.51 -3.68 24.96
C THR B 211 -17.60 -4.53 25.85
N HIS B 212 -16.31 -4.18 25.97
CA HIS B 212 -15.41 -4.94 26.84
C HIS B 212 -15.71 -4.66 28.31
N THR B 213 -16.56 -3.66 28.59
CA THR B 213 -17.00 -3.33 29.94
C THR B 213 -18.39 -3.91 30.20
N VAL B 214 -18.96 -4.70 29.26
CA VAL B 214 -20.32 -5.19 29.37
C VAL B 214 -20.28 -6.72 29.42
N LEU B 215 -20.00 -7.23 30.63
CA LEU B 215 -19.60 -8.61 30.83
C LEU B 215 -20.76 -9.40 31.43
N VAL B 216 -20.87 -10.66 31.03
CA VAL B 216 -21.82 -11.59 31.63
C VAL B 216 -21.21 -12.14 32.92
N THR B 217 -21.36 -11.38 34.01
CA THR B 217 -20.90 -11.76 35.35
C THR B 217 -21.86 -12.77 35.98
N GLU B 218 -21.56 -13.21 37.23
CA GLU B 218 -22.42 -14.11 37.97
C GLU B 218 -23.70 -13.38 38.40
N LYS B 219 -23.61 -12.09 38.71
CA LYS B 219 -24.79 -11.32 39.08
C LYS B 219 -25.79 -11.29 37.92
N VAL B 220 -25.27 -11.13 36.70
CA VAL B 220 -26.08 -11.11 35.49
C VAL B 220 -26.76 -12.48 35.32
N ILE B 221 -26.04 -13.58 35.60
CA ILE B 221 -26.60 -14.92 35.47
C ILE B 221 -27.78 -15.11 36.42
N ASN B 222 -27.67 -14.61 37.65
CA ASN B 222 -28.71 -14.83 38.66
C ASN B 222 -29.94 -13.99 38.36
N ASP B 223 -29.74 -12.80 37.76
CA ASP B 223 -30.85 -11.94 37.37
C ASP B 223 -31.62 -12.55 36.20
N ILE B 224 -30.90 -13.24 35.30
CA ILE B 224 -31.53 -13.96 34.19
C ILE B 224 -32.40 -15.08 34.77
N LYS B 225 -31.85 -15.88 35.70
CA LYS B 225 -32.61 -16.97 36.31
C LYS B 225 -33.86 -16.40 36.99
N ALA B 226 -33.70 -15.31 37.75
CA ALA B 226 -34.80 -14.68 38.46
C ALA B 226 -35.94 -14.27 37.52
N ALA B 227 -35.59 -13.82 36.30
CA ALA B 227 -36.57 -13.28 35.37
C ALA B 227 -37.16 -14.37 34.48
N THR B 228 -36.49 -15.53 34.36
CA THR B 228 -36.88 -16.50 33.34
C THR B 228 -37.28 -17.84 33.94
N GLU B 229 -36.60 -18.31 34.99
CA GLU B 229 -36.86 -19.64 35.55
C GLU B 229 -38.35 -19.80 35.84
N PRO B 230 -39.04 -18.85 36.53
CA PRO B 230 -40.45 -19.03 36.88
C PRO B 230 -41.39 -19.25 35.70
N TYR B 231 -40.96 -18.91 34.48
CA TYR B 231 -41.81 -19.00 33.30
C TYR B 231 -41.39 -20.12 32.37
N SER B 232 -40.08 -20.36 32.24
CA SER B 232 -39.59 -21.29 31.23
C SER B 232 -38.22 -21.81 31.61
N PRO B 233 -38.14 -22.90 32.40
CA PRO B 233 -36.85 -23.46 32.84
C PRO B 233 -35.94 -23.82 31.67
N LYS B 234 -36.53 -24.34 30.60
CA LYS B 234 -35.75 -24.78 29.44
C LYS B 234 -35.14 -23.57 28.75
N PHE B 235 -35.88 -22.46 28.63
CA PHE B 235 -35.32 -21.26 28.02
C PHE B 235 -34.16 -20.72 28.86
N THR B 236 -34.28 -20.85 30.18
CA THR B 236 -33.22 -20.48 31.10
C THR B 236 -31.98 -21.31 30.78
N GLU B 237 -32.18 -22.63 30.62
CA GLU B 237 -31.10 -23.53 30.35
C GLU B 237 -30.42 -23.13 29.03
N MET B 238 -31.24 -22.85 28.01
CA MET B 238 -30.76 -22.58 26.66
C MET B 238 -29.97 -21.27 26.62
N ILE B 239 -30.52 -20.19 27.19
CA ILE B 239 -29.88 -18.90 27.10
C ILE B 239 -28.57 -18.93 27.89
N ILE B 240 -28.57 -19.66 29.01
CA ILE B 240 -27.39 -19.72 29.86
C ILE B 240 -26.31 -20.54 29.15
N LYS B 241 -26.67 -21.69 28.57
CA LYS B 241 -25.70 -22.54 27.89
C LYS B 241 -25.10 -21.79 26.70
N LEU B 242 -25.90 -20.94 26.05
CA LEU B 242 -25.45 -20.13 24.92
C LEU B 242 -24.42 -19.10 25.36
N LEU B 243 -24.68 -18.41 26.47
CA LEU B 243 -23.73 -17.43 27.00
C LEU B 243 -22.53 -18.15 27.64
N PHE B 244 -22.69 -19.41 28.07
CA PHE B 244 -21.61 -20.21 28.63
C PHE B 244 -20.69 -20.76 27.55
N PHE B 245 -21.23 -21.21 26.42
CA PHE B 245 -20.39 -21.62 25.29
C PHE B 245 -19.49 -20.45 24.89
N PHE B 246 -20.13 -19.27 24.83
CA PHE B 246 -19.51 -18.00 24.53
C PHE B 246 -18.50 -17.59 25.60
N LYS B 247 -18.69 -18.07 26.85
CA LYS B 247 -17.81 -17.83 27.99
C LYS B 247 -16.56 -18.69 27.88
N ASP B 248 -16.74 -19.98 27.58
CA ASP B 248 -15.64 -20.94 27.55
C ASP B 248 -14.64 -20.55 26.46
N THR B 249 -15.18 -20.13 25.31
CA THR B 249 -14.38 -19.79 24.14
C THR B 249 -13.59 -18.51 24.39
N TYR B 250 -14.25 -17.48 24.96
CA TYR B 250 -13.61 -16.21 25.27
C TYR B 250 -12.53 -16.38 26.32
N ARG B 251 -12.71 -17.30 27.28
CA ARG B 251 -11.67 -17.58 28.27
C ARG B 251 -10.52 -18.29 27.55
N ASP B 252 -10.85 -19.28 26.72
CA ASP B 252 -9.87 -20.08 26.00
C ASP B 252 -8.97 -19.19 25.15
N VAL B 253 -9.57 -18.24 24.40
CA VAL B 253 -8.86 -17.55 23.33
C VAL B 253 -8.26 -16.23 23.84
N PHE B 254 -8.95 -15.50 24.73
CA PHE B 254 -8.53 -14.16 25.13
C PHE B 254 -8.37 -14.00 26.65
N GLY B 255 -8.61 -15.06 27.43
CA GLY B 255 -8.45 -15.02 28.87
C GLY B 255 -9.38 -14.03 29.59
N PHE B 256 -10.58 -13.80 29.05
CA PHE B 256 -11.62 -13.09 29.78
C PHE B 256 -12.21 -14.01 30.86
N ILE B 257 -12.38 -13.52 32.09
CA ILE B 257 -13.09 -14.28 33.12
C ILE B 257 -14.57 -14.34 32.77
N ASP B 258 -15.17 -13.17 32.49
CA ASP B 258 -16.56 -13.06 32.10
C ASP B 258 -16.63 -12.51 30.68
N PRO B 259 -17.41 -13.13 29.77
CA PRO B 259 -17.36 -12.73 28.35
C PRO B 259 -18.14 -11.45 28.10
N PRO B 260 -17.68 -10.58 27.17
CA PRO B 260 -18.44 -9.39 26.80
C PRO B 260 -19.62 -9.77 25.93
N LEU B 261 -20.71 -9.03 26.06
CA LEU B 261 -21.85 -9.19 25.19
C LEU B 261 -21.94 -7.95 24.29
N HIS B 262 -21.51 -8.11 23.03
CA HIS B 262 -21.17 -6.98 22.17
C HIS B 262 -22.39 -6.39 21.50
N ASP B 263 -23.04 -7.20 20.67
CA ASP B 263 -23.95 -6.71 19.64
C ASP B 263 -25.20 -6.05 20.22
N PRO B 264 -25.83 -6.55 21.31
CA PRO B 264 -27.04 -5.92 21.85
C PRO B 264 -26.86 -4.45 22.24
N VAL B 265 -25.63 -4.06 22.55
CA VAL B 265 -25.34 -2.69 22.96
C VAL B 265 -25.66 -1.73 21.82
N ALA B 266 -25.46 -2.20 20.58
CA ALA B 266 -25.81 -1.45 19.39
C ALA B 266 -27.30 -1.19 19.34
N ALA B 267 -28.09 -2.25 19.55
CA ALA B 267 -29.54 -2.13 19.58
C ALA B 267 -29.95 -1.26 20.77
N PHE B 268 -29.23 -1.40 21.89
CA PHE B 268 -29.54 -0.63 23.06
C PHE B 268 -29.39 0.87 22.74
N HIS B 269 -28.46 1.22 21.86
CA HIS B 269 -28.21 2.62 21.55
C HIS B 269 -29.42 3.23 20.85
N LEU B 270 -30.07 2.43 20.00
CA LEU B 270 -31.23 2.93 19.27
C LEU B 270 -32.41 3.02 20.24
N ILE B 271 -32.54 2.04 21.14
CA ILE B 271 -33.59 2.03 22.15
C ILE B 271 -33.42 3.23 23.07
N ALA B 272 -32.18 3.48 23.54
CA ALA B 272 -31.95 4.34 24.69
C ALA B 272 -30.63 5.10 24.54
N PRO B 273 -30.52 6.05 23.58
CA PRO B 273 -29.26 6.74 23.33
C PRO B 273 -28.74 7.63 24.47
N GLU B 274 -29.62 7.98 25.41
CA GLU B 274 -29.30 8.88 26.52
C GLU B 274 -28.20 8.30 27.42
N TRP B 275 -28.02 6.98 27.41
CA TRP B 275 -27.03 6.32 28.25
C TRP B 275 -25.63 6.30 27.64
N PHE B 276 -25.46 6.88 26.44
CA PHE B 276 -24.18 6.83 25.74
C PHE B 276 -23.55 8.22 25.68
N GLU B 277 -22.25 8.29 25.97
CA GLU B 277 -21.42 9.40 25.54
C GLU B 277 -21.32 9.36 24.01
N HIS B 278 -21.13 10.53 23.40
CA HIS B 278 -21.10 10.60 21.95
C HIS B 278 -20.23 11.77 21.54
N VAL B 279 -19.46 11.58 20.46
CA VAL B 279 -18.68 12.65 19.88
C VAL B 279 -18.65 12.45 18.37
N ARG B 280 -18.67 13.58 17.63
CA ARG B 280 -18.52 13.57 16.18
C ARG B 280 -17.03 13.70 15.88
N CYS B 281 -16.58 13.05 14.80
CA CYS B 281 -15.19 13.10 14.41
C CYS B 281 -15.03 12.54 13.00
N HIS B 282 -13.80 12.63 12.47
CA HIS B 282 -13.43 12.00 11.22
C HIS B 282 -12.77 10.65 11.51
N VAL B 283 -13.37 9.58 11.00
CA VAL B 283 -12.80 8.26 11.11
C VAL B 283 -12.23 7.87 9.75
N ASP B 284 -10.94 7.50 9.73
CA ASP B 284 -10.32 6.87 8.60
C ASP B 284 -10.22 5.37 8.89
N ILE B 285 -10.60 4.56 7.89
CA ILE B 285 -10.48 3.12 7.97
C ILE B 285 -9.24 2.69 7.21
N GLU B 286 -8.35 1.96 7.87
CA GLU B 286 -7.16 1.50 7.20
C GLU B 286 -7.55 0.40 6.22
N THR B 287 -7.24 0.61 4.93
CA THR B 287 -7.46 -0.39 3.90
C THR B 287 -6.14 -0.84 3.26
N LYS B 288 -5.07 -0.04 3.40
CA LYS B 288 -3.80 -0.31 2.73
C LYS B 288 -2.85 -1.14 3.62
N GLY B 289 -3.00 -1.07 4.95
CA GLY B 289 -2.04 -1.70 5.83
C GLY B 289 -2.01 -3.22 5.70
N GLU B 290 -0.82 -3.79 5.78
CA GLU B 290 -0.62 -5.23 5.65
C GLU B 290 -1.10 -5.93 6.92
N TYR B 291 -0.91 -5.30 8.09
CA TYR B 291 -1.18 -5.92 9.36
C TYR B 291 -2.21 -5.14 10.16
N THR B 292 -2.70 -4.02 9.60
CA THR B 292 -3.50 -3.05 10.33
C THR B 292 -4.79 -2.69 9.60
N TYR B 293 -5.13 -3.41 8.53
CA TYR B 293 -6.37 -3.15 7.82
C TYR B 293 -7.54 -3.27 8.78
N GLY B 294 -8.48 -2.33 8.66
CA GLY B 294 -9.67 -2.33 9.51
C GLY B 294 -9.49 -1.51 10.78
N CYS B 295 -8.32 -0.90 10.98
CA CYS B 295 -8.15 0.02 12.08
C CYS B 295 -9.03 1.25 11.88
N CYS B 296 -9.68 1.67 12.96
CA CYS B 296 -10.50 2.87 13.01
C CYS B 296 -9.68 4.03 13.58
N CYS B 297 -9.15 4.88 12.70
CA CYS B 297 -8.20 5.91 13.08
C CYS B 297 -8.88 7.27 13.13
N THR B 298 -8.77 7.94 14.27
CA THR B 298 -9.44 9.20 14.56
C THR B 298 -8.42 10.13 15.21
N ASN B 299 -8.82 11.38 15.42
CA ASN B 299 -8.07 12.43 16.09
C ASN B 299 -8.18 12.38 17.63
N LEU B 300 -8.79 11.35 18.22
CA LEU B 300 -9.43 11.50 19.53
C LEU B 300 -8.49 11.34 20.73
N ILE B 301 -7.18 11.14 20.51
CA ILE B 301 -6.22 11.11 21.60
C ILE B 301 -5.80 12.56 21.93
N LEU B 302 -6.06 13.50 21.00
CA LEU B 302 -5.39 14.79 20.95
C LEU B 302 -6.31 15.94 21.37
N LYS B 303 -5.69 17.10 21.62
CA LYS B 303 -6.36 18.26 22.20
C LYS B 303 -5.77 19.56 21.62
N LYS B 312 -10.11 17.59 8.03
CA LYS B 312 -11.00 16.58 7.39
C LYS B 312 -12.38 16.64 8.04
N PRO B 313 -13.49 16.71 7.27
CA PRO B 313 -14.82 16.85 7.89
C PRO B 313 -15.24 15.62 8.70
N ASP B 314 -16.08 15.84 9.70
CA ASP B 314 -16.67 14.76 10.48
C ASP B 314 -17.45 13.84 9.56
N ASN B 315 -17.32 12.54 9.78
CA ASN B 315 -18.06 11.57 8.99
C ASN B 315 -18.71 10.52 9.88
N ALA B 316 -18.75 10.71 11.19
CA ALA B 316 -19.26 9.68 12.07
C ALA B 316 -19.44 10.21 13.49
N THR B 317 -20.29 9.52 14.25
CA THR B 317 -20.38 9.66 15.69
C THR B 317 -19.72 8.44 16.32
N VAL B 318 -18.96 8.66 17.39
CA VAL B 318 -18.32 7.60 18.12
C VAL B 318 -18.81 7.66 19.56
N CYS B 319 -19.19 6.51 20.09
CA CYS B 319 -19.60 6.39 21.48
C CYS B 319 -18.52 5.62 22.23
N LEU B 320 -17.77 6.33 23.08
CA LEU B 320 -16.58 5.79 23.72
C LEU B 320 -16.89 5.17 25.08
N LYS B 321 -18.01 5.58 25.70
CA LYS B 321 -18.32 5.15 27.05
C LYS B 321 -19.83 5.25 27.28
N LEU B 322 -20.34 4.36 28.14
CA LEU B 322 -21.67 4.53 28.72
C LEU B 322 -21.58 5.51 29.87
N LYS B 323 -22.60 6.36 30.03
CA LYS B 323 -22.73 7.18 31.22
C LYS B 323 -22.91 6.25 32.41
N GLU B 324 -22.48 6.70 33.60
CA GLU B 324 -22.67 5.91 34.81
C GLU B 324 -24.16 5.70 35.02
N GLY B 325 -24.55 4.45 35.31
CA GLY B 325 -25.93 4.02 35.22
C GLY B 325 -26.19 3.18 33.97
N GLY B 326 -25.40 3.43 32.92
CA GLY B 326 -25.62 2.85 31.59
C GLY B 326 -25.58 1.33 31.59
N HIS B 327 -24.63 0.74 32.31
CA HIS B 327 -24.51 -0.71 32.38
C HIS B 327 -25.78 -1.34 32.96
N ASP B 328 -26.32 -0.74 34.03
CA ASP B 328 -27.48 -1.32 34.71
C ASP B 328 -28.71 -1.13 33.83
N ALA B 329 -28.84 0.05 33.21
CA ALA B 329 -29.90 0.30 32.26
C ALA B 329 -29.84 -0.73 31.12
N PHE B 330 -28.65 -1.08 30.65
CA PHE B 330 -28.52 -2.05 29.58
C PHE B 330 -29.02 -3.43 30.03
N TRP B 331 -28.53 -3.90 31.18
CA TRP B 331 -28.92 -5.21 31.69
C TRP B 331 -30.40 -5.26 32.05
N ASN B 332 -30.95 -4.19 32.60
CA ASN B 332 -32.38 -4.17 32.91
C ASN B 332 -33.17 -4.42 31.63
N GLN B 333 -32.83 -3.66 30.58
CA GLN B 333 -33.50 -3.78 29.31
C GLN B 333 -33.41 -5.23 28.80
N MET B 334 -32.21 -5.80 28.95
CA MET B 334 -31.88 -7.08 28.37
C MET B 334 -32.58 -8.20 29.13
N ILE B 335 -32.61 -8.10 30.47
CA ILE B 335 -33.18 -9.15 31.28
C ILE B 335 -34.70 -9.10 31.18
N THR B 336 -35.28 -7.91 31.02
CA THR B 336 -36.71 -7.75 30.79
C THR B 336 -37.14 -8.49 29.54
N VAL B 337 -36.43 -8.27 28.43
CA VAL B 337 -36.76 -8.94 27.19
C VAL B 337 -36.66 -10.45 27.39
N TRP B 338 -35.60 -10.92 28.05
CA TRP B 338 -35.45 -12.35 28.27
C TRP B 338 -36.59 -12.89 29.14
N GLY B 339 -37.08 -12.06 30.07
CA GLY B 339 -38.27 -12.38 30.86
C GLY B 339 -39.52 -12.56 30.00
N GLU B 340 -39.77 -11.62 29.10
CA GLU B 340 -40.93 -11.63 28.22
C GLU B 340 -40.89 -12.85 27.30
N ILE B 341 -39.71 -13.22 26.81
CA ILE B 341 -39.56 -14.36 25.92
C ILE B 341 -39.86 -15.63 26.70
N ALA B 342 -39.44 -15.68 27.96
CA ALA B 342 -39.73 -16.82 28.82
C ALA B 342 -41.23 -16.99 29.01
N LYS B 343 -41.96 -15.90 29.22
CA LYS B 343 -43.41 -15.94 29.35
C LYS B 343 -44.03 -16.58 28.11
N GLU B 344 -43.58 -16.15 26.94
CA GLU B 344 -44.18 -16.59 25.68
C GLU B 344 -43.85 -18.06 25.41
N ILE B 345 -42.61 -18.45 25.67
CA ILE B 345 -42.20 -19.83 25.46
C ILE B 345 -42.96 -20.73 26.43
N GLY B 346 -43.15 -20.30 27.68
CA GLY B 346 -43.85 -21.08 28.68
C GLY B 346 -43.06 -22.32 29.12
N LYS B 347 -43.69 -23.24 29.87
CA LYS B 347 -43.02 -24.41 30.41
C LYS B 347 -43.04 -25.57 29.39
N MET C 1 39.27 21.89 -21.67
CA MET C 1 38.16 21.81 -20.70
C MET C 1 37.67 20.36 -20.60
N SER C 2 38.01 19.71 -19.48
CA SER C 2 37.71 18.31 -19.25
C SER C 2 36.85 18.16 -17.99
N ILE C 3 35.85 17.27 -18.02
CA ILE C 3 34.81 17.24 -16.99
C ILE C 3 35.15 16.23 -15.91
N LYS C 4 35.29 16.72 -14.68
CA LYS C 4 35.49 15.84 -13.53
C LYS C 4 34.18 15.09 -13.24
N CYS C 5 34.30 13.78 -13.00
CA CYS C 5 33.13 12.98 -12.73
C CYS C 5 33.48 11.75 -11.90
N ALA C 6 32.44 11.07 -11.40
CA ALA C 6 32.58 9.78 -10.75
C ALA C 6 31.60 8.81 -11.39
N LEU C 7 31.94 7.52 -11.35
CA LEU C 7 31.09 6.46 -11.89
C LEU C 7 30.56 5.63 -10.73
N ASP C 8 29.26 5.38 -10.74
CA ASP C 8 28.63 4.42 -9.85
C ASP C 8 28.03 3.31 -10.72
N CYS C 9 28.40 2.05 -10.46
CA CYS C 9 28.00 0.98 -11.35
C CYS C 9 28.07 -0.39 -10.69
N ASP C 10 27.56 -1.41 -11.41
CA ASP C 10 27.46 -2.79 -10.94
C ASP C 10 27.98 -3.75 -11.99
N PRO C 11 29.26 -3.66 -12.41
CA PRO C 11 29.75 -4.48 -13.54
C PRO C 11 29.61 -5.99 -13.34
N GLY C 12 29.00 -6.72 -14.29
CA GLY C 12 28.18 -6.19 -15.38
C GLY C 12 28.97 -5.89 -16.65
N HIS C 13 28.58 -6.50 -17.78
CA HIS C 13 29.25 -6.36 -19.06
C HIS C 13 28.99 -4.99 -19.68
N ASP C 14 27.78 -4.45 -19.54
CA ASP C 14 27.50 -3.08 -19.95
C ASP C 14 28.35 -2.09 -19.17
N ASP C 15 28.47 -2.33 -17.86
CA ASP C 15 29.12 -1.39 -16.96
C ASP C 15 30.61 -1.35 -17.34
N LEU C 16 31.17 -2.52 -17.65
CA LEU C 16 32.54 -2.66 -18.13
C LEU C 16 32.76 -1.80 -19.38
N ALA C 17 31.86 -1.88 -20.36
CA ALA C 17 31.96 -1.05 -21.55
C ALA C 17 31.93 0.42 -21.16
N MET C 18 31.09 0.78 -20.19
CA MET C 18 30.90 2.16 -19.78
C MET C 18 32.17 2.69 -19.11
N ILE C 19 32.83 1.84 -18.32
CA ILE C 19 34.05 2.25 -17.63
C ILE C 19 35.14 2.53 -18.66
N MET C 20 35.25 1.67 -19.68
CA MET C 20 36.22 1.85 -20.76
C MET C 20 36.02 3.22 -21.45
N LEU C 21 34.77 3.52 -21.81
CA LEU C 21 34.46 4.74 -22.52
C LEU C 21 34.81 5.95 -21.66
N ALA C 22 34.48 5.89 -20.36
CA ALA C 22 34.56 7.05 -19.49
C ALA C 22 36.01 7.33 -19.13
N VAL C 23 36.78 6.26 -18.83
CA VAL C 23 38.15 6.40 -18.41
C VAL C 23 39.04 6.87 -19.57
N TYR C 24 38.81 6.39 -20.79
CA TYR C 24 39.67 6.72 -21.92
C TYR C 24 39.16 7.92 -22.70
N SER C 25 37.93 8.36 -22.48
CA SER C 25 37.43 9.53 -23.19
C SER C 25 38.20 10.76 -22.74
N PRO C 26 38.77 11.55 -23.68
CA PRO C 26 39.43 12.82 -23.34
C PRO C 26 38.53 13.86 -22.69
N LYS C 27 37.22 13.77 -22.92
CA LYS C 27 36.27 14.75 -22.40
C LYS C 27 36.05 14.58 -20.89
N LEU C 28 36.32 13.38 -20.36
CA LEU C 28 36.01 13.06 -18.97
C LEU C 28 37.28 12.87 -18.15
N ASP C 29 37.19 13.20 -16.86
CA ASP C 29 38.24 12.95 -15.90
C ASP C 29 37.67 12.20 -14.70
N VAL C 30 37.71 10.86 -14.75
CA VAL C 30 37.09 10.01 -13.76
C VAL C 30 37.91 10.08 -12.47
N GLN C 31 37.28 10.57 -11.39
CA GLN C 31 37.90 10.73 -10.09
C GLN C 31 37.88 9.41 -9.32
N TYR C 32 36.79 8.64 -9.44
CA TYR C 32 36.70 7.36 -8.75
C TYR C 32 35.57 6.52 -9.34
N ILE C 33 35.57 5.25 -8.97
CA ILE C 33 34.47 4.35 -9.23
C ILE C 33 33.99 3.79 -7.89
N SER C 34 32.69 3.89 -7.64
CA SER C 34 32.02 3.20 -6.55
C SER C 34 31.14 2.10 -7.13
N THR C 35 31.15 0.92 -6.52
CA THR C 35 30.35 -0.19 -7.01
C THR C 35 29.18 -0.38 -6.06
N THR C 36 28.12 -0.99 -6.60
CA THR C 36 26.88 -1.19 -5.88
C THR C 36 26.40 -2.62 -6.09
N HIS C 37 25.44 -3.02 -5.26
CA HIS C 37 24.73 -4.27 -5.45
C HIS C 37 23.95 -4.16 -6.76
N GLY C 38 23.67 -5.31 -7.36
CA GLY C 38 22.73 -5.33 -8.46
C GLY C 38 22.83 -6.64 -9.21
N ASN C 39 23.47 -6.55 -10.37
CA ASN C 39 23.86 -7.72 -11.15
C ASN C 39 24.36 -8.81 -10.20
N GLN C 40 25.35 -8.47 -9.38
CA GLN C 40 25.93 -9.39 -8.43
C GLN C 40 25.99 -8.72 -7.06
N THR C 41 26.50 -9.45 -6.06
CA THR C 41 26.87 -8.86 -4.79
C THR C 41 27.89 -7.76 -5.04
N VAL C 42 27.89 -6.75 -4.16
CA VAL C 42 28.71 -5.57 -4.33
C VAL C 42 30.20 -5.94 -4.24
N ASN C 43 30.51 -7.08 -3.58
CA ASN C 43 31.87 -7.54 -3.50
C ASN C 43 32.34 -8.00 -4.88
N LYS C 44 31.45 -8.66 -5.62
CA LYS C 44 31.77 -9.11 -6.96
C LYS C 44 31.85 -7.92 -7.92
N THR C 45 30.97 -6.92 -7.79
CA THR C 45 31.01 -5.80 -8.72
C THR C 45 32.25 -4.94 -8.46
N TYR C 46 32.70 -4.90 -7.21
CA TYR C 46 33.96 -4.26 -6.84
C TYR C 46 35.10 -4.93 -7.61
N GLN C 47 35.22 -6.24 -7.45
CA GLN C 47 36.21 -7.03 -8.16
C GLN C 47 36.12 -6.79 -9.66
N ASN C 48 34.92 -6.73 -10.22
CA ASN C 48 34.75 -6.62 -11.65
C ASN C 48 35.12 -5.23 -12.16
N ALA C 49 34.92 -4.20 -11.34
CA ALA C 49 35.37 -2.86 -11.67
C ALA C 49 36.89 -2.83 -11.78
N ARG C 50 37.55 -3.49 -10.81
CA ARG C 50 39.00 -3.53 -10.73
C ARG C 50 39.57 -4.29 -11.92
N ARG C 51 38.95 -5.42 -12.25
CA ARG C 51 39.32 -6.22 -13.41
C ARG C 51 39.26 -5.37 -14.69
N THR C 52 38.15 -4.64 -14.86
CA THR C 52 38.01 -3.81 -16.03
C THR C 52 39.20 -2.85 -16.10
N LEU C 53 39.47 -2.17 -14.99
CA LEU C 53 40.53 -1.18 -14.93
C LEU C 53 41.89 -1.80 -15.25
N ASN C 54 42.14 -3.02 -14.72
CA ASN C 54 43.42 -3.67 -14.89
C ASN C 54 43.60 -4.08 -16.35
N LEU C 55 42.53 -4.59 -16.96
CA LEU C 55 42.55 -4.95 -18.37
C LEU C 55 42.99 -3.74 -19.20
N ILE C 56 42.47 -2.56 -18.88
CA ILE C 56 42.78 -1.37 -19.66
C ILE C 56 43.94 -0.60 -19.02
N LYS C 57 44.68 -1.25 -18.10
CA LYS C 57 45.91 -0.71 -17.55
C LYS C 57 45.65 0.63 -16.85
N ARG C 58 44.68 0.63 -15.92
CA ARG C 58 44.36 1.81 -15.13
C ARG C 58 44.04 1.46 -13.68
N ALA C 59 44.24 0.21 -13.27
CA ALA C 59 43.84 -0.24 -11.95
C ALA C 59 44.70 0.38 -10.87
N ASP C 60 45.80 1.01 -11.28
CA ASP C 60 46.71 1.66 -10.35
C ASP C 60 46.46 3.16 -10.34
N LYS C 61 45.55 3.65 -11.20
CA LYS C 61 45.30 5.09 -11.30
C LYS C 61 43.97 5.48 -10.67
N ILE C 62 42.90 4.74 -10.99
CA ILE C 62 41.55 5.11 -10.57
C ILE C 62 41.19 4.39 -9.26
N PRO C 63 40.86 5.12 -8.17
CA PRO C 63 40.37 4.46 -6.96
C PRO C 63 38.98 3.85 -7.16
N VAL C 64 38.78 2.67 -6.55
CA VAL C 64 37.52 1.95 -6.63
C VAL C 64 37.03 1.70 -5.21
N TYR C 65 35.81 2.18 -4.93
CA TYR C 65 35.20 2.00 -3.63
C TYR C 65 34.15 0.89 -3.71
N ARG C 66 33.97 0.16 -2.60
CA ARG C 66 32.96 -0.88 -2.52
C ARG C 66 31.79 -0.39 -1.67
N GLY C 67 30.65 -0.17 -2.31
CA GLY C 67 29.53 0.50 -1.70
C GLY C 67 28.60 -0.48 -0.97
N TYR C 68 27.32 -0.10 -0.94
CA TYR C 68 26.35 -0.76 -0.08
C TYR C 68 25.94 -2.10 -0.68
N SER C 69 25.66 -3.07 0.19
CA SER C 69 25.41 -4.43 -0.23
C SER C 69 23.91 -4.68 -0.45
N LYS C 70 23.02 -3.78 -0.04
CA LYS C 70 21.60 -4.05 -0.24
C LYS C 70 20.84 -2.74 -0.37
N PRO C 71 19.61 -2.77 -0.91
CA PRO C 71 18.76 -1.58 -0.97
C PRO C 71 18.43 -0.99 0.40
N LEU C 72 17.90 0.23 0.39
CA LEU C 72 17.52 0.92 1.62
C LEU C 72 16.57 0.08 2.46
N THR C 73 15.46 -0.39 1.87
CA THR C 73 14.38 -1.00 2.64
C THR C 73 13.87 -2.28 1.98
N ARG C 74 14.65 -2.91 1.10
CA ARG C 74 14.25 -4.13 0.43
C ARG C 74 15.41 -5.11 0.41
N GLU C 75 15.10 -6.37 0.02
CA GLU C 75 16.06 -7.45 -0.09
C GLU C 75 16.82 -7.31 -1.41
N SER C 76 18.10 -7.72 -1.41
CA SER C 76 18.90 -7.77 -2.62
C SER C 76 18.32 -8.74 -3.64
N VAL C 77 18.62 -8.49 -4.93
CA VAL C 77 18.17 -9.34 -6.02
C VAL C 77 19.24 -9.32 -7.11
N ALA C 78 20.00 -10.42 -7.25
CA ALA C 78 21.09 -10.47 -8.24
C ALA C 78 20.52 -10.68 -9.64
N CYS C 79 21.29 -10.32 -10.68
CA CYS C 79 20.96 -10.61 -12.07
C CYS C 79 22.03 -11.52 -12.68
N PRO C 80 22.17 -12.80 -12.21
CA PRO C 80 23.14 -13.73 -12.77
C PRO C 80 22.79 -14.37 -14.12
N GLU C 81 21.54 -14.16 -14.59
CA GLU C 81 21.06 -14.79 -15.80
C GLU C 81 21.48 -13.99 -17.04
N ILE C 82 21.89 -12.72 -16.84
CA ILE C 82 22.48 -11.92 -17.91
C ILE C 82 24.00 -11.91 -17.77
N HIS C 83 24.53 -11.99 -16.53
CA HIS C 83 25.92 -11.63 -16.27
C HIS C 83 26.78 -12.79 -15.73
N GLY C 84 26.15 -13.91 -15.35
CA GLY C 84 26.88 -15.07 -14.83
C GLY C 84 27.05 -15.00 -13.31
N GLU C 85 27.72 -16.00 -12.72
CA GLU C 85 27.96 -16.08 -11.29
C GLU C 85 28.94 -14.98 -10.84
N SER C 86 29.99 -14.77 -11.62
CA SER C 86 31.05 -13.81 -11.31
C SER C 86 30.57 -12.37 -11.55
N GLY C 87 29.56 -12.20 -12.41
CA GLY C 87 29.12 -10.88 -12.84
C GLY C 87 29.80 -10.44 -14.15
N LEU C 88 30.90 -11.13 -14.53
CA LEU C 88 31.60 -10.90 -15.78
C LEU C 88 31.99 -12.24 -16.40
N GLY C 89 30.98 -13.05 -16.76
CA GLY C 89 31.23 -14.34 -17.36
C GLY C 89 31.83 -14.18 -18.77
N GLY C 90 32.36 -15.29 -19.28
CA GLY C 90 32.73 -15.41 -20.69
C GLY C 90 34.23 -15.36 -20.95
N VAL C 91 35.00 -15.03 -19.91
CA VAL C 91 36.44 -14.86 -20.01
C VAL C 91 37.10 -15.50 -18.79
N ASP C 92 38.38 -15.85 -18.95
CA ASP C 92 39.20 -16.28 -17.82
C ASP C 92 39.95 -15.07 -17.27
N TRP C 93 39.64 -14.69 -16.02
CA TRP C 93 40.18 -13.50 -15.40
C TRP C 93 41.39 -13.83 -14.53
N SER C 94 41.85 -15.09 -14.49
CA SER C 94 42.78 -15.54 -13.47
C SER C 94 44.10 -14.77 -13.56
N GLU C 95 44.50 -14.42 -14.79
CA GLU C 95 45.71 -13.66 -15.01
C GLU C 95 45.50 -12.20 -14.59
N ILE C 96 44.40 -11.60 -15.06
CA ILE C 96 44.07 -10.21 -14.76
C ILE C 96 44.00 -10.02 -13.24
N ASP C 97 43.52 -11.04 -12.52
CA ASP C 97 43.42 -11.02 -11.07
C ASP C 97 44.81 -11.11 -10.44
N ARG C 98 45.59 -12.12 -10.84
CA ARG C 98 46.88 -12.35 -10.19
C ARG C 98 47.80 -11.15 -10.36
N THR C 99 47.71 -10.40 -11.48
CA THR C 99 48.59 -9.27 -11.73
C THR C 99 47.95 -7.93 -11.36
N MET C 100 47.17 -7.91 -10.29
CA MET C 100 46.27 -6.80 -9.99
C MET C 100 46.98 -5.82 -9.05
N PRO C 101 47.19 -4.54 -9.42
CA PRO C 101 47.83 -3.58 -8.53
C PRO C 101 46.95 -3.27 -7.33
N ARG C 102 47.57 -2.74 -6.28
CA ARG C 102 46.85 -2.27 -5.11
C ARG C 102 45.92 -1.13 -5.52
N ASN C 103 44.78 -1.08 -4.85
CA ASN C 103 43.71 -0.13 -5.14
C ASN C 103 44.09 1.22 -4.54
N PRO C 104 44.24 2.28 -5.36
CA PRO C 104 44.51 3.63 -4.87
C PRO C 104 43.58 4.16 -3.78
N ALA C 105 42.39 3.58 -3.66
CA ALA C 105 41.43 4.00 -2.66
C ALA C 105 41.95 3.65 -1.27
N LEU C 106 42.64 2.52 -1.14
CA LEU C 106 43.25 2.14 0.13
C LEU C 106 44.20 3.22 0.62
N ASP C 107 44.89 3.91 -0.30
CA ASP C 107 45.85 4.96 0.03
C ASP C 107 45.12 6.23 0.49
N ILE C 108 44.08 6.62 -0.25
CA ILE C 108 43.23 7.74 0.15
C ILE C 108 42.67 7.49 1.55
N LEU C 109 42.24 6.25 1.83
CA LEU C 109 41.54 5.90 3.07
C LEU C 109 42.53 5.58 4.19
N GLY C 110 43.79 5.28 3.85
CA GLY C 110 44.79 4.94 4.86
C GLY C 110 44.57 3.53 5.41
N TYR C 111 44.18 2.61 4.54
CA TYR C 111 43.84 1.25 4.93
C TYR C 111 45.00 0.33 4.59
N LYS C 112 45.27 -0.63 5.47
CA LYS C 112 46.25 -1.67 5.20
C LYS C 112 45.79 -2.49 3.99
N ASP C 113 44.55 -2.99 3.99
CA ASP C 113 44.10 -3.90 2.95
C ASP C 113 42.59 -3.79 2.69
N GLU C 114 42.11 -4.60 1.75
CA GLU C 114 40.76 -4.50 1.22
C GLU C 114 39.74 -4.93 2.27
N SER C 115 40.13 -5.76 3.25
CA SER C 115 39.21 -6.24 4.26
C SER C 115 38.64 -5.08 5.11
N GLU C 116 39.20 -3.89 4.97
CA GLU C 116 38.76 -2.73 5.75
C GLU C 116 37.80 -1.85 4.96
N LEU C 117 37.60 -2.15 3.66
CA LEU C 117 36.69 -1.37 2.84
C LEU C 117 35.29 -1.39 3.46
N ARG C 118 34.67 -0.22 3.54
CA ARG C 118 33.34 -0.06 4.10
C ARG C 118 32.48 0.74 3.13
N PRO C 119 31.17 0.45 3.07
CA PRO C 119 30.27 1.08 2.10
C PRO C 119 30.29 2.61 2.02
N ASP C 120 30.50 3.29 3.16
CA ASP C 120 30.46 4.75 3.18
C ASP C 120 31.85 5.37 2.96
N ASP C 121 32.87 4.58 2.63
CA ASP C 121 34.21 5.11 2.42
C ASP C 121 34.26 6.27 1.43
N PHE C 122 33.44 6.21 0.36
CA PHE C 122 33.58 7.15 -0.74
C PHE C 122 33.03 8.53 -0.36
N PHE C 123 32.29 8.59 0.76
CA PHE C 123 31.57 9.80 1.11
C PHE C 123 32.53 11.01 1.11
N LYS C 124 33.61 10.94 1.90
CA LYS C 124 34.45 12.11 2.13
C LYS C 124 35.13 12.54 0.82
N HIS C 125 35.49 11.55 -0.01
CA HIS C 125 36.05 11.83 -1.31
C HIS C 125 35.06 12.65 -2.14
N LEU C 126 33.81 12.15 -2.23
CA LEU C 126 32.80 12.81 -3.04
C LEU C 126 32.49 14.20 -2.48
N HIS C 127 32.47 14.35 -1.16
CA HIS C 127 32.14 15.63 -0.55
C HIS C 127 33.18 16.69 -0.94
N ARG C 128 34.47 16.31 -0.98
CA ARG C 128 35.52 17.21 -1.43
C ARG C 128 35.29 17.63 -2.88
N LEU C 129 34.99 16.65 -3.75
CA LEU C 129 34.69 16.96 -5.15
C LEU C 129 33.49 17.90 -5.27
N VAL C 130 32.43 17.64 -4.48
CA VAL C 130 31.22 18.44 -4.56
C VAL C 130 31.52 19.87 -4.10
N SER C 131 32.28 20.00 -3.01
CA SER C 131 32.69 21.30 -2.51
C SER C 131 33.51 22.07 -3.54
N ALA C 132 34.43 21.37 -4.23
CA ALA C 132 35.36 22.01 -5.16
C ALA C 132 34.65 22.42 -6.46
N ALA C 133 33.54 21.78 -6.80
CA ALA C 133 32.88 22.05 -8.08
C ALA C 133 32.46 23.51 -8.15
N GLU C 134 32.62 24.12 -9.33
CA GLU C 134 32.23 25.50 -9.55
C GLU C 134 30.71 25.63 -9.64
N ASP C 135 30.07 24.66 -10.29
CA ASP C 135 28.62 24.64 -10.45
C ASP C 135 28.07 23.38 -9.79
N LYS C 136 28.29 22.22 -10.43
CA LYS C 136 27.81 20.95 -9.89
C LYS C 136 28.82 19.86 -10.21
N PHE C 137 28.88 18.83 -9.37
CA PHE C 137 29.74 17.70 -9.65
C PHE C 137 28.95 16.60 -10.34
N ASP C 138 29.57 15.97 -11.33
CA ASP C 138 28.90 15.06 -12.24
C ASP C 138 29.10 13.61 -11.78
N ILE C 139 27.99 12.89 -11.56
CA ILE C 139 28.03 11.46 -11.30
C ILE C 139 27.33 10.75 -12.46
N ILE C 140 27.97 9.69 -12.96
CA ILE C 140 27.34 8.77 -13.90
C ILE C 140 26.99 7.50 -13.15
N SER C 141 25.70 7.15 -13.17
CA SER C 141 25.17 6.05 -12.39
C SER C 141 24.53 5.06 -13.35
N THR C 142 24.94 3.78 -13.28
CA THR C 142 24.43 2.78 -14.19
C THR C 142 24.14 1.47 -13.47
N GLY C 143 23.96 1.54 -12.15
CA GLY C 143 23.44 0.44 -11.35
C GLY C 143 22.30 0.91 -10.45
N SER C 144 22.09 0.23 -9.31
CA SER C 144 21.16 0.74 -8.31
C SER C 144 21.72 2.04 -7.77
N GLU C 145 20.85 2.93 -7.31
CA GLU C 145 21.28 4.25 -6.88
C GLU C 145 21.31 4.33 -5.36
N THR C 146 21.48 3.17 -4.71
CA THR C 146 21.55 3.04 -3.27
C THR C 146 22.69 3.92 -2.74
N ASN C 147 23.88 3.78 -3.33
CA ASN C 147 25.05 4.51 -2.84
C ASN C 147 24.77 6.01 -2.77
N ILE C 148 24.17 6.56 -3.83
CA ILE C 148 24.01 8.01 -3.91
C ILE C 148 22.94 8.42 -2.91
N ALA C 149 21.91 7.59 -2.74
CA ALA C 149 20.86 7.88 -1.77
C ALA C 149 21.45 7.85 -0.36
N GLN C 150 22.28 6.84 -0.08
CA GLN C 150 22.96 6.75 1.20
C GLN C 150 23.78 8.01 1.46
N TYR C 151 24.48 8.48 0.42
CA TYR C 151 25.32 9.66 0.50
C TYR C 151 24.49 10.87 0.87
N LEU C 152 23.34 11.05 0.20
CA LEU C 152 22.52 12.24 0.39
C LEU C 152 21.75 12.20 1.71
N LEU C 153 21.58 11.01 2.31
CA LEU C 153 21.08 10.95 3.68
C LEU C 153 22.17 11.45 4.64
N ALA C 154 23.43 11.26 4.28
CA ALA C 154 24.53 11.71 5.14
C ALA C 154 24.88 13.17 4.85
N TYR C 155 24.85 13.59 3.58
CA TYR C 155 25.26 14.94 3.18
C TYR C 155 24.13 15.60 2.40
N PRO C 156 22.95 15.84 3.01
CA PRO C 156 21.80 16.34 2.27
C PRO C 156 22.03 17.71 1.62
N GLU C 157 22.95 18.50 2.17
CA GLU C 157 23.20 19.85 1.67
C GLU C 157 23.99 19.80 0.35
N ASP C 158 24.56 18.63 0.01
CA ASP C 158 25.32 18.46 -1.22
C ASP C 158 24.42 18.18 -2.43
N ALA C 159 23.12 17.90 -2.22
CA ALA C 159 22.23 17.50 -3.31
C ALA C 159 22.18 18.56 -4.41
N LYS C 160 22.02 19.83 -4.00
CA LYS C 160 21.89 20.93 -4.94
C LYS C 160 23.16 21.15 -5.77
N LYS C 161 24.30 20.53 -5.40
CA LYS C 161 25.54 20.70 -6.17
C LYS C 161 25.91 19.42 -6.92
N ILE C 162 24.98 18.47 -7.05
CA ILE C 162 25.25 17.23 -7.75
C ILE C 162 24.39 17.17 -9.01
N ARG C 163 25.01 16.70 -10.11
CA ARG C 163 24.32 16.43 -11.35
C ARG C 163 24.50 14.94 -11.65
N MET C 164 23.38 14.24 -11.81
CA MET C 164 23.41 12.80 -12.05
C MET C 164 22.93 12.49 -13.46
N THR C 165 23.71 11.65 -14.15
CA THR C 165 23.43 11.19 -15.48
C THR C 165 23.34 9.66 -15.42
N THR C 166 22.14 9.14 -15.68
CA THR C 166 21.87 7.78 -15.28
C THR C 166 21.42 6.94 -16.46
N MET C 167 21.77 5.66 -16.41
CA MET C 167 21.08 4.64 -17.17
C MET C 167 20.06 4.03 -16.22
N ALA C 168 18.79 4.38 -16.43
CA ALA C 168 17.70 3.92 -15.60
C ALA C 168 16.38 4.13 -16.33
N GLY C 169 15.44 3.22 -16.05
CA GLY C 169 14.05 3.47 -16.34
C GLY C 169 13.63 3.13 -17.75
N ASN C 170 12.32 3.25 -17.94
CA ASN C 170 11.65 3.06 -19.21
C ASN C 170 10.41 3.93 -19.12
N PHE C 171 10.09 4.62 -20.21
CA PHE C 171 9.05 5.62 -20.18
C PHE C 171 7.96 5.27 -21.20
N MET C 172 8.33 5.17 -22.48
CA MET C 172 7.40 4.97 -23.57
C MET C 172 7.45 3.51 -24.06
N ILE C 173 8.27 2.68 -23.44
CA ILE C 173 8.24 1.24 -23.69
C ILE C 173 8.23 0.52 -22.35
N VAL C 174 8.00 -0.80 -22.40
CA VAL C 174 7.81 -1.60 -21.20
C VAL C 174 9.19 -1.96 -20.63
N GLY C 175 9.20 -2.70 -19.52
CA GLY C 175 10.41 -2.92 -18.74
C GLY C 175 11.21 -4.11 -19.25
N ASN C 176 12.19 -4.56 -18.47
CA ASN C 176 12.94 -5.76 -18.83
C ASN C 176 12.68 -6.83 -17.77
N ILE C 177 13.15 -6.62 -16.54
CA ILE C 177 13.12 -7.68 -15.53
C ILE C 177 11.73 -7.75 -14.89
N MET C 178 10.96 -6.67 -14.98
CA MET C 178 9.55 -6.73 -14.64
C MET C 178 8.76 -6.05 -15.75
N PRO C 179 7.44 -6.32 -15.84
CA PRO C 179 6.66 -5.88 -17.00
C PRO C 179 6.82 -4.42 -17.39
N PHE C 180 6.82 -3.50 -16.40
CA PHE C 180 6.75 -2.07 -16.70
C PHE C 180 7.90 -1.31 -16.03
N ALA C 181 8.93 -2.02 -15.57
CA ALA C 181 10.03 -1.37 -14.88
C ALA C 181 11.37 -1.99 -15.26
N GLU C 182 12.40 -1.17 -15.08
CA GLU C 182 13.75 -1.48 -15.50
C GLU C 182 14.55 -1.89 -14.26
N PHE C 183 15.51 -2.80 -14.44
CA PHE C 183 16.28 -3.41 -13.37
C PHE C 183 16.80 -2.40 -12.34
N ASN C 184 17.52 -1.38 -12.79
CA ASN C 184 18.23 -0.46 -11.91
C ASN C 184 17.29 0.29 -10.97
N VAL C 185 16.09 0.61 -11.44
CA VAL C 185 15.12 1.30 -10.62
C VAL C 185 14.50 0.30 -9.66
N LEU C 186 14.11 -0.88 -10.15
CA LEU C 186 13.23 -1.73 -9.36
C LEU C 186 14.01 -2.42 -8.24
N ILE C 187 15.34 -2.49 -8.32
CA ILE C 187 16.09 -3.06 -7.21
C ILE C 187 16.20 -2.08 -6.04
N ASP C 188 16.07 -0.76 -6.26
CA ASP C 188 15.96 0.17 -5.14
C ASP C 188 15.16 1.38 -5.54
N PRO C 189 13.81 1.24 -5.62
CA PRO C 189 12.95 2.33 -6.05
C PRO C 189 12.97 3.50 -5.06
N GLU C 190 13.06 3.17 -3.77
CA GLU C 190 13.10 4.19 -2.72
C GLU C 190 14.34 5.06 -2.89
N ALA C 191 15.46 4.48 -3.34
CA ALA C 191 16.69 5.24 -3.53
C ALA C 191 16.46 6.35 -4.54
N ILE C 192 15.94 5.97 -5.72
CA ILE C 192 15.78 6.93 -6.79
C ILE C 192 14.73 7.96 -6.40
N SER C 193 13.71 7.50 -5.68
CA SER C 193 12.65 8.38 -5.24
C SER C 193 13.20 9.45 -4.30
N ASN C 194 14.07 9.04 -3.37
CA ASN C 194 14.76 9.99 -2.48
C ASN C 194 15.59 10.99 -3.28
N ILE C 195 16.31 10.50 -4.30
CA ILE C 195 17.18 11.36 -5.07
C ILE C 195 16.35 12.43 -5.80
N LEU C 196 15.24 12.02 -6.42
CA LEU C 196 14.42 12.93 -7.20
C LEU C 196 13.76 13.97 -6.30
N GLN C 197 13.66 13.71 -5.01
CA GLN C 197 13.11 14.68 -4.08
C GLN C 197 14.21 15.54 -3.45
N SER C 198 15.48 15.19 -3.65
CA SER C 198 16.56 15.74 -2.84
C SER C 198 16.99 17.13 -3.30
N GLY C 199 16.72 17.50 -4.56
CA GLY C 199 17.27 18.70 -5.16
C GLY C 199 18.40 18.41 -6.16
N VAL C 200 18.76 17.14 -6.36
CA VAL C 200 19.73 16.75 -7.37
C VAL C 200 19.22 17.14 -8.76
N ASP C 201 20.15 17.58 -9.62
CA ASP C 201 19.89 17.76 -11.04
C ASP C 201 20.03 16.39 -11.71
N TYR C 202 18.88 15.79 -12.04
CA TYR C 202 18.80 14.37 -12.42
C TYR C 202 18.41 14.25 -13.89
N THR C 203 19.20 13.45 -14.63
CA THR C 203 18.88 13.19 -16.02
C THR C 203 18.79 11.69 -16.26
N PHE C 204 17.63 11.26 -16.76
CA PHE C 204 17.47 9.94 -17.33
C PHE C 204 18.03 9.98 -18.75
N ALA C 205 19.35 9.79 -18.84
CA ALA C 205 20.09 9.96 -20.07
C ALA C 205 19.91 8.77 -21.00
N ALA C 206 19.67 7.59 -20.42
CA ALA C 206 19.69 6.34 -21.17
C ALA C 206 18.66 5.36 -20.64
N PRO C 207 17.34 5.67 -20.74
CA PRO C 207 16.31 4.68 -20.45
C PRO C 207 16.34 3.58 -21.51
N LEU C 208 15.53 2.54 -21.30
CA LEU C 208 15.42 1.48 -22.29
C LEU C 208 14.93 2.07 -23.63
N ASP C 209 14.18 3.17 -23.56
CA ASP C 209 13.68 3.84 -24.75
C ASP C 209 14.81 4.06 -25.74
N ILE C 210 15.98 4.46 -25.24
CA ILE C 210 17.14 4.68 -26.11
C ILE C 210 17.93 3.39 -26.26
N THR C 211 18.30 2.77 -25.14
CA THR C 211 19.31 1.72 -25.16
C THR C 211 18.86 0.48 -25.92
N HIS C 212 17.54 0.25 -26.06
CA HIS C 212 17.06 -0.91 -26.82
C HIS C 212 17.26 -0.70 -28.32
N THR C 213 17.63 0.52 -28.72
CA THR C 213 17.94 0.83 -30.12
C THR C 213 19.46 0.83 -30.33
N VAL C 214 20.25 0.44 -29.33
CA VAL C 214 21.71 0.50 -29.39
C VAL C 214 22.25 -0.91 -29.24
N LEU C 215 22.22 -1.67 -30.35
CA LEU C 215 22.45 -3.11 -30.32
C LEU C 215 23.85 -3.44 -30.84
N VAL C 216 24.46 -4.47 -30.23
CA VAL C 216 25.74 -4.97 -30.67
C VAL C 216 25.48 -5.94 -31.82
N THR C 217 25.36 -5.39 -33.03
CA THR C 217 25.18 -6.18 -34.25
C THR C 217 26.49 -6.84 -34.68
N GLU C 218 26.44 -7.63 -35.76
CA GLU C 218 27.64 -8.25 -36.33
C GLU C 218 28.52 -7.17 -36.98
N LYS C 219 27.91 -6.14 -37.58
CA LYS C 219 28.67 -5.03 -38.15
C LYS C 219 29.50 -4.34 -37.07
N VAL C 220 28.92 -4.16 -35.89
CA VAL C 220 29.60 -3.56 -34.76
C VAL C 220 30.77 -4.45 -34.33
N ILE C 221 30.59 -5.78 -34.34
CA ILE C 221 31.66 -6.71 -33.95
C ILE C 221 32.84 -6.61 -34.92
N ASN C 222 32.58 -6.46 -36.23
CA ASN C 222 33.64 -6.40 -37.21
C ASN C 222 34.40 -5.08 -37.13
N ASP C 223 33.70 -4.00 -36.76
CA ASP C 223 34.33 -2.69 -36.61
C ASP C 223 35.25 -2.68 -35.37
N ILE C 224 34.85 -3.43 -34.33
CA ILE C 224 35.69 -3.62 -33.15
C ILE C 224 36.96 -4.36 -33.55
N LYS C 225 36.83 -5.47 -34.28
CA LYS C 225 37.99 -6.24 -34.72
C LYS C 225 38.91 -5.36 -35.57
N ALA C 226 38.33 -4.59 -36.50
CA ALA C 226 39.07 -3.70 -37.37
C ALA C 226 39.91 -2.70 -36.57
N ALA C 227 39.39 -2.23 -35.43
CA ALA C 227 40.03 -1.18 -34.66
C ALA C 227 41.01 -1.76 -33.63
N THR C 228 40.90 -3.04 -33.28
CA THR C 228 41.61 -3.58 -32.13
C THR C 228 42.56 -4.71 -32.52
N GLU C 229 42.16 -5.58 -33.46
CA GLU C 229 42.95 -6.76 -33.77
C GLU C 229 44.39 -6.36 -34.13
N PRO C 230 44.61 -5.33 -35.00
CA PRO C 230 45.96 -4.91 -35.37
C PRO C 230 46.89 -4.54 -34.22
N TYR C 231 46.34 -4.25 -33.04
CA TYR C 231 47.13 -3.80 -31.90
C TYR C 231 47.21 -4.84 -30.79
N SER C 232 46.12 -5.60 -30.57
CA SER C 232 46.06 -6.45 -29.40
C SER C 232 45.07 -7.59 -29.62
N PRO C 233 45.55 -8.78 -30.07
CA PRO C 233 44.83 -10.04 -29.86
C PRO C 233 44.39 -10.24 -28.40
N MET C 238 39.23 -10.87 -25.97
CA MET C 238 38.69 -10.62 -24.61
C MET C 238 37.41 -9.80 -24.71
N ILE C 239 37.48 -8.65 -25.39
CA ILE C 239 36.34 -7.74 -25.47
C ILE C 239 35.24 -8.42 -26.28
N ILE C 240 35.61 -9.21 -27.27
CA ILE C 240 34.64 -9.86 -28.14
C ILE C 240 33.90 -10.95 -27.36
N LYS C 241 34.66 -11.79 -26.63
CA LYS C 241 34.08 -12.88 -25.86
C LYS C 241 33.15 -12.31 -24.79
N LEU C 242 33.51 -11.15 -24.23
CA LEU C 242 32.73 -10.49 -23.19
C LEU C 242 31.40 -10.00 -23.75
N LEU C 243 31.40 -9.40 -24.95
CA LEU C 243 30.17 -8.95 -25.59
C LEU C 243 29.37 -10.14 -26.12
N PHE C 244 30.05 -11.27 -26.39
CA PHE C 244 29.39 -12.50 -26.85
C PHE C 244 28.71 -13.24 -25.69
N PHE C 245 29.34 -13.30 -24.52
CA PHE C 245 28.67 -13.86 -23.35
C PHE C 245 27.39 -13.08 -23.08
N PHE C 246 27.51 -11.76 -23.17
CA PHE C 246 26.42 -10.80 -23.02
C PHE C 246 25.36 -10.99 -24.11
N LYS C 247 25.77 -11.48 -25.28
N LYS C 247 25.77 -11.48 -25.28
CA LYS C 247 24.89 -11.77 -26.41
CA LYS C 247 24.89 -11.77 -26.41
C LYS C 247 24.08 -13.04 -26.16
C LYS C 247 24.08 -13.04 -26.16
N ASP C 248 24.77 -14.10 -25.73
CA ASP C 248 24.16 -15.41 -25.54
C ASP C 248 23.08 -15.34 -24.47
N THR C 249 23.37 -14.60 -23.40
CA THR C 249 22.48 -14.50 -22.25
C THR C 249 21.24 -13.66 -22.59
N TYR C 250 21.43 -12.54 -23.30
CA TYR C 250 20.31 -11.70 -23.73
C TYR C 250 19.40 -12.44 -24.71
N ARG C 251 19.97 -13.32 -25.55
CA ARG C 251 19.16 -14.16 -26.43
C ARG C 251 18.40 -15.17 -25.57
N ASP C 252 19.11 -15.81 -24.64
CA ASP C 252 18.55 -16.84 -23.78
C ASP C 252 17.36 -16.28 -22.97
N VAL C 253 17.49 -15.08 -22.40
CA VAL C 253 16.56 -14.59 -21.40
C VAL C 253 15.45 -13.76 -22.04
N PHE C 254 15.77 -12.94 -23.07
CA PHE C 254 14.83 -11.98 -23.63
C PHE C 254 14.59 -12.16 -25.13
N GLY C 255 15.29 -13.11 -25.76
CA GLY C 255 15.13 -13.36 -27.18
C GLY C 255 15.52 -12.18 -28.06
N PHE C 256 16.49 -11.36 -27.60
CA PHE C 256 17.12 -10.37 -28.45
C PHE C 256 18.10 -11.09 -29.37
N ILE C 257 18.08 -10.77 -30.68
CA ILE C 257 19.08 -11.32 -31.60
C ILE C 257 20.43 -10.69 -31.26
N ASP C 258 20.45 -9.35 -31.20
CA ASP C 258 21.64 -8.60 -30.84
C ASP C 258 21.39 -7.88 -29.52
N PRO C 259 22.29 -7.96 -28.53
CA PRO C 259 22.03 -7.41 -27.20
C PRO C 259 22.20 -5.89 -27.17
N PRO C 260 21.38 -5.16 -26.38
CA PRO C 260 21.56 -3.73 -26.24
C PRO C 260 22.75 -3.46 -25.33
N LEU C 261 23.45 -2.36 -25.61
CA LEU C 261 24.55 -1.95 -24.76
C LEU C 261 24.13 -0.68 -24.05
N HIS C 262 23.78 -0.83 -22.77
CA HIS C 262 22.97 0.15 -22.06
C HIS C 262 23.83 1.27 -21.48
N ASP C 263 24.73 0.88 -20.58
CA ASP C 263 25.34 1.79 -19.63
C ASP C 263 26.23 2.83 -20.33
N PRO C 264 27.03 2.51 -21.37
CA PRO C 264 27.89 3.50 -22.02
C PRO C 264 27.15 4.73 -22.57
N VAL C 265 25.87 4.54 -22.91
CA VAL C 265 25.07 5.61 -23.47
C VAL C 265 24.93 6.74 -22.44
N ALA C 266 24.90 6.37 -21.16
CA ALA C 266 24.86 7.34 -20.05
C ALA C 266 26.12 8.19 -20.06
N ALA C 267 27.28 7.53 -20.15
CA ALA C 267 28.56 8.21 -20.23
C ALA C 267 28.62 9.04 -21.51
N PHE C 268 28.06 8.49 -22.59
CA PHE C 268 28.03 9.20 -23.86
C PHE C 268 27.28 10.53 -23.70
N HIS C 269 26.27 10.55 -22.84
CA HIS C 269 25.45 11.76 -22.68
C HIS C 269 26.28 12.89 -22.08
N LEU C 270 27.17 12.53 -21.15
CA LEU C 270 28.00 13.53 -20.52
C LEU C 270 29.07 13.99 -21.49
N ILE C 271 29.62 13.06 -22.28
CA ILE C 271 30.60 13.36 -23.31
C ILE C 271 29.99 14.28 -24.37
N ALA C 272 28.77 13.95 -24.84
CA ALA C 272 28.24 14.52 -26.07
C ALA C 272 26.73 14.69 -25.98
N PRO C 273 26.22 15.62 -25.14
CA PRO C 273 24.77 15.76 -24.95
C PRO C 273 23.99 16.23 -26.18
N GLU C 274 24.68 16.80 -27.17
CA GLU C 274 24.06 17.36 -28.37
C GLU C 274 23.33 16.28 -29.19
N TRP C 275 23.70 15.00 -29.01
CA TRP C 275 23.10 13.90 -29.75
C TRP C 275 21.79 13.40 -29.13
N PHE C 276 21.37 13.99 -27.99
CA PHE C 276 20.20 13.48 -27.27
C PHE C 276 19.05 14.48 -27.35
N GLU C 277 17.83 13.96 -27.58
CA GLU C 277 16.61 14.68 -27.25
C GLU C 277 16.53 14.78 -25.73
N HIS C 278 15.89 15.85 -25.22
N HIS C 278 15.86 15.83 -25.24
CA HIS C 278 15.80 16.11 -23.80
CA HIS C 278 15.77 16.07 -23.81
C HIS C 278 14.45 16.78 -23.53
C HIS C 278 14.46 16.80 -23.52
N VAL C 279 13.78 16.41 -22.42
CA VAL C 279 12.61 17.12 -21.95
C VAL C 279 12.62 17.11 -20.43
N ARG C 280 12.18 18.23 -19.83
CA ARG C 280 12.00 18.34 -18.39
C ARG C 280 10.58 17.90 -18.06
N CYS C 281 10.41 17.23 -16.90
CA CYS C 281 9.11 16.74 -16.50
C CYS C 281 9.15 16.31 -15.02
N HIS C 282 7.99 15.94 -14.48
CA HIS C 282 7.88 15.35 -13.16
C HIS C 282 7.84 13.83 -13.28
N VAL C 283 8.81 13.16 -12.67
CA VAL C 283 8.83 11.72 -12.62
C VAL C 283 8.43 11.25 -11.22
N ASP C 284 7.41 10.40 -11.16
CA ASP C 284 7.06 9.68 -9.95
C ASP C 284 7.57 8.25 -10.07
N ILE C 285 8.21 7.77 -9.01
CA ILE C 285 8.70 6.41 -8.95
C ILE C 285 7.73 5.57 -8.11
N GLU C 286 7.23 4.47 -8.68
CA GLU C 286 6.31 3.63 -7.93
C GLU C 286 7.07 2.90 -6.83
N THR C 287 6.66 3.11 -5.57
CA THR C 287 7.25 2.42 -4.43
C THR C 287 6.22 1.55 -3.72
N LYS C 288 4.91 1.81 -3.92
CA LYS C 288 3.85 1.11 -3.22
C LYS C 288 3.36 -0.12 -3.98
N GLY C 289 3.51 -0.14 -5.31
CA GLY C 289 2.91 -1.20 -6.11
C GLY C 289 3.51 -2.58 -5.80
N GLU C 290 2.63 -3.59 -5.83
CA GLU C 290 3.02 -4.96 -5.53
C GLU C 290 3.82 -5.55 -6.69
N TYR C 291 3.44 -5.20 -7.93
CA TYR C 291 4.01 -5.81 -9.12
C TYR C 291 4.65 -4.77 -10.03
N THR C 292 4.61 -3.49 -9.62
CA THR C 292 4.95 -2.37 -10.48
C THR C 292 5.95 -1.41 -9.81
N TYR C 293 6.51 -1.82 -8.67
CA TYR C 293 7.51 -0.97 -8.02
C TYR C 293 8.66 -0.71 -8.98
N GLY C 294 9.13 0.54 -8.99
CA GLY C 294 10.22 0.94 -9.86
C GLY C 294 9.75 1.49 -11.20
N CYS C 295 8.44 1.53 -11.44
CA CYS C 295 7.92 2.18 -12.63
C CYS C 295 8.22 3.67 -12.59
N CYS C 296 8.67 4.20 -13.73
CA CYS C 296 8.92 5.61 -13.92
C CYS C 296 7.73 6.26 -14.60
N CYS C 297 6.89 6.93 -13.81
CA CYS C 297 5.62 7.46 -14.28
C CYS C 297 5.72 8.97 -14.49
N THR C 298 5.37 9.45 -15.68
CA THR C 298 5.61 10.85 -15.99
C THR C 298 4.36 11.54 -16.48
N ASN C 299 4.42 12.87 -16.30
CA ASN C 299 3.32 13.77 -16.60
C ASN C 299 3.38 14.27 -18.04
N LEU C 300 4.16 13.61 -18.93
CA LEU C 300 4.45 14.29 -20.19
C LEU C 300 3.29 14.07 -21.14
N ILE C 301 2.72 12.86 -21.22
CA ILE C 301 1.66 12.62 -22.20
C ILE C 301 0.31 12.62 -21.47
N VAL C 311 -0.51 20.25 -11.46
CA VAL C 311 0.73 20.20 -12.29
C VAL C 311 1.97 20.32 -11.38
N LYS C 312 2.39 19.16 -10.84
CA LYS C 312 3.57 18.95 -10.01
C LYS C 312 4.82 19.55 -10.68
N PRO C 313 5.74 20.21 -9.94
CA PRO C 313 6.95 20.75 -10.56
C PRO C 313 7.89 19.69 -11.14
N ASP C 314 8.64 20.10 -12.17
CA ASP C 314 9.64 19.27 -12.80
C ASP C 314 10.67 18.85 -11.78
N ASN C 315 11.12 17.59 -11.86
CA ASN C 315 12.18 17.11 -11.00
C ASN C 315 13.22 16.33 -11.77
N ALA C 316 13.21 16.37 -13.11
CA ALA C 316 14.13 15.57 -13.88
C ALA C 316 14.11 15.96 -15.34
N THR C 317 15.19 15.57 -16.04
CA THR C 317 15.25 15.59 -17.49
C THR C 317 15.18 14.14 -17.97
N VAL C 318 14.44 13.90 -19.04
CA VAL C 318 14.31 12.59 -19.63
C VAL C 318 14.77 12.70 -21.09
N CYS C 319 15.62 11.76 -21.49
CA CYS C 319 16.06 11.66 -22.87
C CYS C 319 15.40 10.44 -23.49
N LEU C 320 14.44 10.67 -24.39
CA LEU C 320 13.62 9.61 -24.96
C LEU C 320 14.23 9.04 -26.24
N LYS C 321 15.08 9.81 -26.93
CA LYS C 321 15.62 9.34 -28.21
C LYS C 321 16.94 10.07 -28.50
N LEU C 322 17.79 9.39 -29.28
CA LEU C 322 18.94 10.02 -29.90
C LEU C 322 18.47 10.75 -31.16
N LYS C 323 19.06 11.91 -31.44
CA LYS C 323 18.88 12.56 -32.74
C LYS C 323 19.49 11.65 -33.80
N GLU C 324 18.96 11.71 -35.03
CA GLU C 324 19.51 10.90 -36.11
C GLU C 324 20.95 11.34 -36.34
N GLY C 325 21.85 10.36 -36.48
CA GLY C 325 23.28 10.58 -36.37
C GLY C 325 23.82 10.10 -35.03
N GLY C 326 22.97 10.11 -34.01
CA GLY C 326 23.36 9.81 -32.64
C GLY C 326 23.93 8.41 -32.48
N HIS C 327 23.29 7.41 -33.10
CA HIS C 327 23.75 6.03 -33.00
C HIS C 327 25.18 5.90 -33.53
N ASP C 328 25.46 6.53 -34.67
CA ASP C 328 26.76 6.41 -35.32
C ASP C 328 27.82 7.15 -34.50
N ALA C 329 27.46 8.35 -34.02
CA ALA C 329 28.30 9.12 -33.11
C ALA C 329 28.66 8.26 -31.89
N PHE C 330 27.68 7.53 -31.34
CA PHE C 330 27.95 6.71 -30.17
C PHE C 330 28.96 5.60 -30.50
N TRP C 331 28.71 4.84 -31.57
CA TRP C 331 29.59 3.74 -31.94
C TRP C 331 30.98 4.24 -32.34
N ASN C 332 31.07 5.38 -33.02
CA ASN C 332 32.37 5.93 -33.38
C ASN C 332 33.19 6.18 -32.11
N GLN C 333 32.55 6.86 -31.14
CA GLN C 333 33.17 7.17 -29.86
C GLN C 333 33.67 5.87 -29.22
N MET C 334 32.82 4.85 -29.27
CA MET C 334 33.05 3.62 -28.53
C MET C 334 34.16 2.80 -29.21
N ILE C 335 34.18 2.78 -30.55
CA ILE C 335 35.17 2.01 -31.30
C ILE C 335 36.55 2.65 -31.14
N THR C 336 36.57 3.99 -31.12
CA THR C 336 37.80 4.75 -30.93
C THR C 336 38.46 4.39 -29.61
N VAL C 337 37.68 4.42 -28.53
CA VAL C 337 38.20 4.11 -27.22
C VAL C 337 38.74 2.68 -27.22
N TRP C 338 37.98 1.74 -27.80
CA TRP C 338 38.43 0.36 -27.84
C TRP C 338 39.73 0.22 -28.62
N GLY C 339 39.88 1.05 -29.68
CA GLY C 339 41.13 1.13 -30.43
C GLY C 339 42.31 1.56 -29.56
N GLU C 340 42.11 2.65 -28.81
CA GLU C 340 43.15 3.22 -27.97
C GLU C 340 43.59 2.24 -26.87
N ILE C 341 42.62 1.50 -26.31
CA ILE C 341 42.92 0.53 -25.28
C ILE C 341 43.78 -0.59 -25.86
N ALA C 342 43.45 -1.01 -27.09
CA ALA C 342 44.19 -2.05 -27.77
C ALA C 342 45.66 -1.61 -27.97
N LYS C 343 45.88 -0.35 -28.37
CA LYS C 343 47.23 0.17 -28.55
C LYS C 343 48.01 0.01 -27.25
N GLU C 344 47.39 0.37 -26.11
CA GLU C 344 48.09 0.38 -24.83
C GLU C 344 48.47 -1.04 -24.36
N SER D 2 30.55 -4.41 35.06
CA SER D 2 29.89 -3.18 34.55
C SER D 2 29.64 -3.32 33.05
N ILE D 3 28.48 -2.84 32.56
CA ILE D 3 28.04 -3.10 31.20
C ILE D 3 28.43 -1.94 30.28
N LYS D 4 29.28 -2.22 29.28
CA LYS D 4 29.57 -1.25 28.24
C LYS D 4 28.34 -1.04 27.36
N CYS D 5 28.00 0.22 27.06
CA CYS D 5 26.87 0.51 26.21
C CYS D 5 27.03 1.84 25.50
N ALA D 6 26.13 2.09 24.54
CA ALA D 6 26.00 3.38 23.89
C ALA D 6 24.55 3.81 23.97
N LEU D 7 24.32 5.13 23.94
CA LEU D 7 23.00 5.70 23.97
C LEU D 7 22.71 6.36 22.63
N ASP D 8 21.52 6.07 22.08
CA ASP D 8 21.01 6.75 20.90
C ASP D 8 19.72 7.46 21.32
N CYS D 9 19.63 8.77 21.10
CA CYS D 9 18.51 9.52 21.68
C CYS D 9 18.31 10.86 21.00
N ASP D 10 17.17 11.51 21.35
CA ASP D 10 16.71 12.75 20.74
C ASP D 10 16.29 13.75 21.82
N PRO D 11 17.18 14.16 22.75
CA PRO D 11 16.78 14.99 23.89
C PRO D 11 16.14 16.34 23.52
N GLY D 12 14.93 16.65 24.03
CA GLY D 12 14.02 15.73 24.71
C GLY D 12 14.25 15.66 26.23
N HIS D 13 13.20 15.95 27.01
CA HIS D 13 13.28 15.98 28.46
C HIS D 13 13.41 14.57 29.06
N ASP D 14 12.70 13.60 28.48
CA ASP D 14 12.84 12.20 28.85
C ASP D 14 14.27 11.74 28.59
N ASP D 15 14.82 12.13 27.43
CA ASP D 15 16.09 11.61 26.99
C ASP D 15 17.18 12.14 27.94
N LEU D 16 17.02 13.41 28.36
CA LEU D 16 17.88 14.03 29.35
C LEU D 16 17.89 13.21 30.65
N ALA D 17 16.71 12.84 31.14
CA ALA D 17 16.62 12.01 32.33
C ALA D 17 17.37 10.70 32.11
N MET D 18 17.23 10.13 30.92
CA MET D 18 17.80 8.83 30.61
C MET D 18 19.33 8.91 30.58
N ILE D 19 19.86 10.03 30.06
CA ILE D 19 21.31 10.19 29.99
C ILE D 19 21.88 10.29 31.40
N MET D 20 21.20 11.03 32.28
CA MET D 20 21.61 11.15 33.67
C MET D 20 21.69 9.78 34.34
N LEU D 21 20.64 8.98 34.19
CA LEU D 21 20.58 7.67 34.81
C LEU D 21 21.72 6.77 34.30
N ALA D 22 21.97 6.83 32.98
CA ALA D 22 22.87 5.89 32.34
C ALA D 22 24.33 6.25 32.67
N VAL D 23 24.64 7.54 32.63
CA VAL D 23 25.99 8.01 32.83
C VAL D 23 26.41 7.82 34.30
N TYR D 24 25.50 8.06 35.25
CA TYR D 24 25.85 8.00 36.66
C TYR D 24 25.57 6.64 37.29
N SER D 25 24.85 5.76 36.60
CA SER D 25 24.63 4.43 37.15
C SER D 25 25.96 3.68 37.17
N PRO D 26 26.36 3.10 38.33
CA PRO D 26 27.58 2.27 38.40
C PRO D 26 27.53 1.01 37.55
N LYS D 27 26.32 0.54 37.22
CA LYS D 27 26.15 -0.69 36.49
C LYS D 27 26.48 -0.50 35.01
N LEU D 28 26.45 0.75 34.51
CA LEU D 28 26.65 1.04 33.10
C LEU D 28 27.96 1.78 32.86
N ASP D 29 28.55 1.56 31.68
CA ASP D 29 29.72 2.30 31.22
C ASP D 29 29.44 2.87 29.83
N VAL D 30 28.95 4.11 29.77
CA VAL D 30 28.53 4.73 28.53
C VAL D 30 29.76 5.08 27.69
N GLN D 31 29.87 4.46 26.50
CA GLN D 31 30.99 4.66 25.60
C GLN D 31 30.80 5.91 24.74
N TYR D 32 29.55 6.16 24.32
CA TYR D 32 29.28 7.34 23.52
C TYR D 32 27.78 7.61 23.50
N ILE D 33 27.44 8.81 23.05
CA ILE D 33 26.07 9.19 22.75
C ILE D 33 26.01 9.62 21.29
N SER D 34 25.08 9.03 20.54
CA SER D 34 24.72 9.50 19.21
C SER D 34 23.31 10.10 19.28
N THR D 35 23.11 11.24 18.62
CA THR D 35 21.81 11.88 18.63
C THR D 35 21.15 11.66 17.27
N THR D 36 19.82 11.75 17.27
CA THR D 36 19.03 11.48 16.09
C THR D 36 17.98 12.58 15.94
N HIS D 37 17.38 12.62 14.75
CA HIS D 37 16.20 13.44 14.52
C HIS D 37 15.08 12.91 15.40
N GLY D 38 14.12 13.78 15.70
CA GLY D 38 12.85 13.32 16.25
C GLY D 38 12.10 14.48 16.86
N ASN D 39 12.15 14.56 18.19
CA ASN D 39 11.67 15.70 18.94
C ASN D 39 12.05 16.98 18.20
N GLN D 40 13.35 17.13 17.92
CA GLN D 40 13.86 18.30 17.23
C GLN D 40 14.75 17.85 16.08
N THR D 41 15.30 18.82 15.34
CA THR D 41 16.37 18.56 14.39
C THR D 41 17.55 17.95 15.14
N VAL D 42 18.33 17.13 14.44
CA VAL D 42 19.41 16.37 15.04
C VAL D 42 20.50 17.31 15.54
N ASN D 43 20.56 18.53 14.99
CA ASN D 43 21.53 19.50 15.44
C ASN D 43 21.15 19.99 16.84
N LYS D 44 19.84 20.17 17.07
CA LYS D 44 19.36 20.57 18.38
C LYS D 44 19.50 19.43 19.39
N THR D 45 19.26 18.18 18.98
CA THR D 45 19.34 17.08 19.94
C THR D 45 20.80 16.83 20.31
N TYR D 46 21.72 17.09 19.36
CA TYR D 46 23.14 17.04 19.62
C TYR D 46 23.47 18.05 20.73
N GLN D 47 23.10 19.31 20.51
CA GLN D 47 23.30 20.37 21.48
C GLN D 47 22.71 19.97 22.84
N ASN D 48 21.51 19.39 22.84
CA ASN D 48 20.82 19.09 24.09
C ASN D 48 21.49 17.95 24.83
N ALA D 49 22.07 16.99 24.09
CA ALA D 49 22.83 15.91 24.71
C ALA D 49 24.05 16.49 25.43
N ARG D 50 24.72 17.45 24.78
CA ARG D 50 25.94 18.06 25.29
C ARG D 50 25.62 18.87 26.54
N ARG D 51 24.52 19.64 26.46
CA ARG D 51 24.03 20.40 27.60
C ARG D 51 23.78 19.48 28.80
N THR D 52 23.09 18.36 28.58
CA THR D 52 22.82 17.42 29.64
C THR D 52 24.13 17.01 30.29
N LEU D 53 25.09 16.59 29.46
CA LEU D 53 26.37 16.11 29.95
C LEU D 53 27.11 17.19 30.74
N ASN D 54 27.05 18.44 30.27
CA ASN D 54 27.77 19.53 30.89
C ASN D 54 27.13 19.86 32.24
N LEU D 55 25.81 19.85 32.30
CA LEU D 55 25.08 20.05 33.54
C LEU D 55 25.56 19.07 34.59
N ILE D 56 25.74 17.80 34.20
CA ILE D 56 26.14 16.77 35.14
C ILE D 56 27.66 16.59 35.13
N LYS D 57 28.40 17.55 34.55
CA LYS D 57 29.85 17.60 34.63
C LYS D 57 30.45 16.34 34.02
N ARG D 58 30.06 16.03 32.77
CA ARG D 58 30.60 14.89 32.05
C ARG D 58 30.82 15.21 30.56
N ALA D 59 30.65 16.47 30.17
CA ALA D 59 30.72 16.84 28.76
C ALA D 59 32.14 16.71 28.22
N ASP D 60 33.11 16.54 29.13
CA ASP D 60 34.49 16.38 28.75
C ASP D 60 34.88 14.90 28.75
N LYS D 61 33.97 14.02 29.17
CA LYS D 61 34.28 12.60 29.31
C LYS D 61 33.64 11.79 28.17
N ILE D 62 32.35 12.04 27.88
CA ILE D 62 31.58 11.19 26.99
C ILE D 62 31.57 11.81 25.59
N PRO D 63 32.05 11.12 24.54
CA PRO D 63 31.90 11.61 23.18
C PRO D 63 30.44 11.59 22.72
N VAL D 64 30.05 12.64 21.98
CA VAL D 64 28.71 12.80 21.47
C VAL D 64 28.79 12.97 19.96
N TYR D 65 28.12 12.08 19.24
CA TYR D 65 28.09 12.13 17.79
C TYR D 65 26.74 12.72 17.35
N ARG D 66 26.75 13.39 16.20
CA ARG D 66 25.54 13.95 15.62
C ARG D 66 25.15 13.10 14.42
N GLY D 67 24.04 12.38 14.54
CA GLY D 67 23.64 11.38 13.57
C GLY D 67 22.80 11.98 12.44
N TYR D 68 21.93 11.12 11.89
CA TYR D 68 21.21 11.42 10.66
C TYR D 68 20.09 12.41 10.95
N SER D 69 19.82 13.26 9.96
CA SER D 69 18.87 14.36 10.11
C SER D 69 17.46 13.96 9.66
N LYS D 70 17.28 12.82 9.01
CA LYS D 70 15.94 12.48 8.56
C LYS D 70 15.80 10.96 8.49
N PRO D 71 14.56 10.44 8.45
CA PRO D 71 14.32 9.01 8.24
C PRO D 71 14.87 8.49 6.92
N LEU D 72 14.96 7.16 6.80
CA LEU D 72 15.44 6.51 5.58
C LEU D 72 14.65 6.98 4.36
N THR D 73 13.31 6.89 4.40
CA THR D 73 12.50 7.10 3.20
C THR D 73 11.28 7.99 3.45
N ARG D 74 11.32 8.78 4.53
CA ARG D 74 10.20 9.65 4.88
C ARG D 74 10.74 11.02 5.29
N GLU D 75 9.83 12.00 5.37
CA GLU D 75 10.13 13.35 5.80
C GLU D 75 10.24 13.39 7.31
N SER D 76 11.11 14.27 7.83
CA SER D 76 11.23 14.52 9.27
C SER D 76 9.92 15.07 9.83
N VAL D 77 9.69 14.81 11.12
CA VAL D 77 8.52 15.31 11.82
C VAL D 77 8.92 15.63 13.26
N ALA D 78 9.07 16.93 13.59
CA ALA D 78 9.52 17.32 14.91
C ALA D 78 8.38 17.17 15.92
N CYS D 79 8.72 17.07 17.22
CA CYS D 79 7.74 17.10 18.29
C CYS D 79 7.99 18.31 19.18
N PRO D 80 7.80 19.56 18.69
CA PRO D 80 7.96 20.76 19.52
C PRO D 80 6.84 21.09 20.48
N GLU D 81 5.71 20.36 20.39
CA GLU D 81 4.54 20.61 21.21
C GLU D 81 4.66 19.93 22.58
N ILE D 82 5.58 18.96 22.72
CA ILE D 82 5.94 18.38 24.01
C ILE D 82 7.24 19.01 24.54
N HIS D 83 8.17 19.40 23.66
CA HIS D 83 9.56 19.66 24.05
C HIS D 83 10.00 21.12 23.82
N GLY D 84 9.20 21.92 23.10
CA GLY D 84 9.54 23.31 22.81
C GLY D 84 10.38 23.43 21.54
N GLU D 85 10.75 24.67 21.17
CA GLU D 85 11.55 24.93 19.98
C GLU D 85 12.97 24.40 20.13
N SER D 86 13.56 24.57 21.32
CA SER D 86 14.93 24.16 21.59
C SER D 86 15.05 22.65 21.74
N GLY D 87 13.94 21.99 22.10
CA GLY D 87 13.95 20.57 22.44
C GLY D 87 14.10 20.34 23.93
N LEU D 88 14.55 21.38 24.67
CA LEU D 88 14.70 21.34 26.12
C LEU D 88 14.20 22.64 26.74
N GLY D 89 12.91 22.92 26.54
CA GLY D 89 12.32 24.14 27.05
C GLY D 89 12.25 24.12 28.58
N GLY D 90 12.03 25.30 29.16
CA GLY D 90 11.75 25.44 30.58
C GLY D 90 12.92 26.02 31.38
N VAL D 91 14.11 26.08 30.79
CA VAL D 91 15.30 26.58 31.46
C VAL D 91 16.11 27.48 30.52
N ASP D 92 16.96 28.33 31.11
CA ASP D 92 17.92 29.13 30.37
C ASP D 92 19.25 28.38 30.33
N TRP D 93 19.70 28.02 29.13
CA TRP D 93 20.89 27.21 28.95
C TRP D 93 22.16 28.03 28.70
N SER D 94 22.05 29.37 28.75
CA SER D 94 23.10 30.24 28.22
C SER D 94 24.41 30.04 28.96
N GLU D 95 24.33 29.75 30.27
CA GLU D 95 25.50 29.50 31.09
C GLU D 95 26.11 28.14 30.74
N ILE D 96 25.26 27.12 30.71
CA ILE D 96 25.69 25.75 30.43
C ILE D 96 26.37 25.71 29.07
N ASP D 97 25.88 26.52 28.12
CA ASP D 97 26.45 26.59 26.79
C ASP D 97 27.82 27.29 26.82
N ARG D 98 27.87 28.48 27.44
CA ARG D 98 29.09 29.27 27.40
C ARG D 98 30.25 28.51 28.07
N THR D 99 29.98 27.68 29.09
CA THR D 99 31.04 26.98 29.81
C THR D 99 31.23 25.54 29.31
N MET D 100 31.07 25.31 28.00
CA MET D 100 30.94 23.98 27.45
C MET D 100 32.30 23.44 27.02
N PRO D 101 32.80 22.31 27.56
CA PRO D 101 34.08 21.77 27.13
C PRO D 101 34.00 21.24 25.70
N ARG D 102 35.18 21.08 25.09
CA ARG D 102 35.30 20.50 23.78
C ARG D 102 34.79 19.05 23.83
N ASN D 103 34.17 18.63 22.72
CA ASN D 103 33.54 17.33 22.59
C ASN D 103 34.62 16.29 22.33
N PRO D 104 34.82 15.29 23.21
CA PRO D 104 35.80 14.22 23.00
C PRO D 104 35.73 13.49 21.67
N ALA D 105 34.57 13.56 21.00
CA ALA D 105 34.40 12.90 19.72
C ALA D 105 35.30 13.56 18.68
N LEU D 106 35.44 14.89 18.77
CA LEU D 106 36.31 15.64 17.87
C LEU D 106 37.74 15.10 17.92
N ASP D 107 38.18 14.66 19.11
CA ASP D 107 39.52 14.12 19.31
C ASP D 107 39.66 12.73 18.69
N ILE D 108 38.67 11.87 18.94
CA ILE D 108 38.62 10.55 18.31
C ILE D 108 38.68 10.71 16.79
N LEU D 109 37.95 11.69 16.24
CA LEU D 109 37.77 11.85 14.80
C LEU D 109 38.91 12.66 14.18
N GLY D 110 39.63 13.43 15.01
CA GLY D 110 40.69 14.29 14.50
C GLY D 110 40.12 15.51 13.76
N TYR D 111 39.04 16.06 14.30
CA TYR D 111 38.34 17.17 13.68
C TYR D 111 38.71 18.46 14.39
N LYS D 112 38.87 19.53 13.63
CA LYS D 112 39.12 20.84 14.19
C LYS D 112 37.91 21.27 15.02
N ASP D 113 36.71 21.21 14.45
CA ASP D 113 35.54 21.77 15.12
C ASP D 113 34.26 21.00 14.77
N GLU D 114 33.14 21.45 15.34
CA GLU D 114 31.88 20.73 15.30
C GLU D 114 31.29 20.75 13.89
N SER D 115 31.64 21.76 13.09
CA SER D 115 31.08 21.89 11.74
C SER D 115 31.49 20.73 10.84
N GLU D 116 32.43 19.88 11.30
CA GLU D 116 32.90 18.75 10.52
C GLU D 116 32.18 17.46 10.91
N LEU D 117 31.37 17.50 11.98
CA LEU D 117 30.60 16.33 12.38
C LEU D 117 29.73 15.87 11.22
N ARG D 118 29.73 14.55 10.98
CA ARG D 118 28.98 13.93 9.91
C ARG D 118 28.19 12.75 10.48
N PRO D 119 26.97 12.50 9.96
CA PRO D 119 26.07 11.48 10.50
C PRO D 119 26.67 10.09 10.73
N ASP D 120 27.59 9.65 9.85
CA ASP D 120 28.15 8.31 9.94
C ASP D 120 29.44 8.27 10.77
N ASP D 121 29.81 9.37 11.44
CA ASP D 121 31.03 9.40 12.23
C ASP D 121 31.09 8.26 13.24
N PHE D 122 29.96 7.90 13.86
CA PHE D 122 29.97 7.00 15.00
C PHE D 122 30.23 5.56 14.55
N PHE D 123 30.13 5.31 13.24
CA PHE D 123 30.16 3.96 12.73
C PHE D 123 31.39 3.20 13.25
N LYS D 124 32.59 3.74 12.97
CA LYS D 124 33.83 3.03 13.24
C LYS D 124 33.99 2.80 14.74
N HIS D 125 33.55 3.77 15.54
CA HIS D 125 33.56 3.65 16.99
C HIS D 125 32.72 2.44 17.40
N LEU D 126 31.48 2.37 16.90
CA LEU D 126 30.57 1.30 17.30
C LEU D 126 31.11 -0.04 16.81
N HIS D 127 31.72 -0.07 15.62
CA HIS D 127 32.22 -1.32 15.08
C HIS D 127 33.33 -1.90 15.98
N ARG D 128 34.19 -1.03 16.51
CA ARG D 128 35.23 -1.46 17.44
C ARG D 128 34.61 -2.04 18.70
N LEU D 129 33.59 -1.36 19.26
CA LEU D 129 32.90 -1.87 20.42
C LEU D 129 32.26 -3.23 20.13
N VAL D 130 31.61 -3.36 18.96
CA VAL D 130 30.93 -4.60 18.60
C VAL D 130 31.96 -5.72 18.47
N SER D 131 33.08 -5.45 17.81
CA SER D 131 34.16 -6.41 17.66
C SER D 131 34.70 -6.84 19.02
N ALA D 132 34.87 -5.89 19.95
CA ALA D 132 35.48 -6.17 21.24
C ALA D 132 34.56 -6.95 22.16
N ALA D 133 33.24 -6.86 21.95
CA ALA D 133 32.29 -7.48 22.85
C ALA D 133 32.52 -8.98 22.90
N GLU D 134 32.41 -9.57 24.10
CA GLU D 134 32.52 -10.99 24.33
C GLU D 134 31.32 -11.72 23.74
N ASP D 135 30.13 -11.14 23.93
CA ASP D 135 28.88 -11.72 23.46
C ASP D 135 28.23 -10.75 22.49
N LYS D 136 27.65 -9.66 23.04
CA LYS D 136 26.99 -8.65 22.20
C LYS D 136 27.21 -7.28 22.82
N PHE D 137 27.19 -6.25 21.98
CA PHE D 137 27.34 -4.89 22.48
C PHE D 137 25.95 -4.28 22.66
N ASP D 138 25.78 -3.53 23.75
CA ASP D 138 24.49 -3.04 24.18
C ASP D 138 24.27 -1.61 23.71
N ILE D 139 23.18 -1.38 22.97
CA ILE D 139 22.75 -0.04 22.62
C ILE D 139 21.41 0.23 23.29
N ILE D 140 21.29 1.40 23.91
CA ILE D 140 20.01 1.89 24.42
C ILE D 140 19.54 2.98 23.47
N SER D 141 18.33 2.78 22.92
CA SER D 141 17.78 3.64 21.90
C SER D 141 16.46 4.20 22.41
N THR D 142 16.31 5.53 22.40
CA THR D 142 15.10 6.15 22.92
C THR D 142 14.61 7.28 22.02
N GLY D 143 15.08 7.28 20.75
CA GLY D 143 14.52 8.12 19.70
C GLY D 143 14.19 7.29 18.47
N SER D 144 14.22 7.91 17.29
CA SER D 144 14.09 7.17 16.06
C SER D 144 15.31 6.26 15.94
N GLU D 145 15.16 5.14 15.23
CA GLU D 145 16.22 4.15 15.14
C GLU D 145 16.91 4.23 13.79
N THR D 146 16.85 5.42 13.18
CA THR D 146 17.47 5.70 11.89
C THR D 146 18.96 5.40 11.95
N ASN D 147 19.65 5.96 12.95
CA ASN D 147 21.10 5.81 13.06
C ASN D 147 21.48 4.33 13.06
N ILE D 148 20.77 3.50 13.82
CA ILE D 148 21.17 2.11 13.94
C ILE D 148 20.89 1.38 12.63
N ALA D 149 19.81 1.75 11.96
CA ALA D 149 19.48 1.16 10.68
C ALA D 149 20.54 1.54 9.64
N GLN D 150 20.92 2.83 9.65
CA GLN D 150 21.99 3.31 8.78
C GLN D 150 23.27 2.50 9.00
N TYR D 151 23.58 2.26 10.28
CA TYR D 151 24.78 1.53 10.67
C TYR D 151 24.73 0.12 10.10
N LEU D 152 23.58 -0.56 10.23
CA LEU D 152 23.47 -1.95 9.81
C LEU D 152 23.40 -2.10 8.30
N LEU D 153 23.03 -1.03 7.57
CA LEU D 153 23.19 -1.03 6.12
C LEU D 153 24.68 -0.97 5.76
N ALA D 154 25.49 -0.35 6.61
CA ALA D 154 26.91 -0.22 6.36
C ALA D 154 27.66 -1.44 6.89
N TYR D 155 27.26 -1.95 8.07
CA TYR D 155 27.96 -3.05 8.72
C TYR D 155 26.99 -4.19 9.02
N PRO D 156 26.40 -4.82 7.99
CA PRO D 156 25.36 -5.81 8.20
C PRO D 156 25.81 -7.02 9.02
N GLU D 157 27.11 -7.33 8.98
CA GLU D 157 27.64 -8.50 9.65
C GLU D 157 27.72 -8.27 11.18
N ASP D 158 27.55 -7.03 11.62
CA ASP D 158 27.60 -6.69 13.04
C ASP D 158 26.26 -6.92 13.75
N ALA D 159 25.18 -7.17 12.99
CA ALA D 159 23.84 -7.25 13.57
C ALA D 159 23.77 -8.33 14.64
N LYS D 160 24.33 -9.51 14.35
CA LYS D 160 24.28 -10.65 15.25
C LYS D 160 25.04 -10.38 16.56
N LYS D 161 25.86 -9.33 16.63
CA LYS D 161 26.60 -9.03 17.86
C LYS D 161 26.07 -7.78 18.57
N ILE D 162 24.88 -7.31 18.18
CA ILE D 162 24.29 -6.14 18.81
C ILE D 162 23.04 -6.53 19.59
N ARG D 163 22.91 -5.96 20.78
CA ARG D 163 21.72 -6.09 21.61
C ARG D 163 21.15 -4.68 21.80
N MET D 164 19.90 -4.51 21.40
CA MET D 164 19.24 -3.21 21.48
C MET D 164 18.14 -3.25 22.53
N THR D 165 18.14 -2.21 23.38
CA THR D 165 17.16 -2.03 24.44
C THR D 165 16.50 -0.69 24.18
N THR D 166 15.21 -0.71 23.87
CA THR D 166 14.60 0.45 23.26
C THR D 166 13.39 0.92 24.06
N MET D 167 13.18 2.23 24.04
CA MET D 167 11.88 2.79 24.33
C MET D 167 11.21 3.00 22.97
N ALA D 168 10.22 2.15 22.68
CA ALA D 168 9.50 2.17 21.41
C ALA D 168 8.22 1.35 21.51
N GLY D 169 7.21 1.81 20.77
CA GLY D 169 6.07 0.99 20.46
C GLY D 169 5.00 1.02 21.55
N ASN D 170 3.89 0.36 21.19
CA ASN D 170 2.74 0.14 22.03
C ASN D 170 2.13 -1.17 21.51
N PHE D 171 1.70 -2.03 22.43
CA PHE D 171 1.27 -3.36 22.06
C PHE D 171 -0.18 -3.58 22.48
N MET D 172 -0.44 -3.47 23.79
CA MET D 172 -1.74 -3.76 24.37
C MET D 172 -2.47 -2.46 24.73
N ILE D 173 -1.88 -1.30 24.43
CA ILE D 173 -2.62 -0.05 24.49
C ILE D 173 -2.36 0.73 23.20
N VAL D 174 -3.13 1.81 23.00
CA VAL D 174 -3.10 2.56 21.77
C VAL D 174 -1.91 3.51 21.79
N GLY D 175 -1.74 4.30 20.74
CA GLY D 175 -0.53 5.08 20.53
C GLY D 175 -0.62 6.44 21.18
N ASN D 176 0.31 7.35 20.85
CA ASN D 176 0.27 8.71 21.34
C ASN D 176 0.06 9.67 20.18
N ILE D 177 1.03 9.78 19.28
CA ILE D 177 1.00 10.80 18.25
C ILE D 177 0.11 10.35 17.09
N MET D 178 -0.08 9.03 16.96
CA MET D 178 -1.12 8.53 16.08
C MET D 178 -1.94 7.51 16.84
N PRO D 179 -3.18 7.21 16.39
CA PRO D 179 -4.09 6.35 17.14
C PRO D 179 -3.48 5.06 17.66
N PHE D 180 -2.70 4.33 16.84
CA PHE D 180 -2.26 2.98 17.22
C PHE D 180 -0.75 2.84 17.16
N ALA D 181 -0.01 3.97 17.13
CA ALA D 181 1.44 3.91 17.02
C ALA D 181 2.09 4.98 17.87
N GLU D 182 3.34 4.67 18.23
CA GLU D 182 4.14 5.47 19.14
C GLU D 182 5.14 6.28 18.32
N PHE D 183 5.47 7.48 18.82
CA PHE D 183 6.28 8.46 18.11
C PHE D 183 7.55 7.86 17.50
N ASN D 184 8.38 7.20 18.32
CA ASN D 184 9.69 6.73 17.91
C ASN D 184 9.63 5.76 16.73
N VAL D 185 8.59 4.93 16.68
CA VAL D 185 8.47 3.98 15.58
C VAL D 185 7.93 4.72 14.37
N LEU D 186 6.92 5.58 14.54
CA LEU D 186 6.21 6.06 13.37
C LEU D 186 7.01 7.13 12.62
N ILE D 187 8.03 7.74 13.25
CA ILE D 187 8.87 8.67 12.52
C ILE D 187 9.85 7.93 11.60
N ASP D 188 10.20 6.66 11.89
CA ASP D 188 10.98 5.89 10.92
C ASP D 188 10.67 4.41 11.08
N PRO D 189 9.50 3.96 10.56
CA PRO D 189 9.07 2.58 10.69
C PRO D 189 9.99 1.64 9.93
N GLU D 190 10.47 2.09 8.76
CA GLU D 190 11.36 1.30 7.93
C GLU D 190 12.66 0.98 8.70
N ALA D 191 13.13 1.93 9.51
CA ALA D 191 14.34 1.71 10.27
C ALA D 191 14.17 0.50 11.20
N ILE D 192 13.11 0.52 12.02
CA ILE D 192 12.92 -0.52 13.01
C ILE D 192 12.64 -1.84 12.30
N SER D 193 11.92 -1.76 11.18
CA SER D 193 11.60 -2.94 10.40
C SER D 193 12.88 -3.60 9.88
N ASN D 194 13.83 -2.79 9.37
CA ASN D 194 15.15 -3.28 8.96
C ASN D 194 15.88 -3.95 10.13
N ILE D 195 15.82 -3.32 11.30
CA ILE D 195 16.53 -3.83 12.46
C ILE D 195 15.99 -5.21 12.85
N LEU D 196 14.68 -5.36 12.88
CA LEU D 196 14.06 -6.61 13.31
C LEU D 196 14.32 -7.73 12.31
N GLN D 197 14.67 -7.37 11.08
CA GLN D 197 15.02 -8.38 10.09
C GLN D 197 16.52 -8.63 10.05
N SER D 198 17.32 -7.83 10.77
CA SER D 198 18.75 -7.83 10.55
C SER D 198 19.46 -8.98 11.28
N GLY D 199 18.84 -9.55 12.34
CA GLY D 199 19.53 -10.48 13.23
C GLY D 199 19.89 -9.87 14.58
N VAL D 200 19.57 -8.58 14.80
CA VAL D 200 19.79 -7.94 16.09
C VAL D 200 18.97 -8.62 17.18
N ASP D 201 19.53 -8.71 18.39
CA ASP D 201 18.79 -9.08 19.59
C ASP D 201 18.09 -7.82 20.11
N TYR D 202 16.77 -7.75 19.85
CA TYR D 202 15.99 -6.53 20.02
C TYR D 202 15.00 -6.71 21.17
N THR D 203 15.00 -5.75 22.08
CA THR D 203 14.07 -5.76 23.18
C THR D 203 13.28 -4.46 23.21
N PHE D 204 11.95 -4.61 23.15
CA PHE D 204 11.05 -3.53 23.47
C PHE D 204 10.93 -3.47 24.99
N ALA D 205 11.86 -2.75 25.61
CA ALA D 205 12.03 -2.70 27.05
C ALA D 205 11.00 -1.78 27.68
N ALA D 206 10.56 -0.76 26.94
CA ALA D 206 9.75 0.31 27.52
C ALA D 206 8.74 0.83 26.50
N PRO D 207 7.77 0.00 26.06
CA PRO D 207 6.65 0.49 25.26
C PRO D 207 5.77 1.40 26.12
N LEU D 208 4.77 2.03 25.49
CA LEU D 208 3.82 2.84 26.21
C LEU D 208 3.11 2.00 27.27
N ASP D 209 2.99 0.68 27.02
CA ASP D 209 2.36 -0.25 27.95
C ASP D 209 2.94 -0.06 29.35
N ILE D 210 4.26 0.13 29.43
CA ILE D 210 4.93 0.33 30.71
C ILE D 210 4.96 1.83 31.04
N THR D 211 5.46 2.64 30.11
CA THR D 211 5.84 4.01 30.44
C THR D 211 4.63 4.88 30.81
N HIS D 212 3.42 4.53 30.37
CA HIS D 212 2.24 5.29 30.73
C HIS D 212 1.86 5.10 32.20
N THR D 213 2.49 4.11 32.86
CA THR D 213 2.31 3.83 34.28
C THR D 213 3.46 4.44 35.11
N VAL D 214 4.35 5.21 34.47
CA VAL D 214 5.55 5.73 35.13
C VAL D 214 5.48 7.25 35.07
N LEU D 215 4.70 7.83 35.98
CA LEU D 215 4.31 9.24 35.90
C LEU D 215 5.12 10.08 36.90
N VAL D 216 5.44 11.31 36.50
CA VAL D 216 6.07 12.28 37.37
C VAL D 216 4.97 12.92 38.21
N THR D 217 4.62 12.25 39.32
CA THR D 217 3.61 12.73 40.26
C THR D 217 4.21 13.82 41.15
N GLU D 218 3.37 14.38 42.03
CA GLU D 218 3.83 15.37 43.00
C GLU D 218 4.73 14.70 44.04
N LYS D 219 4.44 13.45 44.39
CA LYS D 219 5.25 12.71 45.34
C LYS D 219 6.67 12.56 44.81
N VAL D 220 6.78 12.27 43.51
CA VAL D 220 8.06 12.13 42.85
C VAL D 220 8.82 13.46 42.90
N ILE D 221 8.12 14.59 42.70
CA ILE D 221 8.76 15.91 42.71
C ILE D 221 9.35 16.20 44.09
N ASN D 222 8.64 15.83 45.17
CA ASN D 222 9.07 16.13 46.52
C ASN D 222 10.26 15.25 46.91
N ASP D 223 10.30 14.02 46.39
CA ASP D 223 11.40 13.11 46.67
C ASP D 223 12.66 13.58 45.95
N ILE D 224 12.51 14.20 44.77
CA ILE D 224 13.62 14.81 44.06
C ILE D 224 14.19 15.95 44.89
N LYS D 225 13.32 16.85 45.39
CA LYS D 225 13.76 17.98 46.20
C LYS D 225 14.50 17.45 47.43
N ALA D 226 13.92 16.42 48.09
CA ALA D 226 14.49 15.84 49.29
C ALA D 226 15.91 15.32 49.04
N ALA D 227 16.17 14.78 47.84
CA ALA D 227 17.43 14.14 47.54
C ALA D 227 18.46 15.14 46.99
N THR D 228 18.01 16.30 46.50
CA THR D 228 18.90 17.19 45.75
C THR D 228 19.06 18.55 46.41
N GLU D 229 18.00 19.11 47.00
CA GLU D 229 18.05 20.45 47.57
C GLU D 229 19.24 20.58 48.53
N PRO D 230 19.44 19.64 49.49
CA PRO D 230 20.54 19.75 50.45
C PRO D 230 21.94 19.88 49.86
N TYR D 231 22.11 19.50 48.58
CA TYR D 231 23.42 19.49 47.96
C TYR D 231 23.55 20.58 46.90
N SER D 232 22.48 20.85 46.15
CA SER D 232 22.60 21.76 45.01
C SER D 232 21.24 22.37 44.68
N PRO D 233 20.86 23.50 45.33
CA PRO D 233 19.57 24.13 45.10
C PRO D 233 19.32 24.47 43.62
N LYS D 234 20.38 24.91 42.92
CA LYS D 234 20.23 25.31 41.53
C LYS D 234 19.88 24.09 40.65
N PHE D 235 20.52 22.94 40.92
CA PHE D 235 20.24 21.74 40.17
C PHE D 235 18.79 21.31 40.40
N THR D 236 18.31 21.49 41.64
CA THR D 236 16.94 21.23 42.00
C THR D 236 16.02 22.10 41.16
N GLU D 237 16.37 23.39 41.05
CA GLU D 237 15.55 24.33 40.31
C GLU D 237 15.46 23.86 38.85
N MET D 238 16.62 23.50 38.29
CA MET D 238 16.75 23.17 36.88
C MET D 238 15.95 21.91 36.55
N ILE D 239 16.17 20.84 37.33
CA ILE D 239 15.57 19.56 37.03
C ILE D 239 14.05 19.68 37.20
N ILE D 240 13.60 20.46 38.18
CA ILE D 240 12.18 20.58 38.47
C ILE D 240 11.49 21.37 37.35
N LYS D 241 12.10 22.48 36.94
CA LYS D 241 11.51 23.31 35.90
C LYS D 241 11.41 22.51 34.58
N LEU D 242 12.41 21.65 34.36
CA LEU D 242 12.47 20.81 33.17
C LEU D 242 11.33 19.79 33.17
N LEU D 243 11.08 19.16 34.32
CA LEU D 243 10.00 18.18 34.43
C LEU D 243 8.65 18.89 34.46
N PHE D 244 8.62 20.17 34.87
CA PHE D 244 7.39 20.97 34.88
C PHE D 244 7.01 21.44 33.47
N PHE D 245 8.00 21.88 32.67
CA PHE D 245 7.75 22.21 31.28
C PHE D 245 7.12 21.01 30.57
N PHE D 246 7.72 19.84 30.83
CA PHE D 246 7.32 18.55 30.32
C PHE D 246 5.91 18.17 30.84
N LYS D 247 5.55 18.69 32.03
CA LYS D 247 4.25 18.45 32.65
C LYS D 247 3.16 19.29 31.97
N ASP D 248 3.45 20.57 31.76
CA ASP D 248 2.48 21.52 31.21
C ASP D 248 2.08 21.08 29.80
N THR D 249 3.07 20.64 29.02
CA THR D 249 2.88 20.28 27.63
C THR D 249 2.08 18.98 27.51
N TYR D 250 2.41 17.98 28.34
CA TYR D 250 1.68 16.71 28.34
C TYR D 250 0.23 16.89 28.77
N ARG D 251 -0.03 17.85 29.68
CA ARG D 251 -1.40 18.16 30.07
C ARG D 251 -2.09 18.83 28.87
N ASP D 252 -1.39 19.80 28.27
CA ASP D 252 -1.93 20.58 27.15
C ASP D 252 -2.32 19.64 25.99
N VAL D 253 -1.45 18.69 25.65
CA VAL D 253 -1.57 17.98 24.38
C VAL D 253 -2.34 16.67 24.55
N PHE D 254 -2.16 15.97 25.69
CA PHE D 254 -2.75 14.65 25.88
C PHE D 254 -3.67 14.56 27.10
N GLY D 255 -3.80 15.65 27.87
CA GLY D 255 -4.68 15.67 29.03
C GLY D 255 -4.25 14.68 30.12
N PHE D 256 -2.94 14.41 30.21
CA PHE D 256 -2.38 13.68 31.33
C PHE D 256 -2.25 14.66 32.48
N ILE D 257 -2.66 14.26 33.69
CA ILE D 257 -2.43 15.09 34.88
C ILE D 257 -0.92 15.10 35.17
N ASP D 258 -0.32 13.91 35.24
CA ASP D 258 1.10 13.77 35.47
C ASP D 258 1.75 13.13 34.24
N PRO D 259 2.85 13.70 33.71
CA PRO D 259 3.44 13.20 32.47
C PRO D 259 4.23 11.92 32.67
N PRO D 260 4.23 10.99 31.70
CA PRO D 260 5.05 9.78 31.78
C PRO D 260 6.51 10.13 31.52
N LEU D 261 7.41 9.41 32.19
CA LEU D 261 8.84 9.56 31.97
C LEU D 261 9.31 8.29 31.27
N HIS D 262 9.50 8.39 29.95
CA HIS D 262 9.54 7.22 29.09
C HIS D 262 10.94 6.62 29.04
N ASP D 263 11.90 7.42 28.59
CA ASP D 263 13.17 6.94 28.09
C ASP D 263 14.03 6.28 29.18
N PRO D 264 14.10 6.80 30.43
CA PRO D 264 14.93 6.17 31.46
C PRO D 264 14.58 4.71 31.75
N VAL D 265 13.32 4.33 31.48
CA VAL D 265 12.86 2.98 31.75
C VAL D 265 13.63 1.99 30.89
N ALA D 266 14.01 2.43 29.68
CA ALA D 266 14.82 1.63 28.78
C ALA D 266 16.20 1.37 29.40
N ALA D 267 16.83 2.42 29.90
CA ALA D 267 18.11 2.31 30.56
C ALA D 267 17.96 1.48 31.83
N PHE D 268 16.82 1.65 32.52
CA PHE D 268 16.56 0.89 33.72
C PHE D 268 16.57 -0.60 33.41
N HIS D 269 16.11 -0.97 32.21
CA HIS D 269 16.01 -2.38 31.82
C HIS D 269 17.40 -3.00 31.76
N LEU D 270 18.36 -2.23 31.26
CA LEU D 270 19.71 -2.73 31.14
C LEU D 270 20.36 -2.80 32.52
N ILE D 271 20.10 -1.80 33.37
CA ILE D 271 20.58 -1.78 34.74
C ILE D 271 20.02 -2.96 35.52
N ALA D 272 18.70 -3.20 35.39
CA ALA D 272 17.99 -4.05 36.34
C ALA D 272 16.87 -4.81 35.64
N PRO D 273 17.18 -5.78 34.74
CA PRO D 273 16.15 -6.46 33.97
C PRO D 273 15.18 -7.33 34.78
N GLU D 274 15.56 -7.67 36.01
CA GLU D 274 14.77 -8.54 36.89
C GLU D 274 13.40 -7.93 37.22
N TRP D 275 13.25 -6.60 37.10
CA TRP D 275 12.01 -5.92 37.42
C TRP D 275 11.01 -5.92 36.26
N PHE D 276 11.36 -6.53 35.11
CA PHE D 276 10.52 -6.49 33.93
C PHE D 276 9.96 -7.87 33.61
N GLU D 277 8.68 -7.92 33.26
CA GLU D 277 8.11 -9.05 32.54
C GLU D 277 8.70 -9.05 31.14
N HIS D 278 8.78 -10.23 30.53
CA HIS D 278 9.41 -10.36 29.22
C HIS D 278 8.77 -11.55 28.48
N VAL D 279 8.56 -11.39 27.18
CA VAL D 279 8.08 -12.46 26.33
C VAL D 279 8.73 -12.32 24.96
N ARG D 280 9.06 -13.45 24.33
CA ARG D 280 9.58 -13.50 22.98
C ARG D 280 8.39 -13.64 22.03
N CYS D 281 8.48 -13.01 20.86
CA CYS D 281 7.42 -13.08 19.87
C CYS D 281 7.91 -12.55 18.53
N HIS D 282 7.06 -12.67 17.50
CA HIS D 282 7.29 -12.04 16.21
C HIS D 282 6.58 -10.69 16.17
N VAL D 283 7.35 -9.62 15.97
CA VAL D 283 6.81 -8.29 15.80
C VAL D 283 6.90 -7.92 14.32
N ASP D 284 5.75 -7.56 13.74
CA ASP D 284 5.70 -6.92 12.44
C ASP D 284 5.48 -5.43 12.64
N ILE D 285 6.24 -4.63 11.90
CA ILE D 285 6.09 -3.19 11.90
C ILE D 285 5.30 -2.77 10.67
N GLU D 286 4.23 -2.03 10.86
CA GLU D 286 3.45 -1.59 9.71
C GLU D 286 4.24 -0.50 9.00
N THR D 287 4.53 -0.73 7.71
CA THR D 287 5.18 0.26 6.86
C THR D 287 4.27 0.69 5.71
N LYS D 288 3.26 -0.10 5.38
CA LYS D 288 2.42 0.12 4.20
C LYS D 288 1.17 0.92 4.54
N GLY D 289 0.73 0.89 5.80
CA GLY D 289 -0.53 1.54 6.18
C GLY D 289 -0.49 3.05 6.00
N GLU D 290 -1.61 3.61 5.51
CA GLU D 290 -1.74 5.04 5.32
C GLU D 290 -1.83 5.78 6.66
N TYR D 291 -2.53 5.18 7.62
CA TYR D 291 -2.84 5.85 8.89
C TYR D 291 -2.27 5.08 10.08
N THR D 292 -1.58 3.97 9.80
CA THR D 292 -1.18 3.02 10.83
C THR D 292 0.30 2.65 10.75
N TYR D 293 1.07 3.35 9.90
CA TYR D 293 2.49 3.08 9.82
C TYR D 293 3.11 3.24 11.20
N GLY D 294 4.00 2.31 11.54
CA GLY D 294 4.67 2.33 12.83
C GLY D 294 3.97 1.49 13.89
N CYS D 295 2.82 0.89 13.56
CA CYS D 295 2.16 -0.02 14.48
C CYS D 295 3.03 -1.25 14.73
N CYS D 296 3.13 -1.64 16.00
CA CYS D 296 3.84 -2.85 16.40
C CYS D 296 2.86 -4.00 16.57
N CYS D 297 2.79 -4.88 15.57
CA CYS D 297 1.78 -5.93 15.52
C CYS D 297 2.40 -7.27 15.88
N THR D 298 1.80 -7.96 16.85
CA THR D 298 2.42 -9.17 17.37
C THR D 298 1.48 -10.37 17.31
N ASN D 299 2.13 -11.54 17.33
CA ASN D 299 1.48 -12.84 17.24
C ASN D 299 1.12 -13.38 18.62
N LEU D 300 0.98 -12.50 19.63
CA LEU D 300 0.77 -12.89 21.02
C LEU D 300 -0.60 -13.56 21.20
N LYS D 312 5.58 -17.70 12.10
CA LYS D 312 6.70 -16.74 11.86
C LYS D 312 7.65 -16.82 13.06
N PRO D 313 8.98 -16.95 12.86
CA PRO D 313 9.90 -17.03 14.01
C PRO D 313 9.95 -15.75 14.84
N ASP D 314 10.29 -15.93 16.13
CA ASP D 314 10.47 -14.83 17.06
C ASP D 314 11.58 -13.92 16.54
N ASN D 315 11.38 -12.60 16.65
CA ASN D 315 12.41 -11.65 16.27
C ASN D 315 12.59 -10.58 17.33
N ALA D 316 12.03 -10.74 18.53
CA ALA D 316 12.10 -9.68 19.53
C ALA D 316 11.63 -10.18 20.89
N THR D 317 12.07 -9.47 21.92
CA THR D 317 11.51 -9.57 23.25
C THR D 317 10.66 -8.34 23.51
N VAL D 318 9.49 -8.55 24.13
CA VAL D 318 8.60 -7.47 24.48
C VAL D 318 8.42 -7.49 25.99
N CYS D 319 8.56 -6.32 26.62
CA CYS D 319 8.29 -6.17 28.04
C CYS D 319 6.99 -5.39 28.20
N LEU D 320 5.94 -6.08 28.65
CA LEU D 320 4.60 -5.51 28.70
C LEU D 320 4.31 -4.84 30.04
N LYS D 321 5.04 -5.22 31.09
CA LYS D 321 4.71 -4.79 32.43
C LYS D 321 5.96 -4.85 33.29
N LEU D 322 6.03 -3.98 34.30
CA LEU D 322 6.97 -4.14 35.41
C LEU D 322 6.38 -5.13 36.39
N LYS D 323 7.22 -5.96 37.01
CA LYS D 323 6.80 -6.75 38.15
C LYS D 323 6.43 -5.79 39.28
N GLU D 324 5.52 -6.22 40.17
CA GLU D 324 5.22 -5.43 41.35
C GLU D 324 6.49 -5.24 42.16
N GLY D 325 6.73 -3.98 42.57
CA GLY D 325 8.01 -3.55 43.10
C GLY D 325 8.81 -2.75 42.07
N GLY D 326 8.56 -3.01 40.78
CA GLY D 326 9.33 -2.44 39.70
C GLY D 326 9.28 -0.92 39.66
N HIS D 327 8.09 -0.32 39.86
CA HIS D 327 7.97 1.13 39.84
C HIS D 327 8.85 1.77 40.92
N ASP D 328 8.86 1.18 42.13
CA ASP D 328 9.59 1.75 43.25
C ASP D 328 11.08 1.60 43.00
N ALA D 329 11.49 0.42 42.52
CA ALA D 329 12.87 0.19 42.15
C ALA D 329 13.31 1.21 41.10
N PHE D 330 12.45 1.53 40.14
CA PHE D 330 12.80 2.49 39.11
C PHE D 330 13.03 3.89 39.72
N TRP D 331 12.07 4.36 40.51
CA TRP D 331 12.17 5.69 41.11
C TRP D 331 13.35 5.78 42.09
N ASN D 332 13.60 4.71 42.86
CA ASN D 332 14.73 4.71 43.77
C ASN D 332 16.01 4.96 42.99
N GLN D 333 16.19 4.18 41.91
CA GLN D 333 17.36 4.28 41.06
C GLN D 333 17.49 5.72 40.56
N MET D 334 16.36 6.28 40.15
CA MET D 334 16.34 7.56 39.47
C MET D 334 16.62 8.71 40.45
N ILE D 335 16.06 8.61 41.66
CA ILE D 335 16.22 9.64 42.67
C ILE D 335 17.66 9.63 43.19
N THR D 336 18.22 8.43 43.33
CA THR D 336 19.59 8.26 43.77
C THR D 336 20.55 8.96 42.82
N VAL D 337 20.41 8.70 41.52
CA VAL D 337 21.27 9.33 40.54
C VAL D 337 21.13 10.85 40.62
N TRP D 338 19.90 11.35 40.73
CA TRP D 338 19.70 12.79 40.84
C TRP D 338 20.37 13.35 42.09
N GLY D 339 20.36 12.56 43.18
CA GLY D 339 21.08 12.89 44.39
C GLY D 339 22.60 13.01 44.16
N GLU D 340 23.19 12.01 43.49
CA GLU D 340 24.62 11.95 43.26
C GLU D 340 25.06 13.13 42.39
N ILE D 341 24.24 13.50 41.40
CA ILE D 341 24.57 14.60 40.52
C ILE D 341 24.56 15.90 41.31
N ALA D 342 23.61 16.03 42.24
CA ALA D 342 23.52 17.20 43.10
C ALA D 342 24.78 17.33 43.95
N LYS D 343 25.28 16.22 44.50
CA LYS D 343 26.51 16.24 45.28
C LYS D 343 27.65 16.81 44.45
N GLU D 344 27.78 16.35 43.21
CA GLU D 344 28.90 16.73 42.36
C GLU D 344 28.80 18.20 41.95
N ILE D 345 27.59 18.63 41.58
CA ILE D 345 27.38 20.00 41.17
C ILE D 345 27.63 20.94 42.35
N GLY D 346 27.19 20.53 43.54
CA GLY D 346 27.50 21.29 44.75
C GLY D 346 26.69 22.58 44.86
N LYS D 347 27.06 23.35 45.88
CA LYS D 347 26.17 24.30 46.54
C LYS D 347 26.34 25.67 45.89
CA CA E . -15.25 1.27 -24.26
C1 GOL F . -9.47 2.76 -24.66
O1 GOL F . -8.78 2.16 -23.57
C2 GOL F . -10.97 2.62 -24.54
O2 GOL F . -11.61 3.13 -25.71
C3 GOL F . -11.43 1.20 -24.30
O3 GOL F . -12.85 1.06 -24.40
CA CA G . -21.72 -10.18 15.37
C1 GOL H . -16.90 -8.41 18.17
O1 GOL H . -15.60 -8.17 17.64
C2 GOL H . -17.77 -9.15 17.18
O2 GOL H . -17.30 -10.50 17.03
C3 GOL H . -19.24 -9.16 17.56
O3 GOL H . -20.06 -8.79 16.46
CA CA I . 24.61 -1.78 -14.98
C1 GOL J . 19.67 -2.91 -17.74
O1 GOL J . 18.37 -2.35 -17.81
C2 GOL J . 20.63 -1.95 -17.10
O2 GOL J . 20.41 -1.83 -15.70
C3 GOL J . 22.08 -2.30 -17.31
O3 GOL J . 22.90 -1.36 -16.61
CA CA K . 13.10 10.33 23.20
C1 GOL L . 7.28 8.98 23.58
O1 GOL L . 6.50 8.35 22.56
C2 GOL L . 8.76 8.95 23.24
O2 GOL L . 9.05 9.94 22.25
C3 GOL L . 9.65 9.14 24.43
O3 GOL L . 10.98 9.41 24.02
#